data_9NJR
#
_entry.id   9NJR
#
_cell.length_a   1.00
_cell.length_b   1.00
_cell.length_c   1.00
_cell.angle_alpha   90.00
_cell.angle_beta   90.00
_cell.angle_gamma   90.00
#
_symmetry.space_group_name_H-M   'P 1'
#
loop_
_entity.id
_entity.type
_entity.pdbx_description
1 polymer 'Meiotic recombination protein DMC1'
2 non-polymer "ADENOSINE-5'-DIPHOSPHATE"
3 non-polymer 'MAGNESIUM ION'
#
_entity_poly.entity_id   1
_entity_poly.type   'polypeptide(L)'
_entity_poly.pdbx_seq_one_letter_code
;MSVTGTEIDSDTAKNILSVDELQNYGINASDLQKLKSGGIYTVNTVLSTTRRHLCKIKGLSEVKVEKIKEAAGKIIQVGF
IPATVQLDIRQRVYSLSTGSKQLDSILGGGIMTMSITEVFGEFRCGKTQMSHTLCVTTQLPREMGGGEGKVAYIDTEGTF
RPERIKQIAEGYELDPESCLANVSYARALNSEHQMELVEQLGEELSSGDYRLIVVDSIMANFRVDYCGRGELSERQQKLN
QHLFKLNRLAEEFNVAVFLTNQVQSDPGASALFASADGRKPIGGHVLAHASATRILLRKGRGDERVAKLQDSPDMPEKEC
VYVIGEKGITDSSD
;
_entity_poly.pdbx_strand_id   A,B,C,D,E,F
#
# COMPACT_ATOMS: atom_id res chain seq x y z
N ILE A 16 1.83 -23.88 78.44
CA ILE A 16 0.43 -24.09 78.09
C ILE A 16 -0.16 -25.21 78.95
N LEU A 17 -1.37 -24.97 79.47
CA LEU A 17 -2.07 -25.94 80.29
C LEU A 17 -3.49 -26.09 79.77
N SER A 18 -3.91 -27.34 79.54
CA SER A 18 -5.26 -27.60 79.07
C SER A 18 -6.24 -27.63 80.24
N VAL A 19 -7.53 -27.74 79.91
CA VAL A 19 -8.58 -27.73 80.92
C VAL A 19 -8.55 -28.95 81.82
N ASP A 20 -7.77 -29.97 81.47
CA ASP A 20 -7.70 -31.17 82.31
C ASP A 20 -7.16 -30.83 83.70
N GLU A 21 -6.14 -29.96 83.76
CA GLU A 21 -5.61 -29.52 85.05
C GLU A 21 -6.66 -28.78 85.87
N LEU A 22 -7.73 -28.29 85.24
CA LEU A 22 -8.81 -27.65 85.96
C LEU A 22 -9.60 -28.64 86.82
N GLN A 23 -9.50 -29.94 86.51
CA GLN A 23 -10.35 -30.93 87.19
C GLN A 23 -10.11 -30.95 88.69
N ASN A 24 -8.85 -30.75 89.11
CA ASN A 24 -8.55 -30.76 90.55
C ASN A 24 -9.19 -29.60 91.28
N TYR A 25 -9.61 -28.55 90.57
CA TYR A 25 -10.25 -27.41 91.19
C TYR A 25 -11.65 -27.72 91.70
N GLY A 26 -12.21 -28.88 91.36
CA GLY A 26 -13.52 -29.25 91.83
C GLY A 26 -14.52 -29.50 90.72
N ILE A 27 -14.03 -29.55 89.48
CA ILE A 27 -14.88 -29.72 88.32
C ILE A 27 -14.91 -31.19 87.94
N ASN A 28 -16.11 -31.72 87.72
CA ASN A 28 -16.27 -33.09 87.27
C ASN A 28 -15.83 -33.22 85.81
N ALA A 29 -15.72 -34.46 85.35
CA ALA A 29 -15.40 -34.74 83.96
C ALA A 29 -16.63 -34.79 83.06
N SER A 30 -17.83 -34.62 83.62
CA SER A 30 -19.06 -34.72 82.84
C SER A 30 -19.32 -33.49 81.98
N ASP A 31 -18.71 -32.36 82.30
CA ASP A 31 -18.92 -31.14 81.54
C ASP A 31 -17.75 -30.78 80.63
N LEU A 32 -16.62 -31.46 80.77
CA LEU A 32 -15.44 -31.12 79.97
C LEU A 32 -15.69 -31.38 78.49
N GLN A 33 -16.37 -32.47 78.16
CA GLN A 33 -16.55 -32.83 76.76
C GLN A 33 -17.41 -31.81 76.02
N LYS A 34 -18.47 -31.30 76.66
CA LYS A 34 -19.36 -30.38 75.97
C LYS A 34 -18.73 -29.00 75.81
N LEU A 35 -17.96 -28.55 76.80
CA LEU A 35 -17.24 -27.29 76.64
C LEU A 35 -16.13 -27.44 75.61
N LYS A 36 -15.50 -28.61 75.54
CA LYS A 36 -14.52 -28.85 74.48
C LYS A 36 -15.18 -28.82 73.12
N SER A 37 -16.40 -29.36 73.01
CA SER A 37 -17.16 -29.25 71.77
C SER A 37 -17.50 -27.81 71.44
N GLY A 38 -17.48 -26.93 72.44
CA GLY A 38 -17.73 -25.51 72.23
C GLY A 38 -16.52 -24.71 71.82
N GLY A 39 -15.37 -25.36 71.62
CA GLY A 39 -14.17 -24.68 71.20
C GLY A 39 -13.25 -24.22 72.31
N ILE A 40 -13.45 -24.72 73.54
CA ILE A 40 -12.62 -24.35 74.68
C ILE A 40 -11.86 -25.59 75.11
N TYR A 41 -10.52 -25.51 75.04
CA TYR A 41 -9.68 -26.65 75.40
C TYR A 41 -8.58 -26.32 76.38
N THR A 42 -8.40 -25.03 76.69
CA THR A 42 -7.31 -24.61 77.61
C THR A 42 -7.81 -23.51 78.55
N VAL A 43 -7.20 -23.40 79.73
CA VAL A 43 -7.61 -22.40 80.71
C VAL A 43 -7.53 -21.00 80.11
N ASN A 44 -6.59 -20.78 79.18
CA ASN A 44 -6.48 -19.48 78.53
C ASN A 44 -7.75 -19.16 77.75
N THR A 45 -8.30 -20.16 77.04
CA THR A 45 -9.57 -19.95 76.35
C THR A 45 -10.71 -19.74 77.33
N VAL A 46 -10.64 -20.35 78.51
CA VAL A 46 -11.66 -20.11 79.53
C VAL A 46 -11.64 -18.65 79.96
N LEU A 47 -10.45 -18.14 80.28
CA LEU A 47 -10.34 -16.74 80.71
C LEU A 47 -10.72 -15.78 79.60
N SER A 48 -10.29 -16.06 78.37
CA SER A 48 -10.58 -15.15 77.28
C SER A 48 -12.07 -15.07 76.98
N THR A 49 -12.76 -16.20 77.03
CA THR A 49 -14.18 -16.22 76.70
C THR A 49 -15.01 -15.58 77.80
N THR A 50 -16.17 -15.06 77.42
CA THR A 50 -17.08 -14.38 78.33
C THR A 50 -18.16 -15.34 78.83
N ARG A 51 -18.91 -14.89 79.84
CA ARG A 51 -19.98 -15.69 80.39
C ARG A 51 -21.07 -15.96 79.36
N ARG A 52 -21.43 -14.94 78.57
CA ARG A 52 -22.51 -15.08 77.60
C ARG A 52 -22.18 -16.13 76.54
N HIS A 53 -20.95 -16.12 76.04
CA HIS A 53 -20.56 -17.08 75.00
C HIS A 53 -20.55 -18.50 75.55
N LEU A 54 -20.17 -18.68 76.82
CA LEU A 54 -20.33 -19.98 77.46
C LEU A 54 -21.80 -20.34 77.60
N CYS A 55 -22.67 -19.35 77.83
CA CYS A 55 -24.10 -19.62 77.94
C CYS A 55 -24.66 -20.12 76.61
N LYS A 56 -24.22 -19.55 75.49
CA LYS A 56 -24.70 -20.03 74.20
C LYS A 56 -24.30 -21.47 73.92
N ILE A 57 -23.29 -21.99 74.62
CA ILE A 57 -22.89 -23.38 74.41
C ILE A 57 -23.96 -24.30 75.00
N LYS A 58 -24.42 -25.25 74.19
CA LYS A 58 -25.48 -26.15 74.61
C LYS A 58 -25.00 -27.06 75.73
N GLY A 59 -25.86 -27.29 76.72
CA GLY A 59 -25.56 -28.14 77.83
C GLY A 59 -24.91 -27.45 79.02
N LEU A 60 -24.37 -26.25 78.82
CA LEU A 60 -23.72 -25.49 79.88
C LEU A 60 -24.73 -24.50 80.45
N SER A 61 -25.22 -24.76 81.66
CA SER A 61 -26.11 -23.84 82.31
C SER A 61 -25.33 -22.64 82.85
N GLU A 62 -26.07 -21.58 83.20
CA GLU A 62 -25.44 -20.36 83.70
C GLU A 62 -24.66 -20.64 84.98
N VAL A 63 -25.20 -21.51 85.84
CA VAL A 63 -24.48 -21.89 87.05
C VAL A 63 -23.16 -22.57 86.68
N LYS A 64 -23.20 -23.49 85.72
CA LYS A 64 -21.97 -24.10 85.24
C LYS A 64 -21.05 -23.07 84.61
N VAL A 65 -21.63 -22.12 83.87
CA VAL A 65 -20.83 -21.10 83.19
C VAL A 65 -20.03 -20.29 84.21
N GLU A 66 -20.69 -19.84 85.27
CA GLU A 66 -19.98 -19.06 86.29
C GLU A 66 -19.02 -19.92 87.10
N LYS A 67 -19.41 -21.17 87.38
CA LYS A 67 -18.56 -22.05 88.17
C LYS A 67 -17.24 -22.34 87.47
N ILE A 68 -17.30 -22.63 86.16
CA ILE A 68 -16.09 -22.97 85.43
C ILE A 68 -15.11 -21.80 85.44
N LYS A 69 -15.61 -20.59 85.16
CA LYS A 69 -14.73 -19.43 85.11
C LYS A 69 -14.18 -19.07 86.48
N GLU A 70 -15.02 -19.13 87.51
CA GLU A 70 -14.53 -18.79 88.85
C GLU A 70 -13.54 -19.82 89.36
N ALA A 71 -13.66 -21.08 88.92
CA ALA A 71 -12.67 -22.08 89.30
C ALA A 71 -11.37 -21.90 88.54
N ALA A 72 -11.45 -21.57 87.26
CA ALA A 72 -10.25 -21.43 86.44
C ALA A 72 -9.52 -20.12 86.69
N GLY A 73 -10.19 -19.11 87.23
CA GLY A 73 -9.56 -17.82 87.40
C GLY A 73 -8.64 -17.66 88.58
N LYS A 74 -8.52 -18.67 89.43
CA LYS A 74 -7.62 -18.59 90.58
C LYS A 74 -6.19 -18.96 90.24
N ILE A 75 -5.87 -19.14 88.95
CA ILE A 75 -4.51 -19.41 88.53
C ILE A 75 -3.85 -18.20 87.86
N ILE A 76 -4.62 -17.31 87.25
CA ILE A 76 -4.09 -16.13 86.58
C ILE A 76 -4.94 -14.92 86.97
N GLN A 77 -4.29 -13.80 87.25
CA GLN A 77 -4.96 -12.58 87.67
C GLN A 77 -5.27 -11.68 86.48
N VAL A 78 -6.15 -10.71 86.73
CA VAL A 78 -6.52 -9.70 85.74
C VAL A 78 -6.49 -8.33 86.43
N GLY A 79 -5.72 -7.40 85.87
CA GLY A 79 -5.63 -6.07 86.41
C GLY A 79 -4.58 -5.27 85.66
N PHE A 80 -4.41 -4.02 86.10
CA PHE A 80 -3.38 -3.16 85.50
C PHE A 80 -2.00 -3.75 85.74
N ILE A 81 -1.18 -3.78 84.69
CA ILE A 81 0.05 -4.55 84.66
C ILE A 81 1.25 -3.65 84.43
N PRO A 82 2.05 -3.36 85.44
CA PRO A 82 3.41 -2.84 85.18
C PRO A 82 4.26 -3.90 84.50
N ALA A 83 5.23 -3.45 83.70
CA ALA A 83 6.01 -4.32 82.83
C ALA A 83 7.12 -5.05 83.57
N THR A 84 7.03 -5.17 84.90
CA THR A 84 8.10 -5.81 85.66
C THR A 84 8.28 -7.27 85.27
N VAL A 85 7.18 -8.01 85.14
CA VAL A 85 7.28 -9.45 84.92
C VAL A 85 6.99 -9.81 83.47
N GLN A 86 6.19 -8.99 82.78
CA GLN A 86 5.78 -9.32 81.41
C GLN A 86 6.97 -9.48 80.47
N LEU A 87 8.07 -8.77 80.72
CA LEU A 87 9.26 -8.94 79.89
C LEU A 87 9.73 -10.38 79.88
N ASP A 88 9.64 -11.07 81.02
CA ASP A 88 9.96 -12.48 81.07
C ASP A 88 9.00 -13.29 80.21
N ILE A 89 7.71 -12.97 80.28
CA ILE A 89 6.74 -13.64 79.42
C ILE A 89 6.90 -13.21 77.97
N ARG A 90 7.37 -11.98 77.75
CA ARG A 90 7.52 -11.49 76.39
C ARG A 90 8.68 -12.18 75.67
N GLN A 91 9.73 -12.54 76.39
CA GLN A 91 10.85 -13.24 75.77
C GLN A 91 10.50 -14.66 75.36
N ARG A 92 9.34 -15.17 75.79
CA ARG A 92 8.86 -16.47 75.33
C ARG A 92 8.39 -16.42 73.88
N VAL A 93 8.27 -15.23 73.31
CA VAL A 93 7.88 -15.09 71.91
C VAL A 93 8.99 -15.63 71.03
N TYR A 94 8.64 -16.46 70.06
CA TYR A 94 9.62 -16.99 69.13
C TYR A 94 9.75 -16.09 67.90
N SER A 95 10.88 -16.23 67.23
CA SER A 95 11.22 -15.46 66.04
C SER A 95 11.40 -16.43 64.89
N LEU A 96 10.36 -16.61 64.09
CA LEU A 96 10.40 -17.57 63.00
C LEU A 96 11.07 -16.96 61.79
N SER A 97 12.26 -17.45 61.45
CA SER A 97 13.02 -16.89 60.34
C SER A 97 12.30 -17.11 59.02
N THR A 98 12.26 -16.07 58.19
CA THR A 98 11.70 -16.20 56.86
C THR A 98 12.63 -16.95 55.92
N GLY A 99 13.93 -16.99 56.24
CA GLY A 99 14.94 -17.55 55.37
C GLY A 99 15.88 -16.50 54.80
N SER A 100 15.46 -15.25 54.74
CA SER A 100 16.29 -14.13 54.30
C SER A 100 16.76 -13.37 55.52
N LYS A 101 18.08 -13.20 55.64
CA LYS A 101 18.63 -12.46 56.78
C LYS A 101 18.16 -11.02 56.77
N GLN A 102 18.12 -10.38 55.59
CA GLN A 102 17.64 -9.01 55.50
C GLN A 102 16.16 -8.91 55.89
N LEU A 103 15.34 -9.83 55.37
CA LEU A 103 13.92 -9.78 55.65
C LEU A 103 13.63 -10.04 57.12
N ASP A 104 14.37 -10.96 57.74
CA ASP A 104 14.25 -11.13 59.19
C ASP A 104 14.70 -9.88 59.93
N SER A 105 15.76 -9.24 59.44
CA SER A 105 16.30 -8.06 60.11
C SER A 105 15.28 -6.92 60.14
N ILE A 106 14.63 -6.64 59.00
CA ILE A 106 13.63 -5.58 59.00
C ILE A 106 12.40 -6.01 59.78
N LEU A 107 12.16 -7.32 59.89
CA LEU A 107 11.06 -7.83 60.70
C LEU A 107 11.46 -8.05 62.15
N GLY A 108 12.71 -7.79 62.51
CA GLY A 108 13.16 -7.99 63.88
C GLY A 108 13.61 -9.39 64.21
N GLY A 109 14.08 -10.14 63.21
CA GLY A 109 14.53 -11.51 63.42
C GLY A 109 13.65 -12.56 62.76
N GLY A 110 12.53 -12.20 62.16
CA GLY A 110 11.66 -13.13 61.50
C GLY A 110 10.21 -12.89 61.86
N ILE A 111 9.37 -13.85 61.48
CA ILE A 111 7.94 -13.77 61.75
C ILE A 111 7.72 -13.88 63.25
N MET A 112 6.94 -12.95 63.81
CA MET A 112 6.67 -12.94 65.24
C MET A 112 5.47 -13.79 65.57
N THR A 113 5.53 -14.49 66.70
CA THR A 113 4.35 -15.18 67.20
C THR A 113 3.46 -14.19 67.95
N MET A 114 2.38 -14.71 68.54
CA MET A 114 1.42 -13.91 69.28
C MET A 114 0.76 -12.83 68.42
N SER A 115 0.85 -12.96 67.10
CA SER A 115 0.30 -11.94 66.21
C SER A 115 0.09 -12.54 64.83
N ILE A 116 -0.66 -11.81 64.01
CA ILE A 116 -0.99 -12.23 62.65
C ILE A 116 -0.12 -11.43 61.69
N THR A 117 0.69 -12.12 60.91
CA THR A 117 1.46 -11.52 59.83
C THR A 117 0.75 -11.78 58.51
N GLU A 118 0.64 -10.73 57.70
CA GLU A 118 -0.02 -10.82 56.40
C GLU A 118 0.92 -10.32 55.32
N VAL A 119 1.10 -11.13 54.28
CA VAL A 119 1.84 -10.70 53.10
C VAL A 119 0.87 -10.69 51.94
N PHE A 120 0.98 -9.66 51.10
CA PHE A 120 0.07 -9.53 49.97
C PHE A 120 0.85 -9.11 48.75
N GLY A 121 0.37 -9.54 47.59
CA GLY A 121 1.03 -9.21 46.34
C GLY A 121 0.22 -9.74 45.19
N GLU A 122 0.63 -9.36 43.99
CA GLU A 122 -0.07 -9.79 42.79
C GLU A 122 0.43 -11.18 42.40
N PHE A 123 0.09 -11.63 41.20
CA PHE A 123 0.35 -13.01 40.80
C PHE A 123 1.86 -13.25 40.67
N ARG A 124 2.31 -14.38 41.20
CA ARG A 124 3.72 -14.79 41.14
C ARG A 124 4.63 -13.82 41.90
N CYS A 125 4.26 -13.50 43.15
CA CYS A 125 5.11 -12.68 43.98
C CYS A 125 5.94 -13.49 44.97
N GLY A 126 5.69 -14.78 45.11
CA GLY A 126 6.44 -15.62 46.01
C GLY A 126 5.80 -15.86 47.37
N LYS A 127 4.50 -15.61 47.52
CA LYS A 127 3.85 -15.81 48.81
C LYS A 127 3.76 -17.30 49.16
N THR A 128 3.41 -18.14 48.19
CA THR A 128 3.36 -19.58 48.42
C THR A 128 4.75 -20.12 48.73
N GLN A 129 5.77 -19.64 48.03
CA GLN A 129 7.13 -20.05 48.32
C GLN A 129 7.55 -19.60 49.71
N MET A 130 7.13 -18.40 50.12
CA MET A 130 7.44 -17.93 51.46
C MET A 130 6.77 -18.81 52.51
N SER A 131 5.52 -19.21 52.26
CA SER A 131 4.83 -20.11 53.18
C SER A 131 5.55 -21.45 53.28
N HIS A 132 5.98 -21.99 52.14
CA HIS A 132 6.70 -23.27 52.16
C HIS A 132 8.00 -23.15 52.92
N THR A 133 8.76 -22.07 52.70
CA THR A 133 10.00 -21.88 53.42
C THR A 133 9.76 -21.75 54.92
N LEU A 134 8.72 -21.01 55.30
CA LEU A 134 8.38 -20.84 56.70
C LEU A 134 7.87 -22.12 57.34
N CYS A 135 7.36 -23.05 56.53
CA CYS A 135 7.04 -24.39 57.05
C CYS A 135 8.28 -25.15 57.51
N VAL A 136 9.43 -24.88 56.92
CA VAL A 136 10.66 -25.57 57.24
C VAL A 136 11.48 -24.83 58.30
N THR A 137 11.53 -23.50 58.20
CA THR A 137 12.34 -22.74 59.15
C THR A 137 11.80 -22.85 60.57
N THR A 138 10.51 -23.12 60.72
CA THR A 138 9.96 -23.36 62.04
C THR A 138 10.56 -24.60 62.68
N GLN A 139 10.87 -25.62 61.87
CA GLN A 139 11.43 -26.86 62.40
C GLN A 139 12.75 -26.64 63.12
N LEU A 140 13.48 -25.60 62.73
CA LEU A 140 14.75 -25.31 63.36
C LEU A 140 14.54 -24.95 64.83
N PRO A 141 15.54 -25.20 65.67
CA PRO A 141 15.44 -24.76 67.07
C PRO A 141 15.53 -23.24 67.17
N ARG A 142 15.56 -22.71 68.40
CA ARG A 142 15.79 -21.29 68.58
C ARG A 142 17.25 -20.99 68.24
N GLU A 143 17.65 -19.73 68.45
CA GLU A 143 18.98 -19.21 68.12
C GLU A 143 19.36 -19.50 66.67
N MET A 144 18.37 -19.88 65.86
CA MET A 144 18.56 -20.06 64.42
C MET A 144 17.36 -19.56 63.63
N GLY A 145 16.38 -18.94 64.27
CA GLY A 145 15.20 -18.44 63.60
C GLY A 145 14.03 -19.40 63.53
N GLY A 146 13.98 -20.41 64.41
CA GLY A 146 12.92 -21.38 64.39
C GLY A 146 12.11 -21.38 65.68
N GLY A 147 11.26 -22.39 65.80
CA GLY A 147 10.44 -22.57 66.98
C GLY A 147 10.47 -24.00 67.48
N GLU A 148 11.05 -24.89 66.68
CA GLU A 148 11.15 -26.32 67.01
C GLU A 148 9.78 -26.92 67.28
N GLY A 149 8.88 -26.77 66.32
CA GLY A 149 7.53 -27.24 66.50
C GLY A 149 6.81 -27.46 65.19
N LYS A 150 5.57 -27.88 65.29
CA LYS A 150 4.77 -28.26 64.14
C LYS A 150 4.23 -27.03 63.42
N VAL A 151 3.75 -27.26 62.20
CA VAL A 151 3.21 -26.21 61.34
C VAL A 151 1.83 -26.65 60.84
N ALA A 152 0.87 -25.74 60.91
CA ALA A 152 -0.49 -25.98 60.42
C ALA A 152 -0.70 -25.18 59.14
N TYR A 153 -0.88 -25.90 58.03
CA TYR A 153 -1.03 -25.30 56.71
C TYR A 153 -2.49 -25.39 56.28
N ILE A 154 -3.10 -24.24 56.00
CA ILE A 154 -4.47 -24.18 55.50
C ILE A 154 -4.40 -23.61 54.10
N ASP A 155 -4.73 -24.43 53.11
CA ASP A 155 -4.54 -24.10 51.71
C ASP A 155 -5.88 -23.86 51.04
N THR A 156 -6.02 -22.71 50.40
CA THR A 156 -7.27 -22.33 49.74
C THR A 156 -7.14 -22.22 48.22
N GLU A 157 -5.93 -22.41 47.67
CA GLU A 157 -5.74 -22.36 46.23
C GLU A 157 -5.14 -23.63 45.66
N GLY A 158 -4.81 -24.61 46.48
CA GLY A 158 -4.27 -25.85 45.98
C GLY A 158 -2.84 -25.78 45.49
N THR A 159 -2.04 -24.84 46.01
CA THR A 159 -0.66 -24.65 45.58
C THR A 159 0.34 -25.26 46.55
N PHE A 160 -0.11 -26.02 47.55
CA PHE A 160 0.80 -26.65 48.48
C PHE A 160 1.51 -27.82 47.81
N ARG A 161 2.81 -27.96 48.09
CA ARG A 161 3.62 -29.03 47.52
C ARG A 161 4.52 -29.63 48.59
N PRO A 162 4.23 -30.84 49.06
CA PRO A 162 5.14 -31.49 50.03
C PRO A 162 6.54 -31.68 49.48
N GLU A 163 6.69 -31.87 48.18
CA GLU A 163 8.03 -32.00 47.59
C GLU A 163 8.82 -30.70 47.69
N ARG A 164 8.16 -29.55 47.67
CA ARG A 164 8.86 -28.30 47.92
C ARG A 164 9.40 -28.25 49.35
N ILE A 165 8.63 -28.76 50.31
CA ILE A 165 9.11 -28.87 51.68
C ILE A 165 10.29 -29.82 51.75
N LYS A 166 10.21 -30.93 51.00
CA LYS A 166 11.36 -31.83 50.87
C LYS A 166 12.60 -31.07 50.43
N GLN A 167 12.47 -30.30 49.36
CA GLN A 167 13.61 -29.60 48.80
C GLN A 167 14.17 -28.57 49.78
N ILE A 168 13.30 -27.82 50.44
CA ILE A 168 13.77 -26.78 51.37
C ILE A 168 14.42 -27.41 52.59
N ALA A 169 13.85 -28.49 53.12
CA ALA A 169 14.44 -29.17 54.26
C ALA A 169 15.81 -29.74 53.90
N GLU A 170 15.94 -30.28 52.69
CA GLU A 170 17.26 -30.69 52.21
C GLU A 170 18.20 -29.49 52.12
N GLY A 171 17.66 -28.32 51.77
CA GLY A 171 18.49 -27.13 51.70
C GLY A 171 19.04 -26.70 53.06
N TYR A 172 18.26 -26.89 54.11
CA TYR A 172 18.65 -26.48 55.46
C TYR A 172 19.39 -27.57 56.22
N GLU A 173 19.71 -28.68 55.57
CA GLU A 173 20.37 -29.83 56.20
C GLU A 173 19.51 -30.35 57.35
N LEU A 174 18.33 -30.83 56.97
CA LEU A 174 17.35 -31.34 57.91
C LEU A 174 16.77 -32.64 57.36
N ASP A 175 16.21 -33.44 58.26
CA ASP A 175 15.52 -34.66 57.83
C ASP A 175 14.22 -34.28 57.13
N PRO A 176 14.07 -34.60 55.84
CA PRO A 176 12.87 -34.14 55.14
C PRO A 176 11.61 -34.89 55.53
N GLU A 177 11.71 -36.21 55.76
CA GLU A 177 10.53 -36.97 56.15
C GLU A 177 9.99 -36.50 57.50
N SER A 178 10.89 -36.21 58.45
CA SER A 178 10.44 -35.64 59.71
C SER A 178 9.81 -34.26 59.50
N CYS A 179 10.38 -33.47 58.60
CA CYS A 179 9.82 -32.16 58.32
C CYS A 179 8.40 -32.25 57.80
N LEU A 180 8.13 -33.19 56.89
CA LEU A 180 6.74 -33.39 56.47
C LEU A 180 5.90 -34.00 57.59
N ALA A 181 6.51 -34.79 58.47
CA ALA A 181 5.77 -35.34 59.60
C ALA A 181 5.31 -34.24 60.54
N ASN A 182 6.02 -33.12 60.59
CA ASN A 182 5.69 -32.03 61.50
C ASN A 182 4.82 -30.96 60.86
N VAL A 183 4.32 -31.19 59.65
CA VAL A 183 3.45 -30.22 58.97
C VAL A 183 2.09 -30.88 58.78
N SER A 184 1.07 -30.33 59.45
CA SER A 184 -0.29 -30.81 59.31
C SER A 184 -1.01 -29.98 58.26
N TYR A 185 -1.53 -30.63 57.23
CA TYR A 185 -2.09 -29.95 56.08
C TYR A 185 -3.60 -30.11 56.05
N ALA A 186 -4.29 -29.08 55.55
CA ALA A 186 -5.74 -29.10 55.40
C ALA A 186 -6.12 -28.16 54.27
N ARG A 187 -6.87 -28.67 53.31
CA ARG A 187 -7.29 -27.88 52.15
C ARG A 187 -8.66 -27.29 52.41
N ALA A 188 -8.75 -25.96 52.36
CA ALA A 188 -10.01 -25.26 52.60
C ALA A 188 -10.77 -25.14 51.29
N LEU A 189 -11.80 -25.97 51.11
CA LEU A 189 -12.49 -26.03 49.84
C LEU A 189 -13.31 -24.76 49.59
N ASN A 190 -13.98 -24.24 50.62
CA ASN A 190 -14.75 -23.02 50.50
C ASN A 190 -14.67 -22.26 51.82
N SER A 191 -15.36 -21.12 51.87
CA SER A 191 -15.26 -20.24 53.03
C SER A 191 -15.78 -20.90 54.30
N GLU A 192 -16.91 -21.61 54.20
CA GLU A 192 -17.47 -22.24 55.39
C GLU A 192 -16.54 -23.33 55.92
N HIS A 193 -15.99 -24.17 55.04
CA HIS A 193 -15.03 -25.16 55.48
C HIS A 193 -13.76 -24.51 56.01
N GLN A 194 -13.37 -23.36 55.44
CA GLN A 194 -12.23 -22.62 55.96
C GLN A 194 -12.46 -22.20 57.40
N MET A 195 -13.65 -21.65 57.69
CA MET A 195 -13.97 -21.25 59.05
C MET A 195 -14.05 -22.45 59.99
N GLU A 196 -14.60 -23.57 59.51
CA GLU A 196 -14.61 -24.77 60.34
C GLU A 196 -13.19 -25.23 60.67
N LEU A 197 -12.31 -25.23 59.67
CA LEU A 197 -10.92 -25.57 59.90
C LEU A 197 -10.33 -24.68 60.99
N VAL A 198 -10.55 -23.38 60.87
CA VAL A 198 -9.99 -22.46 61.85
C VAL A 198 -10.58 -22.69 63.24
N GLU A 199 -11.90 -22.89 63.33
CA GLU A 199 -12.53 -22.95 64.64
C GLU A 199 -12.18 -24.24 65.38
N GLN A 200 -12.16 -25.38 64.70
CA GLN A 200 -11.66 -26.59 65.37
C GLN A 200 -10.15 -26.78 65.26
N LEU A 201 -9.41 -25.80 64.75
CA LEU A 201 -7.95 -25.85 64.84
C LEU A 201 -7.46 -25.78 66.28
N GLY A 202 -8.29 -25.26 67.20
CA GLY A 202 -7.89 -25.18 68.59
C GLY A 202 -7.66 -26.54 69.23
N GLU A 203 -8.43 -27.55 68.83
CA GLU A 203 -8.25 -28.87 69.41
C GLU A 203 -6.88 -29.45 69.06
N GLU A 204 -6.38 -29.17 67.85
CA GLU A 204 -5.04 -29.62 67.50
C GLU A 204 -3.99 -28.77 68.19
N LEU A 205 -4.18 -27.45 68.25
CA LEU A 205 -3.21 -26.61 68.93
C LEU A 205 -3.17 -26.84 70.43
N SER A 206 -4.20 -27.50 70.99
CA SER A 206 -4.20 -27.79 72.42
C SER A 206 -3.00 -28.63 72.85
N SER A 207 -2.39 -29.36 71.92
CA SER A 207 -1.14 -30.05 72.24
C SER A 207 -0.04 -29.07 72.60
N GLY A 208 -0.08 -27.87 72.03
CA GLY A 208 0.86 -26.82 72.36
C GLY A 208 2.19 -26.89 71.66
N ASP A 209 2.38 -27.83 70.72
CA ASP A 209 3.65 -27.97 70.04
C ASP A 209 3.71 -27.16 68.76
N TYR A 210 2.57 -26.68 68.26
CA TYR A 210 2.55 -25.91 67.03
C TYR A 210 3.25 -24.57 67.21
N ARG A 211 3.78 -24.03 66.12
CA ARG A 211 4.36 -22.70 66.14
C ARG A 211 3.96 -21.83 64.97
N LEU A 212 3.18 -22.34 64.02
CA LEU A 212 2.82 -21.56 62.84
C LEU A 212 1.48 -22.02 62.32
N ILE A 213 0.74 -21.08 61.74
CA ILE A 213 -0.53 -21.35 61.07
C ILE A 213 -0.52 -20.57 59.76
N VAL A 214 -0.60 -21.28 58.64
CA VAL A 214 -0.52 -20.66 57.31
C VAL A 214 -1.89 -20.76 56.65
N VAL A 215 -2.41 -19.62 56.21
CA VAL A 215 -3.64 -19.58 55.42
C VAL A 215 -3.30 -18.89 54.11
N ASP A 216 -3.31 -19.64 53.01
CA ASP A 216 -2.88 -19.13 51.71
C ASP A 216 -3.84 -19.64 50.65
N SER A 217 -4.70 -18.75 50.15
CA SER A 217 -4.75 -17.37 50.57
C SER A 217 -6.06 -17.08 51.31
N ILE A 218 -6.05 -16.02 52.11
CA ILE A 218 -7.18 -15.74 53.01
C ILE A 218 -8.42 -15.35 52.24
N MET A 219 -8.27 -14.56 51.17
CA MET A 219 -9.39 -13.96 50.47
C MET A 219 -9.84 -14.76 49.25
N ALA A 220 -9.19 -15.88 48.96
CA ALA A 220 -9.51 -16.62 47.74
C ALA A 220 -10.94 -17.17 47.78
N ASN A 221 -11.33 -17.77 48.90
CA ASN A 221 -12.65 -18.39 48.98
C ASN A 221 -13.76 -17.34 48.97
N PHE A 222 -13.58 -16.24 49.70
CA PHE A 222 -14.66 -15.28 49.85
C PHE A 222 -14.95 -14.53 48.56
N ARG A 223 -13.93 -14.33 47.71
CA ARG A 223 -14.13 -13.55 46.49
C ARG A 223 -15.10 -14.25 45.54
N VAL A 224 -15.27 -15.57 45.66
CA VAL A 224 -16.14 -16.30 44.75
C VAL A 224 -17.40 -16.75 45.48
N ASP A 225 -17.29 -16.95 46.80
CA ASP A 225 -18.45 -17.38 47.58
C ASP A 225 -19.47 -16.27 47.77
N TYR A 226 -19.05 -15.02 47.66
CA TYR A 226 -19.95 -13.89 47.90
C TYR A 226 -19.84 -12.84 46.81
N GLU A 231 -24.43 -8.02 48.87
CA GLU A 231 -23.87 -9.29 49.34
C GLU A 231 -22.55 -9.07 50.08
N LEU A 232 -22.00 -7.87 49.94
CA LEU A 232 -20.73 -7.55 50.61
C LEU A 232 -20.88 -7.52 52.12
N SER A 233 -22.03 -7.03 52.61
CA SER A 233 -22.22 -6.89 54.04
C SER A 233 -21.99 -8.21 54.77
N GLU A 234 -22.63 -9.28 54.31
CA GLU A 234 -22.42 -10.59 54.93
C GLU A 234 -21.00 -11.08 54.71
N ARG A 235 -20.39 -10.73 53.56
CA ARG A 235 -19.04 -11.18 53.28
C ARG A 235 -18.07 -10.68 54.32
N GLN A 236 -18.01 -9.36 54.53
CA GLN A 236 -17.13 -8.82 55.56
C GLN A 236 -17.61 -9.17 56.97
N GLN A 237 -18.91 -9.36 57.18
CA GLN A 237 -19.37 -9.78 58.51
C GLN A 237 -18.78 -11.14 58.87
N LYS A 238 -18.77 -12.08 57.92
CA LYS A 238 -18.18 -13.39 58.17
C LYS A 238 -16.65 -13.30 58.23
N LEU A 239 -16.04 -12.48 57.37
CA LEU A 239 -14.60 -12.38 57.30
C LEU A 239 -14.02 -11.82 58.59
N ASN A 240 -14.68 -10.83 59.19
CA ASN A 240 -14.18 -10.25 60.44
C ASN A 240 -14.25 -11.25 61.57
N GLN A 241 -15.30 -12.07 61.62
CA GLN A 241 -15.36 -13.14 62.61
C GLN A 241 -14.23 -14.13 62.41
N HIS A 242 -13.96 -14.49 61.15
CA HIS A 242 -12.85 -15.39 60.84
C HIS A 242 -11.53 -14.81 61.34
N LEU A 243 -11.28 -13.54 61.05
CA LEU A 243 -10.04 -12.90 61.46
C LEU A 243 -9.94 -12.79 62.98
N PHE A 244 -11.05 -12.49 63.65
CA PHE A 244 -11.05 -12.44 65.11
C PHE A 244 -10.66 -13.78 65.70
N LYS A 245 -11.24 -14.87 65.16
CA LYS A 245 -10.89 -16.20 65.67
C LYS A 245 -9.42 -16.50 65.42
N LEU A 246 -8.91 -16.16 64.23
CA LEU A 246 -7.50 -16.38 63.95
C LEU A 246 -6.61 -15.61 64.92
N ASN A 247 -6.97 -14.35 65.19
CA ASN A 247 -6.15 -13.52 66.07
C ASN A 247 -6.09 -14.09 67.47
N ARG A 248 -7.24 -14.54 68.01
CA ARG A 248 -7.20 -15.16 69.33
C ARG A 248 -6.44 -16.48 69.34
N LEU A 249 -6.59 -17.29 68.29
CA LEU A 249 -5.77 -18.50 68.20
C LEU A 249 -4.30 -18.14 68.34
N ALA A 250 -3.83 -17.19 67.52
CA ALA A 250 -2.45 -16.74 67.59
C ALA A 250 -2.10 -16.17 68.96
N GLU A 251 -3.08 -15.55 69.63
CA GLU A 251 -2.79 -14.89 70.89
C GLU A 251 -2.54 -15.89 72.01
N GLU A 252 -3.54 -16.69 72.36
CA GLU A 252 -3.28 -17.59 73.50
C GLU A 252 -2.64 -18.92 73.11
N PHE A 253 -2.32 -19.17 71.84
CA PHE A 253 -1.60 -20.39 71.52
C PHE A 253 -0.12 -20.18 71.22
N ASN A 254 0.39 -18.96 71.36
CA ASN A 254 1.81 -18.67 71.14
C ASN A 254 2.28 -19.15 69.78
N VAL A 255 1.46 -18.91 68.76
CA VAL A 255 1.78 -19.28 67.38
C VAL A 255 1.66 -18.06 66.50
N ALA A 256 2.30 -18.13 65.34
CA ALA A 256 2.24 -17.07 64.34
C ALA A 256 1.28 -17.49 63.23
N VAL A 257 0.31 -16.62 62.94
CA VAL A 257 -0.66 -16.87 61.88
C VAL A 257 -0.20 -16.10 60.65
N PHE A 258 0.10 -16.83 59.58
CA PHE A 258 0.63 -16.25 58.36
C PHE A 258 -0.45 -16.28 57.29
N LEU A 259 -0.82 -15.12 56.78
CA LEU A 259 -1.84 -14.98 55.76
C LEU A 259 -1.23 -14.42 54.49
N THR A 260 -1.78 -14.80 53.35
CA THR A 260 -1.35 -14.28 52.06
C THR A 260 -2.56 -13.74 51.32
N ASN A 261 -2.33 -12.70 50.51
CA ASN A 261 -3.40 -12.06 49.77
C ASN A 261 -2.98 -11.72 48.35
N GLN A 262 -3.96 -11.75 47.45
CA GLN A 262 -3.79 -11.35 46.07
C GLN A 262 -4.28 -9.92 45.87
N VAL A 263 -3.57 -9.18 45.01
CA VAL A 263 -3.98 -7.82 44.68
C VAL A 263 -3.99 -7.64 43.17
N VAL A 286 -10.47 -3.90 55.48
CA VAL A 286 -10.77 -4.34 56.84
C VAL A 286 -9.73 -5.36 57.29
N LEU A 287 -9.00 -5.92 56.31
CA LEU A 287 -7.98 -6.91 56.62
C LEU A 287 -6.82 -6.28 57.39
N ALA A 288 -6.50 -5.02 57.09
CA ALA A 288 -5.33 -4.39 57.69
C ALA A 288 -5.45 -4.26 59.21
N HIS A 289 -6.68 -4.03 59.70
CA HIS A 289 -6.84 -3.84 61.14
C HIS A 289 -6.57 -5.13 61.91
N ALA A 290 -6.98 -6.27 61.36
CA ALA A 290 -6.77 -7.53 62.06
C ALA A 290 -5.30 -7.95 62.04
N SER A 291 -4.64 -7.80 60.90
CA SER A 291 -3.25 -8.22 60.78
C SER A 291 -2.32 -7.24 61.49
N ALA A 292 -1.53 -7.73 62.43
CA ALA A 292 -0.61 -6.85 63.15
C ALA A 292 0.51 -6.37 62.25
N THR A 293 1.04 -7.25 61.41
CA THR A 293 2.13 -6.92 60.50
C THR A 293 1.69 -7.17 59.07
N ARG A 294 2.07 -6.27 58.17
CA ARG A 294 1.76 -6.39 56.75
C ARG A 294 3.03 -6.23 55.94
N ILE A 295 3.17 -7.05 54.90
CA ILE A 295 4.31 -7.01 54.00
C ILE A 295 3.79 -7.05 52.57
N LEU A 296 4.34 -6.20 51.72
CA LEU A 296 4.00 -6.16 50.30
C LEU A 296 5.13 -6.81 49.52
N LEU A 297 4.80 -7.79 48.69
CA LEU A 297 5.75 -8.44 47.80
C LEU A 297 5.45 -7.98 46.38
N ARG A 298 6.47 -7.46 45.70
CA ARG A 298 6.30 -6.93 44.36
C ARG A 298 7.41 -7.43 43.45
N LYS A 299 7.09 -7.58 42.17
CA LYS A 299 8.08 -7.96 41.17
C LYS A 299 8.77 -6.72 40.66
N GLY A 300 10.08 -6.63 40.90
CA GLY A 300 10.87 -5.49 40.49
C GLY A 300 11.48 -5.69 39.11
N ARG A 301 12.56 -4.95 38.87
CA ARG A 301 13.27 -5.07 37.60
C ARG A 301 13.88 -6.45 37.45
N GLY A 302 13.68 -7.06 36.28
CA GLY A 302 14.22 -8.38 36.04
C GLY A 302 13.64 -9.41 36.99
N ASP A 303 14.52 -10.23 37.57
CA ASP A 303 14.10 -11.28 38.49
C ASP A 303 14.10 -10.84 39.95
N GLU A 304 14.47 -9.58 40.22
CA GLU A 304 14.49 -9.11 41.60
C GLU A 304 13.08 -8.97 42.15
N ARG A 305 12.94 -9.29 43.43
CA ARG A 305 11.66 -9.17 44.12
C ARG A 305 11.81 -8.31 45.37
N VAL A 306 10.80 -7.49 45.63
CA VAL A 306 10.84 -6.48 46.68
C VAL A 306 9.89 -6.89 47.80
N ALA A 307 10.39 -6.85 49.03
CA ALA A 307 9.61 -7.18 50.22
C ALA A 307 9.57 -5.93 51.11
N LYS A 308 8.57 -5.09 50.89
CA LYS A 308 8.42 -3.87 51.67
C LYS A 308 7.59 -4.13 52.92
N LEU A 309 8.03 -3.58 54.04
CA LEU A 309 7.29 -3.70 55.29
C LEU A 309 6.22 -2.63 55.32
N GLN A 310 5.01 -3.00 54.86
CA GLN A 310 3.94 -2.01 54.74
C GLN A 310 3.50 -1.47 56.10
N ASP A 311 3.39 -2.33 57.10
CA ASP A 311 2.89 -1.91 58.41
C ASP A 311 3.36 -2.89 59.47
N SER A 312 3.89 -2.36 60.57
CA SER A 312 4.30 -3.13 61.71
C SER A 312 3.80 -2.47 62.99
N PRO A 313 3.50 -3.27 64.02
CA PRO A 313 3.09 -2.67 65.30
C PRO A 313 4.15 -1.77 65.92
N ASP A 314 5.42 -2.11 65.78
CA ASP A 314 6.47 -1.34 66.44
C ASP A 314 7.59 -0.90 65.51
N MET A 315 7.98 -1.74 64.55
CA MET A 315 9.19 -1.38 63.84
C MET A 315 8.89 -0.57 62.60
N PRO A 316 9.80 0.32 62.21
CA PRO A 316 9.53 1.22 61.08
C PRO A 316 9.57 0.48 59.74
N GLU A 317 8.88 1.07 58.77
CA GLU A 317 8.91 0.58 57.40
C GLU A 317 10.33 0.57 56.86
N LYS A 318 10.72 -0.54 56.24
CA LYS A 318 12.05 -0.68 55.65
C LYS A 318 11.93 -1.40 54.31
N GLU A 319 13.09 -1.78 53.77
CA GLU A 319 13.19 -2.26 52.40
C GLU A 319 14.11 -3.48 52.36
N CYS A 320 13.77 -4.41 51.47
CA CYS A 320 14.57 -5.62 51.29
C CYS A 320 14.40 -6.13 49.88
N VAL A 321 15.34 -6.97 49.47
CA VAL A 321 15.27 -7.72 48.22
C VAL A 321 15.55 -9.18 48.52
N TYR A 322 14.71 -10.06 47.96
CA TYR A 322 14.83 -11.49 48.22
C TYR A 322 14.75 -12.24 46.90
N VAL A 323 15.24 -13.48 46.94
CA VAL A 323 15.23 -14.35 45.77
C VAL A 323 14.70 -15.71 46.18
N ILE A 324 13.91 -16.33 45.30
CA ILE A 324 13.38 -17.66 45.54
C ILE A 324 14.40 -18.65 44.98
N GLY A 325 15.19 -19.23 45.88
CA GLY A 325 16.19 -20.21 45.52
C GLY A 325 15.78 -21.61 45.93
N GLU A 326 16.70 -22.55 45.68
CA GLU A 326 16.44 -23.94 46.02
C GLU A 326 16.28 -24.13 47.52
N LYS A 327 16.77 -23.20 48.33
CA LYS A 327 16.65 -23.24 49.77
C LYS A 327 15.37 -22.54 50.26
N GLY A 328 14.54 -22.07 49.34
CA GLY A 328 13.31 -21.38 49.71
C GLY A 328 13.40 -19.89 49.42
N ILE A 329 13.24 -19.08 50.45
CA ILE A 329 13.43 -17.64 50.35
C ILE A 329 14.81 -17.32 50.91
N THR A 330 15.67 -16.71 50.10
CA THR A 330 17.03 -16.40 50.50
C THR A 330 17.38 -14.99 50.06
N ASP A 331 18.46 -14.48 50.62
CA ASP A 331 18.93 -13.14 50.27
C ASP A 331 19.45 -13.13 48.83
N SER A 332 19.40 -11.94 48.22
CA SER A 332 19.82 -11.81 46.83
C SER A 332 21.29 -12.20 46.67
N SER A 333 22.15 -11.72 47.57
CA SER A 333 23.54 -12.16 47.56
C SER A 333 23.70 -13.59 48.03
N ASP A 334 22.88 -14.00 49.00
CA ASP A 334 22.95 -15.35 49.54
C ASP A 334 22.19 -16.34 48.66
N ILE B 16 -12.37 -41.17 42.73
CA ILE B 16 -13.59 -40.43 42.43
C ILE B 16 -14.82 -41.25 42.84
N LEU B 17 -15.59 -40.73 43.78
CA LEU B 17 -16.80 -41.39 44.25
C LEU B 17 -17.99 -40.48 43.95
N SER B 18 -18.94 -41.01 43.18
CA SER B 18 -20.12 -40.24 42.82
C SER B 18 -21.04 -40.05 44.03
N VAL B 19 -21.93 -39.07 43.91
CA VAL B 19 -22.88 -38.80 44.99
C VAL B 19 -23.88 -39.93 45.19
N ASP B 20 -23.89 -40.93 44.31
CA ASP B 20 -24.74 -42.08 44.51
C ASP B 20 -24.38 -42.84 45.78
N GLU B 21 -23.19 -42.61 46.32
CA GLU B 21 -22.79 -43.18 47.60
C GLU B 21 -23.59 -42.59 48.76
N LEU B 22 -24.35 -41.52 48.53
CA LEU B 22 -25.18 -40.95 49.59
C LEU B 22 -26.54 -41.63 49.70
N GLN B 23 -26.92 -42.48 48.76
CA GLN B 23 -28.24 -43.11 48.79
C GLN B 23 -28.38 -44.01 50.02
N ASN B 24 -27.36 -44.82 50.31
CA ASN B 24 -27.44 -45.73 51.45
C ASN B 24 -27.16 -45.03 52.78
N TYR B 25 -26.69 -43.78 52.75
CA TYR B 25 -26.38 -43.07 53.97
C TYR B 25 -27.59 -42.34 54.56
N GLY B 26 -28.73 -42.36 53.89
CA GLY B 26 -29.92 -41.73 54.41
C GLY B 26 -30.49 -40.63 53.54
N ILE B 27 -30.22 -40.71 52.25
CA ILE B 27 -30.73 -39.73 51.28
C ILE B 27 -31.53 -40.48 50.22
N ASN B 28 -32.74 -40.00 49.94
CA ASN B 28 -33.59 -40.63 48.94
C ASN B 28 -33.08 -40.32 47.53
N ALA B 29 -33.67 -41.03 46.56
CA ALA B 29 -33.22 -40.89 45.18
C ALA B 29 -33.63 -39.55 44.58
N SER B 30 -34.72 -38.94 45.07
CA SER B 30 -35.16 -37.66 44.52
C SER B 30 -34.13 -36.57 44.79
N ASP B 31 -33.57 -36.53 46.01
CA ASP B 31 -32.55 -35.54 46.32
C ASP B 31 -31.29 -35.77 45.49
N LEU B 32 -30.91 -37.03 45.29
CA LEU B 32 -29.75 -37.33 44.45
C LEU B 32 -29.99 -36.88 43.02
N GLN B 33 -31.19 -37.11 42.50
CA GLN B 33 -31.51 -36.68 41.14
C GLN B 33 -31.49 -35.16 41.03
N LYS B 34 -31.98 -34.46 42.06
CA LYS B 34 -31.90 -33.00 42.05
C LYS B 34 -30.45 -32.54 42.08
N LEU B 35 -29.61 -33.23 42.85
CA LEU B 35 -28.18 -32.92 42.85
C LEU B 35 -27.57 -33.10 41.47
N LYS B 36 -27.95 -34.18 40.77
CA LYS B 36 -27.50 -34.37 39.40
C LYS B 36 -27.96 -33.21 38.52
N SER B 37 -29.23 -32.79 38.67
CA SER B 37 -29.74 -31.66 37.92
C SER B 37 -29.03 -30.36 38.30
N GLY B 38 -28.60 -30.24 39.56
CA GLY B 38 -27.88 -29.08 40.01
C GLY B 38 -26.43 -29.03 39.63
N GLY B 39 -25.93 -30.04 38.93
CA GLY B 39 -24.55 -30.09 38.53
C GLY B 39 -23.61 -30.71 39.53
N ILE B 40 -24.12 -31.22 40.65
CA ILE B 40 -23.31 -31.87 41.68
C ILE B 40 -23.32 -33.36 41.41
N TYR B 41 -22.14 -33.94 41.20
CA TYR B 41 -22.03 -35.32 40.79
C TYR B 41 -21.06 -36.14 41.64
N THR B 42 -20.30 -35.52 42.52
CA THR B 42 -19.26 -36.19 43.30
C THR B 42 -19.31 -35.68 44.72
N VAL B 43 -18.97 -36.55 45.68
CA VAL B 43 -18.89 -36.12 47.07
C VAL B 43 -17.87 -35.01 47.23
N ASN B 44 -16.79 -35.07 46.44
CA ASN B 44 -15.84 -33.96 46.41
C ASN B 44 -16.51 -32.68 45.94
N THR B 45 -17.37 -32.79 44.94
CA THR B 45 -18.13 -31.63 44.48
C THR B 45 -19.05 -31.12 45.58
N VAL B 46 -19.65 -32.03 46.35
CA VAL B 46 -20.51 -31.63 47.45
C VAL B 46 -19.72 -30.82 48.47
N LEU B 47 -18.55 -31.32 48.86
CA LEU B 47 -17.76 -30.63 49.86
C LEU B 47 -17.23 -29.31 49.33
N SER B 48 -16.94 -29.24 48.03
CA SER B 48 -16.38 -28.02 47.45
C SER B 48 -17.37 -26.86 47.51
N THR B 49 -18.64 -27.11 47.23
CA THR B 49 -19.62 -26.05 47.07
C THR B 49 -20.25 -25.65 48.40
N THR B 50 -20.61 -24.38 48.50
CA THR B 50 -21.19 -23.81 49.70
C THR B 50 -22.68 -24.13 49.80
N ARG B 51 -23.16 -24.19 51.04
CA ARG B 51 -24.58 -24.49 51.28
C ARG B 51 -25.49 -23.45 50.64
N ARG B 52 -25.03 -22.20 50.55
CA ARG B 52 -25.82 -21.18 49.87
C ARG B 52 -26.01 -21.50 48.41
N HIS B 53 -25.04 -22.19 47.79
CA HIS B 53 -25.22 -22.59 46.40
C HIS B 53 -26.16 -23.77 46.27
N LEU B 54 -26.16 -24.68 47.24
CA LEU B 54 -27.11 -25.80 47.21
C LEU B 54 -28.53 -25.31 47.43
N CYS B 55 -28.74 -24.35 48.33
CA CYS B 55 -30.09 -23.88 48.59
C CYS B 55 -30.68 -23.15 47.40
N LYS B 56 -29.85 -22.66 46.48
CA LYS B 56 -30.37 -22.08 45.24
C LYS B 56 -31.00 -23.14 44.33
N ILE B 57 -30.66 -24.42 44.53
CA ILE B 57 -31.24 -25.47 43.71
C ILE B 57 -32.71 -25.62 44.05
N LYS B 58 -33.55 -25.74 43.01
CA LYS B 58 -34.98 -25.86 43.21
C LYS B 58 -35.31 -27.15 43.95
N GLY B 59 -36.23 -27.05 44.91
CA GLY B 59 -36.65 -28.20 45.68
C GLY B 59 -35.74 -28.60 46.81
N LEU B 60 -34.71 -27.80 47.11
CA LEU B 60 -33.77 -28.10 48.17
C LEU B 60 -33.91 -27.09 49.30
N SER B 61 -34.09 -27.58 50.52
CA SER B 61 -34.22 -26.73 51.69
C SER B 61 -32.91 -26.74 52.49
N GLU B 62 -32.83 -25.80 53.44
CA GLU B 62 -31.60 -25.64 54.22
C GLU B 62 -31.30 -26.88 55.05
N VAL B 63 -32.32 -27.47 55.67
CA VAL B 63 -32.09 -28.67 56.48
C VAL B 63 -31.63 -29.83 55.60
N LYS B 64 -32.25 -29.98 54.43
CA LYS B 64 -31.85 -31.03 53.50
C LYS B 64 -30.42 -30.84 53.05
N VAL B 65 -30.05 -29.60 52.71
CA VAL B 65 -28.69 -29.30 52.30
C VAL B 65 -27.71 -29.64 53.41
N GLU B 66 -28.06 -29.26 54.65
CA GLU B 66 -27.17 -29.52 55.77
C GLU B 66 -26.99 -31.01 56.00
N LYS B 67 -28.07 -31.80 55.90
CA LYS B 67 -27.91 -33.22 56.14
C LYS B 67 -27.12 -33.88 55.01
N ILE B 68 -27.28 -33.40 53.78
CA ILE B 68 -26.48 -33.93 52.68
C ILE B 68 -25.00 -33.63 52.91
N LYS B 69 -24.68 -32.41 53.34
CA LYS B 69 -23.30 -32.06 53.64
C LYS B 69 -22.75 -32.93 54.77
N GLU B 70 -23.55 -33.14 55.82
CA GLU B 70 -23.11 -33.98 56.93
C GLU B 70 -22.84 -35.41 56.47
N ALA B 71 -23.73 -35.96 55.65
CA ALA B 71 -23.53 -37.32 55.16
C ALA B 71 -22.29 -37.41 54.27
N ALA B 72 -22.08 -36.41 53.41
CA ALA B 72 -20.92 -36.43 52.53
C ALA B 72 -19.61 -36.29 53.31
N GLY B 73 -19.64 -35.54 54.42
CA GLY B 73 -18.43 -35.36 55.20
C GLY B 73 -17.90 -36.66 55.77
N LYS B 74 -18.78 -37.60 56.07
CA LYS B 74 -18.36 -38.89 56.63
C LYS B 74 -17.71 -39.79 55.59
N ILE B 75 -18.05 -39.65 54.31
CA ILE B 75 -17.51 -40.53 53.29
C ILE B 75 -16.01 -40.31 53.13
N ILE B 76 -15.59 -39.06 53.00
CA ILE B 76 -14.17 -38.70 52.89
C ILE B 76 -13.88 -37.61 53.92
N GLN B 77 -12.81 -37.80 54.68
CA GLN B 77 -12.44 -36.86 55.73
C GLN B 77 -11.80 -35.61 55.15
N VAL B 78 -12.13 -34.47 55.71
CA VAL B 78 -11.56 -33.18 55.34
C VAL B 78 -11.06 -32.51 56.62
N GLY B 79 -9.78 -32.68 56.92
CA GLY B 79 -9.22 -32.16 58.14
C GLY B 79 -7.71 -32.10 58.05
N PHE B 80 -7.10 -31.83 59.19
CA PHE B 80 -5.65 -31.67 59.25
C PHE B 80 -4.97 -33.03 59.29
N ILE B 81 -4.13 -33.29 58.30
CA ILE B 81 -3.42 -34.56 58.18
C ILE B 81 -1.93 -34.28 58.03
N PRO B 82 -1.05 -35.20 58.39
CA PRO B 82 0.39 -34.95 58.20
C PRO B 82 0.71 -34.78 56.73
N ALA B 83 1.78 -34.03 56.47
CA ALA B 83 2.18 -33.75 55.09
C ALA B 83 2.75 -34.97 54.38
N THR B 84 3.08 -36.04 55.10
CA THR B 84 3.41 -37.29 54.42
C THR B 84 2.20 -37.85 53.68
N VAL B 85 1.04 -37.82 54.33
CA VAL B 85 -0.18 -38.26 53.67
C VAL B 85 -0.48 -37.38 52.46
N GLN B 86 -0.21 -36.07 52.57
CA GLN B 86 -0.42 -35.19 51.44
C GLN B 86 0.59 -35.44 50.33
N LEU B 87 1.81 -35.86 50.68
CA LEU B 87 2.76 -36.30 49.66
C LEU B 87 2.23 -37.52 48.92
N ASP B 88 1.65 -38.47 49.66
CA ASP B 88 1.05 -39.64 49.03
C ASP B 88 -0.11 -39.22 48.11
N ILE B 89 -0.92 -38.27 48.54
CA ILE B 89 -2.02 -37.78 47.70
C ILE B 89 -1.48 -37.12 46.45
N ARG B 90 -0.44 -36.29 46.59
CA ARG B 90 0.18 -35.63 45.44
C ARG B 90 0.84 -36.62 44.50
N GLN B 91 1.20 -37.80 44.98
CA GLN B 91 1.76 -38.83 44.11
C GLN B 91 0.75 -39.32 43.07
N ARG B 92 -0.53 -38.99 43.22
CA ARG B 92 -1.56 -39.43 42.28
C ARG B 92 -1.72 -38.49 41.10
N VAL B 93 -0.93 -37.42 41.01
CA VAL B 93 -1.01 -36.54 39.84
C VAL B 93 -0.42 -37.27 38.65
N TYR B 94 -0.89 -36.91 37.46
CA TYR B 94 -0.46 -37.55 36.23
C TYR B 94 0.52 -36.64 35.50
N SER B 95 1.63 -37.22 35.07
CA SER B 95 2.66 -36.51 34.32
C SER B 95 2.46 -36.85 32.85
N LEU B 96 1.54 -36.15 32.21
CA LEU B 96 1.21 -36.40 30.81
C LEU B 96 2.27 -35.80 29.92
N SER B 97 2.94 -36.63 29.13
CA SER B 97 3.99 -36.15 28.24
C SER B 97 3.40 -35.18 27.22
N THR B 98 4.15 -34.12 26.92
CA THR B 98 3.69 -33.16 25.92
C THR B 98 3.87 -33.68 24.51
N GLY B 99 4.91 -34.48 24.27
CA GLY B 99 5.20 -34.99 22.94
C GLY B 99 6.67 -34.86 22.64
N SER B 100 7.30 -33.83 23.19
CA SER B 100 8.74 -33.63 23.10
C SER B 100 9.33 -33.85 24.49
N LYS B 101 10.31 -34.76 24.58
CA LYS B 101 10.85 -35.11 25.88
C LYS B 101 11.56 -33.94 26.54
N GLN B 102 12.15 -33.05 25.75
CA GLN B 102 12.84 -31.90 26.31
C GLN B 102 11.86 -30.98 27.03
N LEU B 103 10.70 -30.70 26.41
CA LEU B 103 9.70 -29.87 27.06
C LEU B 103 9.11 -30.58 28.27
N ASP B 104 9.04 -31.91 28.24
CA ASP B 104 8.62 -32.65 29.41
C ASP B 104 9.61 -32.46 30.56
N SER B 105 10.91 -32.50 30.26
CA SER B 105 11.92 -32.26 31.28
C SER B 105 11.83 -30.84 31.82
N ILE B 106 11.57 -29.87 30.95
CA ILE B 106 11.40 -28.49 31.39
C ILE B 106 10.17 -28.39 32.30
N LEU B 107 9.08 -29.03 31.91
CA LEU B 107 7.86 -29.03 32.73
C LEU B 107 7.98 -29.92 33.96
N GLY B 108 9.02 -30.74 34.04
CA GLY B 108 9.15 -31.65 35.17
C GLY B 108 8.26 -32.87 35.09
N GLY B 109 7.92 -33.30 33.88
CA GLY B 109 7.08 -34.48 33.71
C GLY B 109 6.01 -34.26 32.66
N GLY B 110 5.99 -33.08 32.06
CA GLY B 110 4.98 -32.76 31.06
C GLY B 110 3.78 -32.05 31.67
N ILE B 111 2.59 -32.39 31.20
CA ILE B 111 1.37 -31.83 31.78
C ILE B 111 1.11 -32.51 33.12
N MET B 112 0.60 -31.74 34.08
CA MET B 112 0.23 -32.27 35.38
C MET B 112 -1.25 -31.99 35.64
N THR B 113 -1.96 -32.98 36.15
CA THR B 113 -3.38 -32.85 36.41
C THR B 113 -3.62 -32.00 37.65
N MET B 114 -4.89 -31.83 38.00
CA MET B 114 -5.35 -30.88 39.02
C MET B 114 -4.72 -29.51 38.83
N SER B 115 -4.57 -29.06 37.58
CA SER B 115 -3.99 -27.77 37.29
C SER B 115 -4.47 -27.32 35.92
N ILE B 116 -4.33 -26.02 35.67
CA ILE B 116 -4.70 -25.44 34.38
C ILE B 116 -3.43 -25.09 33.63
N THR B 117 -3.18 -25.80 32.55
CA THR B 117 -2.07 -25.50 31.66
C THR B 117 -2.59 -24.72 30.46
N GLU B 118 -2.02 -23.54 30.23
CA GLU B 118 -2.43 -22.70 29.11
C GLU B 118 -1.22 -22.49 28.21
N VAL B 119 -1.33 -22.94 26.98
CA VAL B 119 -0.33 -22.65 25.96
C VAL B 119 -0.93 -21.62 25.01
N PHE B 120 -0.13 -20.63 24.65
CA PHE B 120 -0.60 -19.54 23.81
C PHE B 120 0.47 -19.13 22.83
N GLY B 121 0.03 -18.61 21.69
CA GLY B 121 0.94 -18.21 20.64
C GLY B 121 0.15 -17.71 19.46
N GLU B 122 0.88 -17.29 18.43
CA GLU B 122 0.26 -16.76 17.22
C GLU B 122 -0.42 -17.88 16.45
N PHE B 123 -1.06 -17.49 15.35
CA PHE B 123 -1.63 -18.46 14.43
C PHE B 123 -0.52 -19.29 13.79
N ARG B 124 -0.82 -20.55 13.51
CA ARG B 124 0.05 -21.53 12.86
C ARG B 124 1.13 -22.04 13.82
N CYS B 125 1.19 -21.55 15.06
CA CYS B 125 2.26 -21.92 15.97
C CYS B 125 2.28 -23.43 16.23
N GLY B 126 1.11 -24.03 16.37
CA GLY B 126 1.05 -25.46 16.62
C GLY B 126 0.27 -25.82 17.87
N LYS B 127 -0.64 -24.94 18.28
CA LYS B 127 -1.44 -25.22 19.46
C LYS B 127 -2.45 -26.33 19.21
N THR B 128 -3.05 -26.37 18.02
CA THR B 128 -3.99 -27.44 17.70
C THR B 128 -3.25 -28.76 17.49
N GLN B 129 -2.08 -28.71 16.84
CA GLN B 129 -1.28 -29.92 16.67
C GLN B 129 -0.86 -30.48 18.02
N MET B 130 -0.47 -29.60 18.95
CA MET B 130 -0.13 -30.05 20.29
C MET B 130 -1.36 -30.58 21.02
N SER B 131 -2.54 -30.00 20.74
CA SER B 131 -3.76 -30.51 21.34
C SER B 131 -4.05 -31.93 20.87
N HIS B 132 -3.83 -32.21 19.58
CA HIS B 132 -4.02 -33.57 19.08
C HIS B 132 -2.98 -34.53 19.66
N THR B 133 -1.73 -34.07 19.73
CA THR B 133 -0.69 -34.87 20.38
C THR B 133 -1.08 -35.20 21.81
N LEU B 134 -1.70 -34.24 22.51
CA LEU B 134 -2.16 -34.49 23.87
C LEU B 134 -3.32 -35.47 23.89
N CYS B 135 -4.26 -35.33 22.96
CA CYS B 135 -5.39 -36.25 22.88
C CYS B 135 -4.92 -37.68 22.74
N VAL B 136 -3.83 -37.90 22.00
CA VAL B 136 -3.36 -39.27 21.85
C VAL B 136 -2.45 -39.68 23.01
N THR B 137 -1.57 -38.79 23.47
CA THR B 137 -0.56 -39.18 24.46
C THR B 137 -1.14 -39.33 25.86
N THR B 138 -2.27 -38.69 26.16
CA THR B 138 -2.92 -38.97 27.44
C THR B 138 -3.41 -40.41 27.49
N GLN B 139 -3.87 -40.95 26.37
CA GLN B 139 -4.33 -42.33 26.29
C GLN B 139 -3.20 -43.32 26.53
N LEU B 140 -1.96 -42.88 26.43
CA LEU B 140 -0.83 -43.77 26.70
C LEU B 140 -0.89 -44.26 28.15
N PRO B 141 -0.59 -45.52 28.40
CA PRO B 141 -0.41 -45.98 29.78
C PRO B 141 0.77 -45.28 30.42
N ARG B 142 0.68 -45.12 31.74
CA ARG B 142 1.73 -44.41 32.48
C ARG B 142 3.03 -45.24 32.44
N GLU B 143 4.06 -44.70 33.10
CA GLU B 143 5.44 -45.16 33.12
C GLU B 143 6.17 -44.73 31.85
N MET B 144 5.47 -44.10 30.90
CA MET B 144 6.13 -43.55 29.72
C MET B 144 5.56 -42.19 29.32
N GLY B 145 4.86 -41.52 30.23
CA GLY B 145 4.36 -40.18 29.99
C GLY B 145 2.89 -40.05 29.72
N GLY B 146 2.11 -41.12 29.88
CA GLY B 146 0.69 -41.09 29.58
C GLY B 146 -0.19 -41.05 30.81
N GLY B 147 -1.49 -41.01 30.57
CA GLY B 147 -2.46 -40.95 31.64
C GLY B 147 -3.45 -42.10 31.65
N GLU B 148 -3.50 -42.85 30.54
CA GLU B 148 -4.36 -44.02 30.42
C GLU B 148 -5.82 -43.68 30.66
N GLY B 149 -6.32 -42.67 29.94
CA GLY B 149 -7.69 -42.24 30.14
C GLY B 149 -8.18 -41.43 28.97
N LYS B 150 -9.46 -41.06 29.06
CA LYS B 150 -10.14 -40.34 27.99
C LYS B 150 -9.70 -38.88 27.95
N VAL B 151 -10.15 -38.18 26.91
CA VAL B 151 -9.86 -36.77 26.72
C VAL B 151 -11.18 -36.07 26.41
N ALA B 152 -11.35 -34.85 26.89
CA ALA B 152 -12.55 -34.06 26.66
C ALA B 152 -12.18 -32.85 25.81
N TYR B 153 -12.36 -32.98 24.50
CA TYR B 153 -11.94 -31.96 23.55
C TYR B 153 -13.09 -31.03 23.22
N ILE B 154 -12.89 -29.73 23.43
CA ILE B 154 -13.85 -28.71 23.07
C ILE B 154 -13.23 -27.82 22.01
N ASP B 155 -13.83 -27.80 20.83
CA ASP B 155 -13.32 -27.02 19.70
C ASP B 155 -14.17 -25.79 19.51
N THR B 156 -13.51 -24.63 19.39
CA THR B 156 -14.18 -23.36 19.18
C THR B 156 -13.85 -22.73 17.84
N GLU B 157 -13.16 -23.45 16.96
CA GLU B 157 -12.82 -22.90 15.66
C GLU B 157 -13.00 -23.88 14.50
N GLY B 158 -13.43 -25.12 14.77
CA GLY B 158 -13.58 -26.09 13.71
C GLY B 158 -12.28 -26.72 13.24
N THR B 159 -11.22 -26.62 14.02
CA THR B 159 -9.89 -27.09 13.63
C THR B 159 -9.60 -28.51 14.10
N PHE B 160 -10.54 -29.19 14.72
CA PHE B 160 -10.31 -30.53 15.24
C PHE B 160 -10.36 -31.53 14.09
N ARG B 161 -9.22 -32.14 13.78
CA ARG B 161 -9.16 -33.15 12.72
C ARG B 161 -9.03 -34.52 13.36
N PRO B 162 -10.07 -35.36 13.33
CA PRO B 162 -9.91 -36.73 13.84
C PRO B 162 -8.86 -37.54 13.10
N GLU B 163 -8.71 -37.30 11.79
CA GLU B 163 -7.70 -38.02 11.02
C GLU B 163 -6.30 -37.69 11.51
N ARG B 164 -6.07 -36.47 11.97
CA ARG B 164 -4.76 -36.12 12.52
C ARG B 164 -4.45 -36.94 13.76
N ILE B 165 -5.43 -37.11 14.65
CA ILE B 165 -5.25 -37.96 15.82
C ILE B 165 -5.02 -39.40 15.39
N LYS B 166 -5.76 -39.86 14.38
CA LYS B 166 -5.55 -41.21 13.87
C LYS B 166 -4.10 -41.41 13.43
N GLN B 167 -3.58 -40.46 12.65
CA GLN B 167 -2.23 -40.58 12.12
C GLN B 167 -1.19 -40.51 13.22
N ILE B 168 -1.37 -39.61 14.19
CA ILE B 168 -0.41 -39.51 15.29
C ILE B 168 -0.44 -40.77 16.15
N ALA B 169 -1.63 -41.31 16.40
CA ALA B 169 -1.75 -42.55 17.17
C ALA B 169 -1.07 -43.71 16.44
N GLU B 170 -1.23 -43.77 15.11
CA GLU B 170 -0.47 -44.74 14.34
C GLU B 170 1.02 -44.53 14.51
N GLY B 171 1.45 -43.27 14.56
CA GLY B 171 2.83 -42.98 14.87
C GLY B 171 3.23 -43.43 16.26
N TYR B 172 2.27 -43.47 17.19
CA TYR B 172 2.49 -43.94 18.55
C TYR B 172 2.16 -45.41 18.72
N GLU B 173 2.12 -46.16 17.62
CA GLU B 173 1.79 -47.59 17.58
C GLU B 173 0.62 -47.93 18.51
N LEU B 174 -0.53 -47.33 18.22
CA LEU B 174 -1.76 -47.59 18.94
C LEU B 174 -2.87 -47.93 17.94
N ASP B 175 -3.99 -48.41 18.46
CA ASP B 175 -5.15 -48.63 17.62
C ASP B 175 -5.87 -47.31 17.40
N PRO B 176 -5.90 -46.80 16.17
CA PRO B 176 -6.52 -45.49 15.93
C PRO B 176 -8.00 -45.44 16.25
N GLU B 177 -8.75 -46.52 16.02
CA GLU B 177 -10.19 -46.48 16.24
C GLU B 177 -10.53 -46.33 17.71
N SER B 178 -9.91 -47.11 18.59
CA SER B 178 -10.14 -46.95 20.02
C SER B 178 -9.64 -45.61 20.52
N CYS B 179 -8.50 -45.14 19.99
CA CYS B 179 -7.97 -43.85 20.39
C CYS B 179 -8.94 -42.73 20.05
N LEU B 180 -9.58 -42.80 18.88
CA LEU B 180 -10.61 -41.82 18.56
C LEU B 180 -11.86 -42.02 19.41
N ALA B 181 -12.23 -43.26 19.70
CA ALA B 181 -13.43 -43.52 20.48
C ALA B 181 -13.30 -42.98 21.90
N ASN B 182 -12.08 -42.92 22.43
CA ASN B 182 -11.90 -42.43 23.79
C ASN B 182 -12.12 -40.92 23.88
N VAL B 183 -11.53 -40.15 22.98
CA VAL B 183 -11.65 -38.71 23.03
C VAL B 183 -13.08 -38.31 22.69
N SER B 184 -13.67 -37.45 23.53
CA SER B 184 -15.05 -36.99 23.38
C SER B 184 -15.02 -35.56 22.89
N TYR B 185 -15.58 -35.33 21.70
CA TYR B 185 -15.45 -34.07 20.99
C TYR B 185 -16.73 -33.26 21.12
N ALA B 186 -16.58 -31.93 21.21
CA ALA B 186 -17.74 -31.04 21.25
C ALA B 186 -17.40 -29.74 20.53
N ARG B 187 -18.19 -29.40 19.52
CA ARG B 187 -18.01 -28.17 18.75
C ARG B 187 -18.84 -27.07 19.39
N ALA B 188 -18.16 -26.06 19.93
CA ALA B 188 -18.83 -24.93 20.57
C ALA B 188 -19.13 -23.88 19.52
N LEU B 189 -20.42 -23.71 19.20
CA LEU B 189 -20.82 -22.75 18.18
C LEU B 189 -20.66 -21.32 18.69
N ASN B 190 -21.06 -21.05 19.93
CA ASN B 190 -20.98 -19.73 20.51
C ASN B 190 -20.63 -19.87 21.99
N SER B 191 -20.38 -18.72 22.63
CA SER B 191 -19.88 -18.75 24.00
C SER B 191 -20.87 -19.39 24.96
N GLU B 192 -22.16 -19.10 24.80
CA GLU B 192 -23.15 -19.69 25.69
C GLU B 192 -23.19 -21.20 25.55
N HIS B 193 -23.07 -21.71 24.32
CA HIS B 193 -23.00 -23.16 24.13
C HIS B 193 -21.74 -23.73 24.74
N GLN B 194 -20.61 -23.01 24.61
CA GLN B 194 -19.36 -23.47 25.19
C GLN B 194 -19.49 -23.61 26.70
N MET B 195 -20.10 -22.63 27.35
CA MET B 195 -20.33 -22.74 28.79
C MET B 195 -21.26 -23.89 29.11
N GLU B 196 -22.44 -23.94 28.46
CA GLU B 196 -23.37 -25.02 28.73
C GLU B 196 -22.66 -26.37 28.65
N LEU B 197 -21.76 -26.51 27.68
CA LEU B 197 -20.94 -27.71 27.58
C LEU B 197 -20.06 -27.87 28.81
N VAL B 198 -19.41 -26.80 29.27
CA VAL B 198 -18.44 -27.00 30.35
C VAL B 198 -19.13 -27.37 31.67
N GLU B 199 -20.28 -26.76 31.97
CA GLU B 199 -21.02 -27.22 33.15
C GLU B 199 -21.63 -28.61 32.96
N GLN B 200 -22.07 -28.96 31.75
CA GLN B 200 -22.51 -30.34 31.57
C GLN B 200 -21.37 -31.34 31.56
N LEU B 201 -20.12 -30.87 31.48
CA LEU B 201 -18.97 -31.77 31.58
C LEU B 201 -18.96 -32.53 32.90
N GLY B 202 -19.59 -31.98 33.93
CA GLY B 202 -19.57 -32.65 35.24
C GLY B 202 -20.20 -34.02 35.19
N GLU B 203 -21.27 -34.18 34.41
CA GLU B 203 -21.94 -35.48 34.34
C GLU B 203 -21.05 -36.53 33.72
N GLU B 204 -20.42 -36.21 32.59
CA GLU B 204 -19.56 -37.16 31.91
C GLU B 204 -18.27 -37.42 32.67
N LEU B 205 -17.74 -36.40 33.36
CA LEU B 205 -16.51 -36.56 34.11
C LEU B 205 -16.69 -37.40 35.35
N SER B 206 -17.93 -37.60 35.81
CA SER B 206 -18.18 -38.37 37.01
C SER B 206 -17.71 -39.81 36.90
N SER B 207 -17.55 -40.32 35.68
CA SER B 207 -17.03 -41.68 35.50
C SER B 207 -15.60 -41.82 35.99
N GLY B 208 -14.84 -40.74 36.05
CA GLY B 208 -13.45 -40.83 36.45
C GLY B 208 -12.53 -41.43 35.41
N ASP B 209 -13.01 -41.61 34.18
CA ASP B 209 -12.20 -42.17 33.11
C ASP B 209 -11.30 -41.15 32.44
N TYR B 210 -11.63 -39.87 32.52
CA TYR B 210 -10.95 -38.84 31.76
C TYR B 210 -9.73 -38.34 32.52
N ARG B 211 -8.72 -37.89 31.77
CA ARG B 211 -7.54 -37.27 32.35
C ARG B 211 -7.21 -35.91 31.78
N LEU B 212 -7.89 -35.46 30.72
CA LEU B 212 -7.50 -34.23 30.05
C LEU B 212 -8.73 -33.57 29.47
N ILE B 213 -8.79 -32.24 29.58
CA ILE B 213 -9.86 -31.43 29.02
C ILE B 213 -9.20 -30.35 28.17
N VAL B 214 -9.24 -30.51 26.86
CA VAL B 214 -8.62 -29.57 25.93
C VAL B 214 -9.67 -28.55 25.52
N VAL B 215 -9.32 -27.28 25.60
CA VAL B 215 -10.18 -26.20 25.14
C VAL B 215 -9.41 -25.40 24.10
N ASP B 216 -9.75 -25.60 22.83
CA ASP B 216 -9.03 -25.01 21.70
C ASP B 216 -10.05 -24.34 20.78
N SER B 217 -10.14 -23.01 20.83
CA SER B 217 -9.36 -22.21 21.77
C SER B 217 -10.32 -21.58 22.77
N ILE B 218 -9.79 -21.13 23.90
CA ILE B 218 -10.65 -20.68 24.99
C ILE B 218 -11.40 -19.42 24.61
N MET B 219 -10.75 -18.49 23.92
CA MET B 219 -11.30 -17.17 23.68
C MET B 219 -11.85 -16.98 22.28
N ALA B 220 -12.00 -18.05 21.50
CA ALA B 220 -12.44 -17.89 20.12
C ALA B 220 -13.87 -17.41 20.03
N ASN B 221 -14.78 -18.04 20.79
CA ASN B 221 -16.18 -17.64 20.74
C ASN B 221 -16.40 -16.29 21.40
N PHE B 222 -15.54 -15.91 22.35
CA PHE B 222 -15.73 -14.66 23.06
C PHE B 222 -15.40 -13.44 22.19
N ARG B 223 -14.45 -13.58 21.26
CA ARG B 223 -14.10 -12.46 20.40
C ARG B 223 -15.24 -12.07 19.47
N VAL B 224 -16.16 -12.98 19.16
CA VAL B 224 -17.25 -12.69 18.27
C VAL B 224 -18.59 -12.55 18.98
N ASP B 225 -18.79 -13.23 20.11
CA ASP B 225 -20.05 -13.14 20.84
C ASP B 225 -20.15 -11.85 21.65
N TYR B 226 -19.05 -11.12 21.83
CA TYR B 226 -19.06 -9.84 22.50
C TYR B 226 -18.21 -8.86 21.70
N CYS B 227 -18.79 -7.71 21.37
CA CYS B 227 -18.10 -6.71 20.58
C CYS B 227 -18.42 -5.33 21.14
N GLY B 228 -17.48 -4.41 21.00
CA GLY B 228 -17.65 -3.07 21.55
C GLY B 228 -17.21 -2.98 22.99
N ARG B 229 -16.77 -1.79 23.37
CA ARG B 229 -16.23 -1.58 24.72
C ARG B 229 -17.26 -1.79 25.81
N GLY B 230 -18.55 -1.76 25.47
CA GLY B 230 -19.58 -1.96 26.48
C GLY B 230 -19.60 -3.36 27.06
N GLU B 231 -19.27 -4.37 26.26
CA GLU B 231 -19.41 -5.76 26.66
C GLU B 231 -18.13 -6.40 27.19
N LEU B 232 -17.03 -5.64 27.26
CA LEU B 232 -15.81 -6.17 27.89
C LEU B 232 -16.05 -6.53 29.35
N SER B 233 -16.84 -5.70 30.06
CA SER B 233 -17.12 -5.99 31.46
C SER B 233 -17.86 -7.31 31.61
N GLU B 234 -18.82 -7.58 30.71
CA GLU B 234 -19.52 -8.86 30.76
C GLU B 234 -18.62 -10.01 30.33
N ARG B 235 -17.69 -9.76 29.41
CA ARG B 235 -16.75 -10.79 28.98
C ARG B 235 -15.61 -10.93 29.97
N GLN B 237 -16.59 -11.07 33.13
CA GLN B 237 -16.87 -11.80 34.37
C GLN B 237 -17.45 -13.16 34.04
N LYS B 238 -18.18 -13.23 32.93
CA LYS B 238 -18.76 -14.51 32.52
C LYS B 238 -17.67 -15.48 32.08
N LEU B 239 -16.67 -14.98 31.35
CA LEU B 239 -15.49 -15.78 31.05
C LEU B 239 -14.74 -16.17 32.32
N ASN B 240 -14.71 -15.28 33.31
CA ASN B 240 -14.05 -15.60 34.57
C ASN B 240 -14.76 -16.74 35.27
N GLN B 241 -16.09 -16.73 35.26
CA GLN B 241 -16.85 -17.84 35.83
C GLN B 241 -16.59 -19.12 35.06
N HIS B 242 -16.48 -19.02 33.73
CA HIS B 242 -16.15 -20.18 32.91
C HIS B 242 -14.81 -20.78 33.32
N LEU B 243 -13.79 -19.94 33.44
CA LEU B 243 -12.47 -20.43 33.83
C LEU B 243 -12.47 -20.99 35.24
N PHE B 244 -13.23 -20.37 36.14
CA PHE B 244 -13.33 -20.91 37.49
C PHE B 244 -13.97 -22.29 37.49
N LYS B 245 -15.01 -22.49 36.68
CA LYS B 245 -15.62 -23.81 36.58
C LYS B 245 -14.64 -24.83 36.02
N LEU B 246 -13.86 -24.45 35.01
CA LEU B 246 -12.84 -25.34 34.48
C LEU B 246 -11.81 -25.70 35.55
N ASN B 247 -11.35 -24.71 36.31
CA ASN B 247 -10.38 -24.97 37.37
C ASN B 247 -10.95 -25.90 38.42
N ARG B 248 -12.21 -25.70 38.80
CA ARG B 248 -12.84 -26.57 39.77
C ARG B 248 -12.94 -27.99 39.26
N LEU B 249 -13.30 -28.17 37.98
CA LEU B 249 -13.35 -29.50 37.40
C LEU B 249 -11.98 -30.16 37.44
N ALA B 250 -10.94 -29.42 37.06
CA ALA B 250 -9.59 -29.98 37.08
C ALA B 250 -9.19 -30.39 38.50
N GLU B 251 -9.52 -29.55 39.48
CA GLU B 251 -9.14 -29.85 40.87
C GLU B 251 -9.88 -31.08 41.39
N GLU B 252 -11.18 -31.16 41.15
CA GLU B 252 -11.99 -32.23 41.71
C GLU B 252 -11.83 -33.56 40.99
N PHE B 253 -11.56 -33.55 39.69
CA PHE B 253 -11.63 -34.78 38.89
C PHE B 253 -10.27 -35.32 38.49
N ASN B 254 -9.17 -34.76 38.99
CA ASN B 254 -7.82 -35.23 38.69
C ASN B 254 -7.56 -35.22 37.18
N VAL B 255 -8.10 -34.22 36.49
CA VAL B 255 -7.89 -34.05 35.06
C VAL B 255 -7.11 -32.77 34.84
N ALA B 256 -6.31 -32.75 33.79
CA ALA B 256 -5.55 -31.57 33.42
C ALA B 256 -6.32 -30.77 32.39
N VAL B 257 -6.55 -29.49 32.68
CA VAL B 257 -7.28 -28.62 31.76
C VAL B 257 -6.24 -27.88 30.92
N PHE B 258 -6.22 -28.20 29.63
CA PHE B 258 -5.23 -27.69 28.70
C PHE B 258 -5.92 -26.67 27.80
N LEU B 259 -5.58 -25.39 27.98
CA LEU B 259 -6.19 -24.31 27.24
C LEU B 259 -5.31 -23.88 26.09
N THR B 260 -5.94 -23.37 25.03
CA THR B 260 -5.26 -22.79 23.90
C THR B 260 -5.70 -21.35 23.72
N ASN B 261 -4.75 -20.45 23.50
CA ASN B 261 -5.08 -19.03 23.37
C ASN B 261 -4.36 -18.44 22.17
N GLN B 262 -4.98 -17.45 21.55
CA GLN B 262 -4.43 -16.73 20.42
C GLN B 262 -3.95 -15.35 20.86
N VAL B 263 -2.76 -14.96 20.42
CA VAL B 263 -2.19 -13.67 20.75
C VAL B 263 -2.28 -12.77 19.52
N GLN B 264 -2.19 -11.46 19.77
CA GLN B 264 -2.25 -10.47 18.70
C GLN B 264 -1.02 -9.57 18.72
N HIS B 285 -5.24 -10.31 31.69
CA HIS B 285 -4.64 -10.29 33.02
C HIS B 285 -5.24 -11.36 33.91
N VAL B 286 -6.57 -11.36 34.02
CA VAL B 286 -7.26 -12.34 34.85
C VAL B 286 -7.09 -13.74 34.27
N LEU B 287 -7.05 -13.84 32.94
CA LEU B 287 -6.77 -15.12 32.30
C LEU B 287 -5.44 -15.70 32.76
N ALA B 288 -4.43 -14.86 32.94
CA ALA B 288 -3.15 -15.33 33.47
C ALA B 288 -3.31 -15.83 34.89
N HIS B 289 -4.15 -15.17 35.69
CA HIS B 289 -4.40 -15.62 37.06
C HIS B 289 -5.07 -16.98 37.07
N ALA B 290 -6.01 -17.21 36.15
CA ALA B 290 -6.76 -18.46 36.16
C ALA B 290 -5.86 -19.67 35.88
N SER B 291 -4.96 -19.55 34.91
CA SER B 291 -4.13 -20.67 34.51
C SER B 291 -3.02 -20.92 35.53
N ALA B 292 -2.86 -22.18 35.93
CA ALA B 292 -1.80 -22.52 36.89
C ALA B 292 -0.43 -22.39 36.26
N THR B 293 -0.23 -22.95 35.06
CA THR B 293 1.03 -22.86 34.36
C THR B 293 0.80 -22.41 32.93
N ARG B 294 1.79 -21.74 32.35
CA ARG B 294 1.68 -21.16 31.03
C ARG B 294 2.89 -21.52 30.19
N ILE B 295 2.66 -21.68 28.89
CA ILE B 295 3.71 -21.90 27.90
C ILE B 295 3.42 -21.00 26.71
N LEU B 296 4.46 -20.40 26.15
CA LEU B 296 4.34 -19.52 25.01
C LEU B 296 5.06 -20.16 23.83
N LEU B 297 4.40 -20.16 22.66
CA LEU B 297 4.95 -20.78 21.46
C LEU B 297 5.37 -19.69 20.48
N ARG B 298 6.55 -19.86 19.89
CA ARG B 298 7.04 -18.94 18.88
C ARG B 298 7.61 -19.71 17.70
N LYS B 299 7.50 -19.09 16.52
CA LYS B 299 8.11 -19.64 15.32
C LYS B 299 9.59 -19.31 15.28
N GLY B 300 10.39 -20.26 14.80
CA GLY B 300 11.81 -20.04 14.63
C GLY B 300 12.22 -20.04 13.18
N ARG B 301 13.49 -20.31 12.91
CA ARG B 301 13.96 -20.37 11.53
C ARG B 301 13.42 -21.62 10.85
N GLY B 302 12.86 -21.45 9.66
CA GLY B 302 12.26 -22.57 8.96
C GLY B 302 11.08 -23.12 9.73
N ASP B 303 11.02 -24.44 9.85
CA ASP B 303 9.94 -25.11 10.58
C ASP B 303 10.28 -25.33 12.05
N GLU B 304 11.45 -24.88 12.50
CA GLU B 304 11.81 -25.01 13.90
C GLU B 304 10.90 -24.16 14.77
N ARG B 305 10.42 -24.73 15.88
CA ARG B 305 9.51 -24.04 16.77
C ARG B 305 10.10 -24.04 18.17
N VAL B 306 9.80 -22.99 18.94
CA VAL B 306 10.35 -22.83 20.28
C VAL B 306 9.21 -22.66 21.27
N ALA B 307 9.34 -23.33 22.42
CA ALA B 307 8.36 -23.27 23.49
C ALA B 307 9.05 -22.75 24.75
N LYS B 308 8.47 -21.71 25.35
CA LYS B 308 9.04 -21.05 26.51
C LYS B 308 8.11 -21.22 27.70
N LEU B 309 8.65 -21.73 28.80
CA LEU B 309 7.87 -21.90 30.04
C LEU B 309 7.78 -20.55 30.73
N GLN B 310 6.84 -19.73 30.26
CA GLN B 310 6.73 -18.36 30.74
C GLN B 310 6.37 -18.31 32.22
N ASP B 311 5.50 -19.20 32.67
CA ASP B 311 5.09 -19.23 34.07
C ASP B 311 4.82 -20.68 34.47
N SER B 312 5.24 -21.04 35.67
CA SER B 312 5.08 -22.40 36.17
C SER B 312 5.01 -22.36 37.69
N PRO B 313 4.14 -23.17 38.30
CA PRO B 313 4.06 -23.16 39.77
C PRO B 313 5.35 -23.57 40.46
N ASP B 314 6.13 -24.48 39.88
CA ASP B 314 7.32 -24.98 40.56
C ASP B 314 8.52 -25.18 39.65
N MET B 315 8.55 -24.56 38.48
CA MET B 315 9.66 -24.74 37.56
C MET B 315 10.19 -23.38 37.10
N PRO B 316 11.48 -23.30 36.78
CA PRO B 316 12.04 -22.05 36.27
C PRO B 316 11.79 -21.89 34.78
N GLU B 317 11.95 -20.65 34.32
CA GLU B 317 11.78 -20.35 32.91
C GLU B 317 12.89 -20.99 32.10
N LYS B 318 12.50 -21.69 31.02
CA LYS B 318 13.46 -22.34 30.14
C LYS B 318 12.97 -22.23 28.70
N GLU B 319 13.74 -22.80 27.78
CA GLU B 319 13.42 -22.79 26.36
C GLU B 319 13.55 -24.20 25.83
N CYS B 320 12.64 -24.58 24.93
CA CYS B 320 12.66 -25.89 24.32
C CYS B 320 12.47 -25.76 22.82
N VAL B 321 13.09 -26.68 22.08
CA VAL B 321 12.97 -26.75 20.63
C VAL B 321 12.08 -27.94 20.29
N TYR B 322 11.11 -27.71 19.40
CA TYR B 322 10.19 -28.75 18.99
C TYR B 322 9.75 -28.51 17.55
N VAL B 323 9.26 -29.58 16.93
CA VAL B 323 8.75 -29.56 15.57
C VAL B 323 7.46 -30.36 15.51
N ILE B 324 6.67 -30.09 14.48
CA ILE B 324 5.41 -30.78 14.25
C ILE B 324 5.67 -31.81 13.16
N GLY B 325 6.03 -33.01 13.58
CA GLY B 325 6.29 -34.11 12.67
C GLY B 325 5.06 -34.97 12.46
N GLU B 326 5.29 -36.11 11.81
CA GLU B 326 4.20 -37.03 11.49
C GLU B 326 3.50 -37.56 12.74
N LYS B 327 4.15 -37.49 13.89
CA LYS B 327 3.53 -37.85 15.17
C LYS B 327 3.41 -36.64 16.08
N GLY B 328 2.99 -35.50 15.51
CA GLY B 328 2.68 -34.34 16.33
C GLY B 328 3.92 -33.65 16.87
N ILE B 329 3.81 -33.19 18.11
CA ILE B 329 4.91 -32.47 18.73
C ILE B 329 6.03 -33.45 19.05
N THR B 330 7.24 -33.14 18.58
CA THR B 330 8.38 -34.01 18.82
C THR B 330 9.65 -33.19 18.80
N ASP B 331 10.74 -33.81 19.26
CA ASP B 331 12.02 -33.14 19.31
C ASP B 331 12.54 -32.85 17.90
N SER B 332 13.32 -31.77 17.78
CA SER B 332 13.88 -31.41 16.49
C SER B 332 14.92 -32.42 16.01
N SER B 333 15.64 -33.06 16.93
CA SER B 333 16.63 -34.04 16.55
C SER B 333 15.99 -35.24 15.84
N ASP B 334 14.85 -35.69 16.34
CA ASP B 334 14.16 -36.84 15.76
C ASP B 334 13.16 -36.39 14.70
N ILE C 16 -28.93 -30.43 4.72
CA ILE C 16 -29.26 -29.19 5.42
C ILE C 16 -30.71 -29.24 5.90
N LEU C 17 -30.96 -28.70 7.09
CA LEU C 17 -32.30 -28.64 7.66
C LEU C 17 -32.66 -27.19 7.92
N SER C 18 -33.76 -26.74 7.32
CA SER C 18 -34.16 -25.34 7.38
C SER C 18 -34.89 -25.08 8.70
N VAL C 19 -35.56 -23.93 8.81
CA VAL C 19 -36.32 -23.61 10.01
C VAL C 19 -37.79 -23.95 9.89
N ASP C 20 -38.28 -24.26 8.69
CA ASP C 20 -39.72 -24.48 8.51
C ASP C 20 -40.17 -25.74 9.25
N GLU C 21 -39.42 -26.83 9.13
CA GLU C 21 -39.86 -28.14 9.61
C GLU C 21 -40.09 -28.12 11.12
N LEU C 22 -39.89 -26.96 11.75
CA LEU C 22 -40.18 -26.77 13.15
C LEU C 22 -41.68 -26.70 13.44
N GLN C 23 -42.56 -26.68 12.43
CA GLN C 23 -43.97 -26.43 12.70
C GLN C 23 -44.54 -27.46 13.67
N ASN C 24 -44.02 -28.70 13.60
CA ASN C 24 -44.53 -29.76 14.46
C ASN C 24 -44.05 -29.61 15.90
N TYR C 25 -42.86 -29.02 16.10
CA TYR C 25 -42.30 -28.92 17.44
C TYR C 25 -42.97 -27.85 18.29
N GLY C 26 -43.87 -27.05 17.72
CA GLY C 26 -44.60 -26.07 18.50
C GLY C 26 -44.16 -24.65 18.24
N ILE C 27 -43.85 -24.33 16.99
CA ILE C 27 -43.41 -23.00 16.59
C ILE C 27 -44.43 -22.44 15.60
N ASN C 28 -44.99 -21.27 15.92
CA ASN C 28 -45.98 -20.65 15.06
C ASN C 28 -45.32 -20.11 13.78
N ALA C 29 -46.14 -19.98 12.74
CA ALA C 29 -45.63 -19.46 11.47
C ALA C 29 -45.12 -18.03 11.61
N SER C 30 -45.69 -17.26 12.54
CA SER C 30 -45.23 -15.90 12.75
C SER C 30 -43.79 -15.87 13.25
N ASP C 31 -43.46 -16.75 14.19
CA ASP C 31 -42.09 -16.82 14.69
C ASP C 31 -41.12 -17.26 13.60
N LEU C 32 -41.53 -18.23 12.77
CA LEU C 32 -40.69 -18.66 11.67
C LEU C 32 -40.46 -17.53 10.67
N GLN C 33 -41.51 -16.75 10.38
CA GLN C 33 -41.37 -15.62 9.48
C GLN C 33 -40.45 -14.56 10.07
N LYS C 34 -40.54 -14.34 11.39
CA LYS C 34 -39.62 -13.41 12.04
C LYS C 34 -38.19 -13.89 11.93
N LEU C 35 -37.97 -15.20 12.09
CA LEU C 35 -36.63 -15.75 11.91
C LEU C 35 -36.15 -15.56 10.48
N LYS C 36 -37.03 -15.77 9.51
CA LYS C 36 -36.68 -15.53 8.11
C LYS C 36 -36.27 -14.08 7.90
N SER C 37 -37.03 -13.15 8.47
CA SER C 37 -36.70 -11.73 8.34
C SER C 37 -35.38 -11.40 9.02
N GLY C 38 -35.05 -12.10 10.09
CA GLY C 38 -33.80 -11.85 10.80
C GLY C 38 -32.58 -12.50 10.19
N GLY C 39 -32.72 -13.22 9.09
CA GLY C 39 -31.61 -13.94 8.50
C GLY C 39 -31.41 -15.34 9.04
N ILE C 40 -32.41 -15.91 9.69
CA ILE C 40 -32.32 -17.22 10.31
C ILE C 40 -33.11 -18.18 9.44
N TYR C 41 -32.42 -18.95 8.60
CA TYR C 41 -33.06 -19.79 7.60
C TYR C 41 -32.93 -21.28 7.86
N THR C 42 -31.98 -21.67 8.72
CA THR C 42 -31.72 -23.11 8.95
C THR C 42 -31.56 -23.38 10.45
N VAL C 43 -31.75 -24.63 10.86
CA VAL C 43 -31.57 -25.01 12.26
C VAL C 43 -30.15 -24.73 12.72
N ASN C 44 -29.17 -24.93 11.83
CA ASN C 44 -27.78 -24.71 12.20
C ASN C 44 -27.54 -23.27 12.62
N THR C 45 -28.10 -22.31 11.89
CA THR C 45 -27.96 -20.93 12.30
C THR C 45 -28.86 -20.57 13.47
N VAL C 46 -29.89 -21.37 13.75
CA VAL C 46 -30.63 -21.21 15.01
C VAL C 46 -29.73 -21.53 16.18
N LEU C 47 -29.02 -22.65 16.12
CA LEU C 47 -28.10 -23.02 17.19
C LEU C 47 -26.92 -22.05 17.27
N SER C 48 -26.36 -21.68 16.13
CA SER C 48 -25.18 -20.82 16.12
C SER C 48 -25.48 -19.44 16.71
N THR C 49 -26.63 -18.87 16.36
CA THR C 49 -26.96 -17.54 16.86
C THR C 49 -27.28 -17.61 18.35
N THR C 50 -26.66 -16.70 19.10
CA THR C 50 -26.85 -16.68 20.55
C THR C 50 -28.23 -16.14 20.89
N ARG C 51 -28.64 -16.38 22.14
CA ARG C 51 -29.91 -15.85 22.61
C ARG C 51 -29.92 -14.33 22.59
N ARG C 52 -28.78 -13.71 22.89
CA ARG C 52 -28.68 -12.25 22.85
C ARG C 52 -28.95 -11.72 21.44
N HIS C 53 -28.33 -12.35 20.43
CA HIS C 53 -28.56 -11.91 19.06
C HIS C 53 -29.95 -12.29 18.58
N LEU C 54 -30.50 -13.39 19.11
CA LEU C 54 -31.86 -13.78 18.76
C LEU C 54 -32.89 -12.81 19.32
N CYS C 55 -32.58 -12.17 20.45
CA CYS C 55 -33.54 -11.27 21.08
C CYS C 55 -33.79 -10.02 20.23
N LYS C 56 -32.74 -9.44 19.65
CA LYS C 56 -32.92 -8.18 18.92
C LYS C 56 -33.55 -8.38 17.54
N ILE C 57 -33.91 -9.61 17.17
CA ILE C 57 -34.63 -9.81 15.92
C ILE C 57 -35.97 -9.11 16.00
N LYS C 58 -36.34 -8.40 14.94
CA LYS C 58 -37.56 -7.60 14.94
C LYS C 58 -38.78 -8.48 15.18
N GLY C 59 -39.58 -8.10 16.18
CA GLY C 59 -40.76 -8.84 16.54
C GLY C 59 -40.54 -10.00 17.48
N LEU C 60 -39.30 -10.32 17.81
CA LEU C 60 -38.99 -11.46 18.68
C LEU C 60 -38.86 -10.99 20.11
N SER C 61 -39.53 -11.68 21.02
CA SER C 61 -39.49 -11.37 22.44
C SER C 61 -38.28 -12.03 23.10
N GLU C 62 -38.07 -11.68 24.36
CA GLU C 62 -36.98 -12.29 25.12
C GLU C 62 -37.39 -13.61 25.77
N VAL C 63 -38.61 -14.08 25.54
CA VAL C 63 -39.04 -15.38 26.03
C VAL C 63 -39.24 -16.39 24.90
N LYS C 64 -39.49 -15.94 23.67
CA LYS C 64 -39.67 -16.85 22.55
C LYS C 64 -38.35 -17.47 22.11
N VAL C 65 -37.26 -16.70 22.17
CA VAL C 65 -35.98 -17.18 21.66
C VAL C 65 -35.54 -18.44 22.40
N GLU C 66 -35.77 -18.49 23.70
CA GLU C 66 -35.42 -19.69 24.46
C GLU C 66 -36.18 -20.90 23.95
N LYS C 67 -37.51 -20.88 24.02
CA LYS C 67 -38.29 -22.04 23.60
C LYS C 67 -37.96 -22.45 22.18
N ILE C 68 -37.65 -21.48 21.32
CA ILE C 68 -37.12 -21.81 19.99
C ILE C 68 -35.82 -22.60 20.13
N LYS C 69 -34.95 -22.21 21.05
CA LYS C 69 -33.66 -22.88 21.20
C LYS C 69 -33.83 -24.32 21.67
N GLU C 70 -34.66 -24.55 22.70
CA GLU C 70 -34.88 -25.94 23.13
C GLU C 70 -35.59 -26.74 22.04
N ALA C 71 -36.48 -26.11 21.27
CA ALA C 71 -37.11 -26.82 20.17
C ALA C 71 -36.07 -27.25 19.13
N ALA C 72 -35.13 -26.36 18.81
CA ALA C 72 -34.12 -26.66 17.80
C ALA C 72 -33.12 -27.71 18.31
N GLY C 73 -32.85 -27.72 19.61
CA GLY C 73 -31.87 -28.66 20.14
C GLY C 73 -32.28 -30.11 19.97
N LYS C 74 -33.57 -30.38 19.84
CA LYS C 74 -34.04 -31.75 19.76
C LYS C 74 -33.72 -32.40 18.42
N ILE C 75 -33.76 -31.63 17.33
CA ILE C 75 -33.58 -32.23 16.01
C ILE C 75 -32.15 -32.74 15.84
N ILE C 76 -31.18 -31.83 15.93
CA ILE C 76 -29.76 -32.17 15.76
C ILE C 76 -29.14 -32.30 17.14
N GLN C 77 -28.45 -33.42 17.37
CA GLN C 77 -27.83 -33.68 18.67
C GLN C 77 -26.63 -32.78 18.84
N VAL C 78 -26.77 -31.74 19.65
CA VAL C 78 -25.70 -30.78 19.92
C VAL C 78 -25.21 -31.02 21.32
N GLY C 79 -24.13 -31.79 21.45
CA GLY C 79 -23.56 -32.10 22.75
C GLY C 79 -22.15 -32.64 22.66
N PHE C 80 -21.82 -33.60 23.52
CA PHE C 80 -20.50 -34.21 23.53
C PHE C 80 -20.62 -35.58 22.86
N ILE C 81 -19.78 -35.81 21.85
CA ILE C 81 -19.84 -37.05 21.07
C ILE C 81 -18.43 -37.63 20.94
N PRO C 82 -18.29 -38.94 20.80
CA PRO C 82 -16.97 -39.52 20.51
C PRO C 82 -16.50 -39.09 19.13
N ALA C 83 -15.18 -39.07 18.96
CA ALA C 83 -14.61 -38.56 17.71
C ALA C 83 -14.89 -39.44 16.51
N THR C 84 -15.38 -40.67 16.70
CA THR C 84 -15.70 -41.51 15.55
C THR C 84 -16.87 -40.95 14.77
N VAL C 85 -17.93 -40.53 15.47
CA VAL C 85 -19.03 -39.90 14.75
C VAL C 85 -18.62 -38.54 14.21
N GLN C 86 -17.63 -37.88 14.81
CA GLN C 86 -17.09 -36.65 14.23
C GLN C 86 -16.36 -36.93 12.92
N LEU C 87 -15.63 -38.05 12.85
CA LEU C 87 -15.07 -38.49 11.58
C LEU C 87 -16.17 -38.74 10.56
N ASP C 88 -17.26 -39.38 10.99
CA ASP C 88 -18.39 -39.58 10.11
C ASP C 88 -18.95 -38.25 9.62
N ILE C 89 -19.01 -37.25 10.51
CA ILE C 89 -19.51 -35.94 10.11
C ILE C 89 -18.59 -35.30 9.07
N ARG C 90 -17.29 -35.27 9.34
CA ARG C 90 -16.36 -34.67 8.39
C ARG C 90 -16.22 -35.48 7.11
N GLN C 91 -16.76 -36.70 7.08
CA GLN C 91 -16.77 -37.47 5.83
C GLN C 91 -17.65 -36.83 4.76
N ARG C 92 -18.56 -35.94 5.12
CA ARG C 92 -19.51 -35.39 4.16
C ARG C 92 -19.07 -34.08 3.53
N VAL C 93 -17.87 -33.61 3.80
CA VAL C 93 -17.34 -32.46 3.07
C VAL C 93 -16.83 -32.92 1.72
N TYR C 94 -16.92 -32.04 0.73
CA TYR C 94 -16.56 -32.37 -0.66
C TYR C 94 -15.26 -31.69 -1.03
N SER C 95 -14.38 -32.44 -1.69
CA SER C 95 -13.12 -31.91 -2.18
C SER C 95 -13.30 -31.49 -3.63
N LEU C 96 -13.83 -30.28 -3.81
CA LEU C 96 -14.09 -29.76 -5.15
C LEU C 96 -12.78 -29.63 -5.93
N SER C 97 -12.74 -30.26 -7.10
CA SER C 97 -11.53 -30.23 -7.91
C SER C 97 -11.25 -28.81 -8.38
N THR C 98 -9.98 -28.44 -8.40
CA THR C 98 -9.56 -27.15 -8.94
C THR C 98 -9.07 -27.25 -10.37
N GLY C 99 -9.42 -28.33 -11.06
CA GLY C 99 -9.02 -28.54 -12.45
C GLY C 99 -7.67 -29.20 -12.62
N SER C 100 -6.64 -28.66 -11.99
CA SER C 100 -5.30 -29.23 -12.05
C SER C 100 -5.22 -30.42 -11.10
N LYS C 101 -4.92 -31.60 -11.66
CA LYS C 101 -4.88 -32.81 -10.83
C LYS C 101 -3.76 -32.75 -9.81
N GLN C 102 -2.60 -32.19 -10.19
CA GLN C 102 -1.53 -32.03 -9.22
C GLN C 102 -1.91 -31.03 -8.14
N LEU C 103 -2.60 -29.96 -8.52
CA LEU C 103 -3.11 -29.02 -7.53
C LEU C 103 -4.18 -29.67 -6.66
N ASP C 104 -4.94 -30.62 -7.20
CA ASP C 104 -5.84 -31.42 -6.37
C ASP C 104 -5.05 -32.23 -5.34
N SER C 105 -3.97 -32.87 -5.78
CA SER C 105 -3.19 -33.71 -4.88
C SER C 105 -2.51 -32.89 -3.78
N ILE C 106 -1.97 -31.73 -4.13
CA ILE C 106 -1.21 -30.95 -3.16
C ILE C 106 -2.10 -30.44 -2.03
N LEU C 107 -3.36 -30.13 -2.32
CA LEU C 107 -4.31 -29.69 -1.29
C LEU C 107 -4.99 -30.85 -0.59
N GLY C 108 -4.73 -32.09 -1.01
CA GLY C 108 -5.44 -33.22 -0.47
C GLY C 108 -6.80 -33.46 -1.07
N GLY C 109 -7.01 -33.04 -2.32
CA GLY C 109 -8.30 -33.21 -2.97
C GLY C 109 -8.79 -31.92 -3.60
N GLY C 110 -8.21 -30.79 -3.17
CA GLY C 110 -8.59 -29.50 -3.68
C GLY C 110 -9.31 -28.66 -2.66
N ILE C 111 -10.15 -27.73 -3.12
CA ILE C 111 -10.90 -26.88 -2.22
C ILE C 111 -11.94 -27.72 -1.50
N MET C 112 -11.99 -27.59 -0.17
CA MET C 112 -12.89 -28.38 0.65
C MET C 112 -14.06 -27.53 1.12
N THR C 113 -15.25 -28.11 1.08
CA THR C 113 -16.42 -27.42 1.61
C THR C 113 -16.34 -27.35 3.13
N MET C 114 -17.15 -26.47 3.71
CA MET C 114 -17.24 -26.19 5.14
C MET C 114 -16.02 -25.43 5.65
N SER C 115 -15.01 -25.22 4.80
CA SER C 115 -13.80 -24.51 5.17
C SER C 115 -13.58 -23.37 4.19
N ILE C 116 -12.76 -22.41 4.61
CA ILE C 116 -12.46 -21.23 3.81
C ILE C 116 -11.07 -21.39 3.18
N THR C 117 -11.02 -21.22 1.86
CA THR C 117 -9.80 -21.33 1.09
C THR C 117 -9.66 -20.09 0.22
N GLU C 118 -8.46 -19.50 0.24
CA GLU C 118 -8.17 -18.27 -0.49
C GLU C 118 -7.06 -18.52 -1.49
N VAL C 119 -7.22 -17.93 -2.67
CA VAL C 119 -6.17 -17.89 -3.68
C VAL C 119 -5.76 -16.44 -3.85
N PHE C 120 -4.46 -16.19 -3.96
CA PHE C 120 -3.98 -14.82 -4.07
C PHE C 120 -2.68 -14.79 -4.84
N GLY C 121 -2.35 -13.61 -5.35
CA GLY C 121 -1.20 -13.42 -6.19
C GLY C 121 -1.27 -12.09 -6.89
N GLU C 122 -0.35 -11.88 -7.82
CA GLU C 122 -0.37 -10.66 -8.61
C GLU C 122 -1.52 -10.72 -9.62
N PHE C 123 -1.70 -9.62 -10.36
CA PHE C 123 -2.58 -9.66 -11.50
C PHE C 123 -1.99 -10.58 -12.57
N ARG C 124 -2.84 -11.00 -13.50
CA ARG C 124 -2.46 -11.82 -14.65
C ARG C 124 -2.05 -13.23 -14.26
N CYS C 125 -2.23 -13.62 -12.99
CA CYS C 125 -1.72 -14.90 -12.51
C CYS C 125 -2.67 -16.06 -12.76
N GLY C 126 -3.91 -15.81 -13.14
CA GLY C 126 -4.85 -16.88 -13.40
C GLY C 126 -5.75 -17.20 -12.23
N LYS C 127 -6.39 -16.18 -11.66
CA LYS C 127 -7.30 -16.36 -10.52
C LYS C 127 -8.75 -16.47 -10.97
N THR C 128 -9.21 -15.53 -11.78
CA THR C 128 -10.59 -15.58 -12.30
C THR C 128 -10.78 -16.89 -13.08
N GLN C 129 -9.75 -17.31 -13.82
CA GLN C 129 -9.84 -18.57 -14.55
C GLN C 129 -9.99 -19.75 -13.60
N MET C 130 -9.33 -19.69 -12.45
CA MET C 130 -9.54 -20.71 -11.42
C MET C 130 -10.98 -20.68 -10.93
N SER C 131 -11.53 -19.48 -10.73
CA SER C 131 -12.92 -19.37 -10.30
C SER C 131 -13.86 -19.98 -11.32
N HIS C 132 -13.64 -19.69 -12.61
CA HIS C 132 -14.49 -20.24 -13.65
C HIS C 132 -14.35 -21.75 -13.74
N THR C 133 -13.12 -22.27 -13.58
CA THR C 133 -12.91 -23.71 -13.59
C THR C 133 -13.66 -24.37 -12.45
N LEU C 134 -13.62 -23.77 -11.25
CA LEU C 134 -14.38 -24.29 -10.13
C LEU C 134 -15.87 -24.26 -10.43
N CYS C 135 -16.35 -23.16 -11.00
CA CYS C 135 -17.76 -23.04 -11.34
C CYS C 135 -18.19 -24.15 -12.29
N VAL C 136 -17.30 -24.57 -13.19
CA VAL C 136 -17.68 -25.56 -14.18
C VAL C 136 -17.57 -26.98 -13.62
N THR C 137 -16.52 -27.26 -12.85
CA THR C 137 -16.30 -28.61 -12.34
C THR C 137 -17.11 -28.90 -11.08
N THR C 138 -17.71 -27.88 -10.47
CA THR C 138 -18.47 -28.10 -9.20
C THR C 138 -19.74 -28.90 -9.50
N GLN C 139 -20.27 -28.81 -10.72
CA GLN C 139 -21.45 -29.58 -11.07
C GLN C 139 -21.11 -30.99 -11.54
N LEU C 140 -19.83 -31.36 -11.56
CA LEU C 140 -19.47 -32.73 -11.83
C LEU C 140 -19.83 -33.61 -10.64
N PRO C 141 -20.28 -34.83 -10.87
CA PRO C 141 -20.72 -35.68 -9.74
C PRO C 141 -19.54 -36.19 -8.93
N ARG C 142 -19.80 -37.08 -7.99
CA ARG C 142 -18.74 -37.62 -7.16
C ARG C 142 -17.83 -38.53 -7.98
N GLU C 143 -16.62 -38.75 -7.46
CA GLU C 143 -15.58 -39.64 -7.94
C GLU C 143 -14.74 -39.05 -9.08
N MET C 144 -15.04 -37.85 -9.56
CA MET C 144 -14.12 -37.12 -10.43
C MET C 144 -13.95 -35.67 -9.99
N GLY C 145 -13.90 -35.44 -8.68
CA GLY C 145 -13.50 -34.17 -8.12
C GLY C 145 -14.59 -33.12 -8.03
N GLY C 146 -15.81 -33.44 -8.45
CA GLY C 146 -16.90 -32.50 -8.34
C GLY C 146 -17.69 -32.69 -7.07
N GLY C 147 -18.61 -31.76 -6.83
CA GLY C 147 -19.47 -31.84 -5.67
C GLY C 147 -20.92 -32.13 -6.03
N GLU C 148 -21.25 -32.04 -7.32
CA GLU C 148 -22.62 -32.14 -7.79
C GLU C 148 -23.52 -31.14 -7.07
N GLY C 149 -22.98 -29.95 -6.83
CA GLY C 149 -23.73 -28.89 -6.19
C GLY C 149 -23.56 -27.60 -6.95
N LYS C 150 -24.54 -26.70 -6.77
CA LYS C 150 -24.56 -25.46 -7.51
C LYS C 150 -23.46 -24.53 -7.01
N VAL C 151 -23.33 -23.37 -7.67
CA VAL C 151 -22.30 -22.41 -7.37
C VAL C 151 -22.94 -21.03 -7.23
N ALA C 152 -22.49 -20.27 -6.25
CA ALA C 152 -22.79 -18.85 -6.15
C ALA C 152 -21.53 -18.08 -6.51
N TYR C 153 -21.62 -17.25 -7.54
CA TYR C 153 -20.51 -16.41 -7.96
C TYR C 153 -20.85 -14.97 -7.63
N ILE C 154 -19.95 -14.29 -6.93
CA ILE C 154 -20.03 -12.86 -6.71
C ILE C 154 -18.96 -12.22 -7.56
N ASP C 155 -19.37 -11.33 -8.46
CA ASP C 155 -18.45 -10.67 -9.38
C ASP C 155 -18.18 -9.27 -8.85
N THR C 156 -17.14 -9.15 -8.04
CA THR C 156 -16.72 -7.85 -7.55
C THR C 156 -15.92 -7.07 -8.58
N GLU C 157 -15.49 -7.72 -9.67
CA GLU C 157 -14.70 -7.09 -10.70
C GLU C 157 -15.45 -6.95 -12.03
N GLY C 158 -16.68 -7.43 -12.11
CA GLY C 158 -17.42 -7.35 -13.36
C GLY C 158 -16.86 -8.23 -14.45
N THR C 159 -16.09 -9.25 -14.11
CA THR C 159 -15.35 -10.04 -15.08
C THR C 159 -16.00 -11.38 -15.40
N PHE C 160 -17.22 -11.63 -14.91
CA PHE C 160 -17.91 -12.87 -15.23
C PHE C 160 -18.17 -12.96 -16.73
N ARG C 161 -17.75 -14.06 -17.33
CA ARG C 161 -17.87 -14.29 -18.77
C ARG C 161 -18.61 -15.61 -18.96
N PRO C 162 -19.94 -15.56 -19.03
CA PRO C 162 -20.72 -16.82 -19.09
C PRO C 162 -20.36 -17.70 -20.27
N GLU C 163 -19.97 -17.12 -21.40
CA GLU C 163 -19.55 -17.94 -22.53
C GLU C 163 -18.32 -18.77 -22.19
N ARG C 164 -17.45 -18.26 -21.33
CA ARG C 164 -16.32 -19.07 -20.88
C ARG C 164 -16.80 -20.28 -20.09
N ILE C 165 -17.80 -20.11 -19.24
CA ILE C 165 -18.34 -21.26 -18.51
C ILE C 165 -18.95 -22.26 -19.47
N LYS C 166 -19.68 -21.79 -20.48
CA LYS C 166 -20.22 -22.70 -21.48
C LYS C 166 -19.12 -23.43 -22.25
N GLN C 167 -18.04 -22.71 -22.56
CA GLN C 167 -16.90 -23.31 -23.24
C GLN C 167 -16.28 -24.43 -22.41
N ILE C 168 -15.99 -24.13 -21.14
CA ILE C 168 -15.37 -25.13 -20.29
C ILE C 168 -16.33 -26.30 -20.08
N ALA C 169 -17.64 -26.03 -20.02
CA ALA C 169 -18.60 -27.11 -19.92
C ALA C 169 -18.56 -28.02 -21.13
N GLU C 170 -18.46 -27.44 -22.34
CA GLU C 170 -18.24 -28.26 -23.53
C GLU C 170 -16.96 -29.06 -23.40
N GLY C 171 -15.90 -28.46 -22.85
CA GLY C 171 -14.68 -29.20 -22.61
C GLY C 171 -14.85 -30.37 -21.66
N TYR C 172 -15.79 -30.25 -20.72
CA TYR C 172 -16.03 -31.30 -19.74
C TYR C 172 -17.14 -32.25 -20.14
N GLU C 173 -17.70 -32.11 -21.35
CA GLU C 173 -18.71 -33.02 -21.88
C GLU C 173 -19.95 -33.05 -20.97
N LEU C 174 -20.55 -31.89 -20.80
CA LEU C 174 -21.81 -31.74 -20.07
C LEU C 174 -22.69 -30.77 -20.82
N ASP C 175 -24.01 -30.90 -20.61
CA ASP C 175 -24.95 -30.01 -21.27
C ASP C 175 -24.67 -28.57 -20.83
N PRO C 176 -24.12 -27.74 -21.72
CA PRO C 176 -23.65 -26.42 -21.28
C PRO C 176 -24.75 -25.53 -20.72
N GLU C 177 -25.97 -25.62 -21.26
CA GLU C 177 -27.05 -24.78 -20.75
C GLU C 177 -27.39 -25.17 -19.31
N SER C 178 -27.34 -26.47 -19.01
CA SER C 178 -27.58 -26.91 -17.64
C SER C 178 -26.52 -26.35 -16.70
N CYS C 179 -25.26 -26.43 -17.10
CA CYS C 179 -24.18 -25.90 -16.28
C CYS C 179 -24.31 -24.40 -16.09
N LEU C 180 -24.82 -23.69 -17.10
CA LEU C 180 -24.98 -22.26 -16.98
C LEU C 180 -26.15 -21.90 -16.07
N ALA C 181 -27.22 -22.69 -16.12
CA ALA C 181 -28.36 -22.44 -15.24
C ALA C 181 -28.03 -22.79 -13.79
N ASN C 182 -27.21 -23.82 -13.57
CA ASN C 182 -26.87 -24.24 -12.22
C ASN C 182 -26.01 -23.22 -11.50
N VAL C 183 -25.04 -22.63 -12.18
CA VAL C 183 -24.21 -21.60 -11.58
C VAL C 183 -25.03 -20.34 -11.38
N SER C 184 -24.93 -19.76 -10.19
CA SER C 184 -25.56 -18.47 -9.92
C SER C 184 -24.53 -17.36 -10.10
N TYR C 185 -25.01 -16.13 -10.02
CA TYR C 185 -24.15 -15.00 -10.34
C TYR C 185 -24.71 -13.72 -9.74
N ALA C 186 -23.82 -12.88 -9.21
CA ALA C 186 -24.18 -11.56 -8.76
C ALA C 186 -23.05 -10.62 -9.11
N ARG C 187 -23.40 -9.36 -9.38
CA ARG C 187 -22.44 -8.32 -9.65
C ARG C 187 -22.43 -7.39 -8.44
N ALA C 188 -21.40 -7.52 -7.61
CA ALA C 188 -21.29 -6.69 -6.42
C ALA C 188 -20.91 -5.27 -6.82
N LEU C 189 -21.91 -4.42 -7.02
CA LEU C 189 -21.66 -3.06 -7.49
C LEU C 189 -20.84 -2.27 -6.49
N ASN C 190 -20.94 -2.59 -5.21
CA ASN C 190 -20.14 -1.95 -4.18
C ASN C 190 -20.03 -2.90 -2.98
N SER C 191 -19.20 -2.51 -2.01
CA SER C 191 -18.96 -3.38 -0.87
C SER C 191 -20.24 -3.68 -0.11
N GLU C 192 -21.11 -2.68 0.05
CA GLU C 192 -22.36 -2.90 0.76
C GLU C 192 -23.31 -3.81 -0.03
N HIS C 193 -23.30 -3.72 -1.35
CA HIS C 193 -24.10 -4.68 -2.13
C HIS C 193 -23.59 -6.10 -1.95
N GLN C 194 -22.27 -6.28 -1.92
CA GLN C 194 -21.70 -7.59 -1.67
C GLN C 194 -22.07 -8.10 -0.28
N MET C 195 -22.03 -7.22 0.72
CA MET C 195 -22.43 -7.60 2.07
C MET C 195 -23.89 -8.00 2.11
N GLU C 196 -24.75 -7.22 1.46
CA GLU C 196 -26.17 -7.57 1.41
C GLU C 196 -26.38 -8.92 0.73
N LEU C 197 -25.60 -9.18 -0.32
CA LEU C 197 -25.72 -10.46 -1.03
C LEU C 197 -25.34 -11.62 -0.12
N VAL C 198 -24.18 -11.53 0.53
CA VAL C 198 -23.75 -12.63 1.39
C VAL C 198 -24.69 -12.79 2.57
N GLU C 199 -25.32 -11.70 3.02
CA GLU C 199 -26.32 -11.82 4.07
C GLU C 199 -27.59 -12.48 3.55
N GLN C 200 -27.92 -12.27 2.29
CA GLN C 200 -29.14 -12.82 1.71
C GLN C 200 -28.97 -14.27 1.25
N LEU C 201 -27.73 -14.77 1.15
CA LEU C 201 -27.53 -16.19 0.77
C LEU C 201 -28.29 -17.21 1.61
N GLY C 202 -28.97 -16.79 2.67
CA GLY C 202 -29.70 -17.73 3.49
C GLY C 202 -30.73 -18.53 2.71
N GLU C 203 -31.60 -17.84 1.97
CA GLU C 203 -32.71 -18.55 1.33
C GLU C 203 -32.32 -19.24 0.03
N GLU C 204 -31.11 -19.02 -0.48
CA GLU C 204 -30.62 -19.82 -1.60
C GLU C 204 -29.85 -21.04 -1.11
N LEU C 205 -28.96 -20.86 -0.14
CA LEU C 205 -28.22 -21.98 0.40
C LEU C 205 -29.11 -22.91 1.21
N SER C 206 -30.28 -22.44 1.65
CA SER C 206 -31.17 -23.29 2.45
C SER C 206 -31.71 -24.46 1.64
N SER C 207 -31.89 -24.28 0.32
CA SER C 207 -32.46 -25.36 -0.49
C SER C 207 -31.52 -26.53 -0.64
N GLY C 208 -30.25 -26.40 -0.26
CA GLY C 208 -29.31 -27.49 -0.33
C GLY C 208 -28.76 -27.79 -1.70
N ASP C 209 -29.09 -26.98 -2.70
CA ASP C 209 -28.58 -27.21 -4.05
C ASP C 209 -27.23 -26.56 -4.30
N TYR C 210 -26.82 -25.62 -3.46
CA TYR C 210 -25.60 -24.86 -3.67
C TYR C 210 -24.52 -25.36 -2.73
N ARG C 211 -23.35 -25.67 -3.29
CA ARG C 211 -22.25 -26.28 -2.55
C ARG C 211 -20.92 -25.61 -2.87
N LEU C 212 -20.97 -24.33 -3.20
CA LEU C 212 -19.78 -23.54 -3.49
C LEU C 212 -20.15 -22.06 -3.52
N ILE C 213 -19.39 -21.25 -2.81
CA ILE C 213 -19.42 -19.80 -2.97
C ILE C 213 -18.05 -19.38 -3.44
N VAL C 214 -18.00 -18.64 -4.55
CA VAL C 214 -16.75 -18.08 -5.06
C VAL C 214 -16.90 -16.57 -5.10
N VAL C 215 -15.92 -15.88 -4.54
CA VAL C 215 -15.88 -14.43 -4.54
C VAL C 215 -14.64 -14.01 -5.31
N ASP C 216 -14.83 -13.20 -6.34
CA ASP C 216 -13.75 -12.82 -7.25
C ASP C 216 -13.95 -11.38 -7.69
N SER C 217 -13.26 -10.46 -7.02
CA SER C 217 -12.42 -10.81 -5.89
C SER C 217 -13.20 -10.57 -4.60
N ILE C 218 -12.54 -10.70 -3.46
CA ILE C 218 -13.18 -10.41 -2.19
C ILE C 218 -12.91 -8.98 -1.75
N MET C 219 -11.73 -8.45 -2.04
CA MET C 219 -11.27 -7.21 -1.46
C MET C 219 -11.45 -6.00 -2.38
N ALA C 220 -11.86 -6.21 -3.63
CA ALA C 220 -11.85 -5.10 -4.59
C ALA C 220 -12.76 -3.96 -4.15
N ASN C 221 -14.03 -4.27 -3.87
CA ASN C 221 -14.95 -3.22 -3.45
C ASN C 221 -14.56 -2.64 -2.10
N PHE C 222 -13.95 -3.44 -1.24
CA PHE C 222 -13.47 -2.91 0.04
C PHE C 222 -12.36 -1.88 -0.18
N ARG C 223 -11.46 -2.13 -1.11
CA ARG C 223 -10.42 -1.16 -1.41
C ARG C 223 -10.98 0.05 -2.14
N VAL C 224 -12.04 -0.13 -2.92
CA VAL C 224 -12.60 1.01 -3.66
C VAL C 224 -13.39 1.93 -2.73
N ASP C 225 -14.32 1.37 -1.97
CA ASP C 225 -15.20 2.22 -1.15
C ASP C 225 -14.43 2.87 0.01
N TYR C 226 -13.56 2.11 0.66
CA TYR C 226 -12.80 2.60 1.80
C TYR C 226 -11.40 2.98 1.33
N CYS C 227 -11.17 4.27 1.14
CA CYS C 227 -9.88 4.80 0.71
C CYS C 227 -9.35 5.77 1.76
N GLY C 228 -8.06 5.70 2.02
CA GLY C 228 -7.46 6.51 3.05
C GLY C 228 -7.34 5.76 4.36
N ARG C 229 -6.28 6.07 5.10
CA ARG C 229 -5.95 5.34 6.33
C ARG C 229 -6.94 5.59 7.46
N GLY C 230 -7.86 6.55 7.30
CA GLY C 230 -8.78 6.87 8.37
C GLY C 230 -9.96 5.93 8.53
N GLU C 231 -10.07 4.92 7.67
CA GLU C 231 -11.18 3.97 7.77
C GLU C 231 -10.77 2.52 7.57
N LEU C 232 -9.47 2.22 7.39
CA LEU C 232 -9.03 0.85 7.19
C LEU C 232 -9.57 -0.07 8.29
N SER C 233 -9.38 0.33 9.55
CA SER C 233 -9.91 -0.46 10.66
C SER C 233 -11.40 -0.73 10.47
N GLU C 234 -12.16 0.31 10.15
CA GLU C 234 -13.56 0.14 9.77
C GLU C 234 -13.70 -0.98 8.74
N ARG C 235 -13.06 -0.80 7.58
CA ARG C 235 -12.98 -1.85 6.57
C ARG C 235 -12.71 -3.19 7.23
N GLN C 236 -11.61 -3.26 7.97
CA GLN C 236 -11.19 -4.52 8.58
C GLN C 236 -12.32 -5.12 9.39
N GLN C 237 -12.93 -4.34 10.29
CA GLN C 237 -13.96 -4.92 11.12
C GLN C 237 -15.16 -5.33 10.27
N LYS C 238 -15.54 -4.49 9.30
CA LYS C 238 -16.55 -4.91 8.34
C LYS C 238 -16.12 -6.19 7.66
N LEU C 239 -14.87 -6.22 7.18
CA LEU C 239 -14.31 -7.42 6.59
C LEU C 239 -14.49 -8.59 7.54
N ASN C 240 -14.13 -8.40 8.81
CA ASN C 240 -14.34 -9.44 9.82
C ASN C 240 -15.75 -10.00 9.70
N GLN C 241 -16.74 -9.13 9.89
CA GLN C 241 -18.12 -9.59 9.79
C GLN C 241 -18.35 -10.32 8.48
N HIS C 242 -17.98 -9.69 7.37
CA HIS C 242 -18.09 -10.33 6.06
C HIS C 242 -17.44 -11.70 6.10
N LEU C 243 -16.15 -11.73 6.42
CA LEU C 243 -15.44 -13.00 6.44
C LEU C 243 -16.11 -13.96 7.41
N PHE C 244 -16.48 -13.46 8.60
CA PHE C 244 -17.13 -14.33 9.57
C PHE C 244 -18.37 -14.96 8.95
N LYS C 245 -19.21 -14.14 8.34
CA LYS C 245 -20.43 -14.68 7.74
C LYS C 245 -20.09 -15.75 6.74
N LEU C 246 -19.09 -15.48 5.88
CA LEU C 246 -18.68 -16.48 4.90
C LEU C 246 -18.30 -17.77 5.60
N ASN C 247 -17.42 -17.67 6.60
CA ASN C 247 -17.04 -18.86 7.34
C ASN C 247 -18.24 -19.53 7.94
N ARG C 248 -19.15 -18.73 8.52
CA ARG C 248 -20.35 -19.30 9.09
C ARG C 248 -21.18 -19.99 8.02
N LEU C 249 -21.33 -19.33 6.85
CA LEU C 249 -22.06 -19.95 5.76
C LEU C 249 -21.37 -21.22 5.30
N ALA C 250 -20.04 -21.29 5.44
CA ALA C 250 -19.35 -22.52 5.11
C ALA C 250 -19.75 -23.64 6.06
N GLU C 251 -19.83 -23.34 7.36
CA GLU C 251 -20.01 -24.40 8.34
C GLU C 251 -21.44 -24.91 8.40
N GLU C 252 -22.41 -24.04 8.06
CA GLU C 252 -23.81 -24.42 8.19
C GLU C 252 -24.28 -25.23 7.00
N PHE C 253 -24.20 -24.66 5.81
CA PHE C 253 -24.69 -25.30 4.59
C PHE C 253 -23.67 -26.21 3.95
N ASN C 254 -22.47 -26.32 4.52
CA ASN C 254 -21.41 -27.19 4.02
C ASN C 254 -21.03 -26.79 2.59
N VAL C 255 -20.58 -25.56 2.45
CA VAL C 255 -20.17 -25.02 1.15
C VAL C 255 -18.75 -24.49 1.27
N ALA C 256 -17.97 -24.69 0.21
CA ALA C 256 -16.60 -24.19 0.16
C ALA C 256 -16.63 -22.71 -0.19
N VAL C 257 -15.92 -21.91 0.56
CA VAL C 257 -15.81 -20.47 0.29
C VAL C 257 -14.45 -20.24 -0.34
N PHE C 258 -14.47 -19.83 -1.60
CA PHE C 258 -13.26 -19.66 -2.42
C PHE C 258 -13.09 -18.17 -2.70
N LEU C 259 -12.17 -17.54 -1.98
CA LEU C 259 -11.90 -16.12 -2.13
C LEU C 259 -10.81 -15.89 -3.17
N THR C 260 -10.88 -14.75 -3.82
CA THR C 260 -9.82 -14.29 -4.70
C THR C 260 -9.33 -12.93 -4.21
N ASN C 261 -8.01 -12.73 -4.24
CA ASN C 261 -7.44 -11.49 -3.76
C ASN C 261 -6.22 -11.14 -4.60
N GLN C 262 -5.92 -9.85 -4.63
CA GLN C 262 -4.73 -9.32 -5.29
C GLN C 262 -3.64 -9.12 -4.23
N VAL C 263 -2.47 -8.67 -4.68
CA VAL C 263 -1.39 -8.36 -3.75
C VAL C 263 -0.72 -7.06 -4.17
N PRO C 281 1.63 -10.65 0.71
CA PRO C 281 0.20 -10.60 0.44
C PRO C 281 -0.50 -9.44 1.16
N ILE C 282 -1.76 -9.20 0.80
CA ILE C 282 -2.54 -8.14 1.43
C ILE C 282 -3.69 -8.79 2.20
N GLY C 283 -4.49 -7.96 2.88
CA GLY C 283 -5.53 -8.42 3.76
C GLY C 283 -5.13 -8.46 5.23
N GLY C 284 -3.82 -8.46 5.52
CA GLY C 284 -3.33 -8.32 6.86
C GLY C 284 -3.60 -9.54 7.73
N HIS C 285 -3.39 -9.32 9.03
CA HIS C 285 -3.64 -10.37 10.02
C HIS C 285 -5.10 -10.78 10.02
N VAL C 286 -6.01 -9.86 9.71
CA VAL C 286 -7.43 -10.18 9.66
C VAL C 286 -7.69 -11.28 8.63
N LEU C 287 -7.22 -11.08 7.41
CA LEU C 287 -7.45 -12.06 6.36
C LEU C 287 -6.61 -13.31 6.57
N ALA C 288 -5.42 -13.17 7.13
CA ALA C 288 -4.60 -14.34 7.41
C ALA C 288 -5.27 -15.25 8.43
N HIS C 289 -5.84 -14.67 9.49
CA HIS C 289 -6.51 -15.48 10.51
C HIS C 289 -7.84 -16.02 10.00
N ALA C 290 -8.57 -15.22 9.23
CA ALA C 290 -9.85 -15.69 8.69
C ALA C 290 -9.66 -16.85 7.72
N SER C 291 -8.66 -16.76 6.86
CA SER C 291 -8.46 -17.76 5.81
C SER C 291 -7.79 -19.00 6.37
N ALA C 292 -8.50 -20.12 6.34
CA ALA C 292 -7.93 -21.39 6.82
C ALA C 292 -6.89 -21.93 5.85
N THR C 293 -7.18 -21.91 4.55
CA THR C 293 -6.24 -22.39 3.55
C THR C 293 -5.84 -21.23 2.63
N ARG C 294 -4.56 -21.18 2.25
CA ARG C 294 -4.07 -20.09 1.43
C ARG C 294 -3.15 -20.62 0.34
N ILE C 295 -3.33 -20.11 -0.88
CA ILE C 295 -2.51 -20.48 -2.02
C ILE C 295 -1.99 -19.19 -2.68
N LEU C 296 -0.73 -19.21 -3.08
CA LEU C 296 -0.12 -18.13 -3.85
C LEU C 296 0.11 -18.60 -5.28
N LEU C 297 -0.20 -17.74 -6.23
CA LEU C 297 0.05 -18.01 -7.64
C LEU C 297 1.11 -17.06 -8.16
N ARG C 298 1.97 -17.55 -9.05
CA ARG C 298 2.93 -16.69 -9.72
C ARG C 298 3.21 -17.21 -11.12
N LYS C 299 3.70 -16.30 -11.96
CA LYS C 299 3.92 -16.58 -13.37
C LYS C 299 5.10 -17.53 -13.55
N GLY C 300 5.02 -18.34 -14.60
CA GLY C 300 6.13 -19.18 -14.99
C GLY C 300 6.62 -18.84 -16.38
N ARG C 301 6.85 -19.86 -17.20
CA ARG C 301 7.29 -19.67 -18.58
C ARG C 301 6.09 -19.76 -19.50
N GLY C 302 5.83 -18.69 -20.26
CA GLY C 302 4.68 -18.68 -21.15
C GLY C 302 3.38 -18.81 -20.38
N ASP C 303 2.54 -19.74 -20.81
CA ASP C 303 1.26 -19.99 -20.17
C ASP C 303 1.36 -20.93 -18.97
N GLU C 304 2.55 -21.46 -18.69
CA GLU C 304 2.77 -22.23 -17.47
C GLU C 304 2.83 -21.30 -16.27
N ARG C 305 2.08 -21.65 -15.22
CA ARG C 305 2.08 -20.90 -13.97
C ARG C 305 2.39 -21.86 -12.82
N VAL C 306 2.95 -21.32 -11.74
CA VAL C 306 3.38 -22.15 -10.62
C VAL C 306 2.73 -21.63 -9.34
N ALA C 307 2.23 -22.56 -8.53
CA ALA C 307 1.47 -22.26 -7.33
C ALA C 307 2.18 -22.83 -6.11
N LYS C 308 2.02 -22.13 -4.99
CA LYS C 308 2.64 -22.52 -3.72
C LYS C 308 1.57 -22.44 -2.64
N LEU C 309 1.25 -23.59 -2.03
CA LEU C 309 0.48 -23.55 -0.80
C LEU C 309 1.27 -22.79 0.25
N GLN C 310 0.62 -21.84 0.91
CA GLN C 310 1.29 -21.02 1.91
C GLN C 310 0.84 -21.33 3.33
N ASP C 311 -0.42 -21.70 3.50
CA ASP C 311 -0.95 -22.04 4.82
C ASP C 311 -2.08 -23.03 4.65
N SER C 312 -2.12 -24.04 5.51
CA SER C 312 -3.20 -25.03 5.50
C SER C 312 -3.18 -25.83 6.80
N PRO C 313 -4.34 -26.13 7.37
CA PRO C 313 -4.37 -26.90 8.63
C PRO C 313 -4.08 -28.38 8.44
N ASP C 314 -3.80 -28.84 7.24
CA ASP C 314 -3.65 -30.28 7.00
C ASP C 314 -2.31 -30.61 6.35
N MET C 315 -1.83 -29.75 5.46
CA MET C 315 -0.69 -30.09 4.64
C MET C 315 0.42 -29.05 4.78
N PRO C 316 1.66 -29.45 4.57
CA PRO C 316 2.77 -28.49 4.57
C PRO C 316 2.89 -27.80 3.21
N GLU C 317 3.72 -26.76 3.19
CA GLU C 317 3.94 -26.01 1.97
C GLU C 317 4.65 -26.87 0.93
N LYS C 318 4.20 -26.77 -0.32
CA LYS C 318 4.79 -27.49 -1.44
C LYS C 318 4.64 -26.63 -2.69
N GLU C 319 4.81 -27.24 -3.85
CA GLU C 319 4.74 -26.54 -5.13
C GLU C 319 3.86 -27.31 -6.10
N CYS C 320 3.30 -26.60 -7.07
CA CYS C 320 2.50 -27.21 -8.11
C CYS C 320 2.61 -26.42 -9.39
N VAL C 321 2.29 -27.08 -10.50
CA VAL C 321 2.39 -26.50 -11.83
C VAL C 321 1.04 -26.65 -12.53
N TYR C 322 0.59 -25.57 -13.15
CA TYR C 322 -0.69 -25.60 -13.85
C TYR C 322 -0.62 -24.74 -15.10
N VAL C 323 -1.67 -24.84 -15.92
CA VAL C 323 -1.77 -24.12 -17.17
C VAL C 323 -3.22 -23.70 -17.38
N ILE C 324 -3.40 -22.61 -18.11
CA ILE C 324 -4.72 -22.07 -18.42
C ILE C 324 -4.99 -22.36 -19.89
N GLY C 325 -5.89 -23.29 -20.16
CA GLY C 325 -6.18 -23.67 -21.53
C GLY C 325 -7.64 -23.63 -21.91
N GLU C 326 -7.97 -24.30 -23.02
CA GLU C 326 -9.32 -24.29 -23.56
C GLU C 326 -10.34 -24.81 -22.56
N LYS C 327 -9.90 -25.61 -21.59
CA LYS C 327 -10.77 -26.14 -20.55
C LYS C 327 -10.38 -25.61 -19.17
N GLY C 328 -9.96 -24.36 -19.09
CA GLY C 328 -9.70 -23.74 -17.80
C GLY C 328 -8.38 -24.13 -17.19
N ILE C 329 -8.33 -24.27 -15.87
CA ILE C 329 -7.10 -24.63 -15.18
C ILE C 329 -6.89 -26.14 -15.28
N THR C 330 -5.75 -26.54 -15.83
CA THR C 330 -5.42 -27.96 -15.96
C THR C 330 -3.94 -28.15 -15.70
N ASP C 331 -3.49 -29.40 -15.85
CA ASP C 331 -2.08 -29.70 -15.76
C ASP C 331 -1.37 -29.32 -17.05
N SER C 332 -0.05 -29.15 -16.96
CA SER C 332 0.73 -28.77 -18.13
C SER C 332 0.66 -29.85 -19.21
N SER C 333 0.63 -31.12 -18.81
CA SER C 333 0.54 -32.21 -19.77
C SER C 333 -0.80 -32.24 -20.48
N ASP C 334 -1.83 -31.59 -19.94
CA ASP C 334 -3.14 -31.55 -20.56
C ASP C 334 -3.12 -30.75 -21.86
N ILE D 16 -30.80 1.89 -21.35
CA ILE D 16 -30.37 2.84 -20.33
C ILE D 16 -31.59 3.43 -19.64
N LEU D 17 -31.59 3.42 -18.31
CA LEU D 17 -32.74 3.82 -17.51
C LEU D 17 -32.34 5.01 -16.64
N SER D 18 -32.73 6.21 -17.06
CA SER D 18 -32.28 7.42 -16.41
C SER D 18 -32.99 7.61 -15.07
N VAL D 19 -32.61 8.69 -14.36
CA VAL D 19 -33.18 8.97 -13.04
C VAL D 19 -34.59 9.53 -13.10
N ASP D 20 -35.17 9.68 -14.30
CA ASP D 20 -36.53 10.18 -14.40
C ASP D 20 -37.50 9.23 -13.72
N GLU D 21 -37.30 7.92 -13.89
CA GLU D 21 -38.21 6.93 -13.34
C GLU D 21 -38.20 6.87 -11.82
N LEU D 22 -37.36 7.68 -11.15
CA LEU D 22 -37.49 7.81 -9.72
C LEU D 22 -38.66 8.70 -9.33
N GLN D 23 -38.98 9.69 -10.16
CA GLN D 23 -40.01 10.67 -9.80
C GLN D 23 -41.35 9.99 -9.59
N ASN D 24 -41.75 9.13 -10.51
CA ASN D 24 -43.02 8.42 -10.36
C ASN D 24 -42.94 7.29 -9.34
N TYR D 25 -41.75 6.96 -8.86
CA TYR D 25 -41.60 5.95 -7.83
C TYR D 25 -41.57 6.53 -6.41
N GLY D 26 -41.71 7.84 -6.27
CA GLY D 26 -41.79 8.43 -4.96
C GLY D 26 -40.61 9.31 -4.59
N ILE D 27 -40.01 9.95 -5.60
CA ILE D 27 -38.85 10.81 -5.40
C ILE D 27 -39.21 12.22 -5.86
N ASN D 28 -38.90 13.20 -5.01
CA ASN D 28 -39.24 14.59 -5.32
C ASN D 28 -38.38 15.11 -6.46
N ALA D 29 -38.89 16.15 -7.13
CA ALA D 29 -38.15 16.78 -8.21
C ALA D 29 -36.89 17.46 -7.70
N SER D 30 -36.95 18.05 -6.50
CA SER D 30 -35.76 18.62 -5.90
C SER D 30 -34.70 17.55 -5.64
N ASP D 31 -35.14 16.38 -5.17
CA ASP D 31 -34.20 15.28 -4.95
C ASP D 31 -33.57 14.85 -6.26
N LEU D 32 -34.37 14.75 -7.32
CA LEU D 32 -33.82 14.38 -8.62
C LEU D 32 -32.81 15.40 -9.12
N GLN D 33 -33.11 16.69 -8.92
CA GLN D 33 -32.17 17.72 -9.37
C GLN D 33 -30.88 17.68 -8.55
N LYS D 34 -31.00 17.38 -7.26
CA LYS D 34 -29.80 17.21 -6.44
C LYS D 34 -28.97 16.02 -6.91
N LEU D 35 -29.64 14.93 -7.30
CA LEU D 35 -28.94 13.79 -7.89
C LEU D 35 -28.24 14.20 -9.18
N LYS D 36 -28.92 15.00 -10.01
CA LYS D 36 -28.29 15.51 -11.22
C LYS D 36 -27.04 16.31 -10.89
N SER D 37 -27.11 17.14 -9.86
CA SER D 37 -25.92 17.84 -9.38
C SER D 37 -24.91 16.88 -8.78
N GLY D 38 -25.39 15.75 -8.24
CA GLY D 38 -24.53 14.77 -7.62
C GLY D 38 -23.83 13.82 -8.58
N GLY D 39 -24.05 13.98 -9.88
CA GLY D 39 -23.44 13.10 -10.86
C GLY D 39 -24.19 11.83 -11.14
N ILE D 40 -25.39 11.67 -10.58
CA ILE D 40 -26.20 10.47 -10.80
C ILE D 40 -27.28 10.81 -11.82
N TYR D 41 -27.23 10.13 -12.97
CA TYR D 41 -28.19 10.38 -14.03
C TYR D 41 -28.92 9.13 -14.52
N THR D 42 -28.58 7.95 -14.01
CA THR D 42 -29.24 6.72 -14.41
C THR D 42 -29.57 5.88 -13.18
N VAL D 43 -30.56 5.01 -13.34
CA VAL D 43 -30.93 4.09 -12.27
C VAL D 43 -29.78 3.16 -11.93
N ASN D 44 -29.05 2.71 -12.95
CA ASN D 44 -27.90 1.86 -12.68
C ASN D 44 -26.83 2.59 -11.90
N THR D 45 -26.61 3.87 -12.18
CA THR D 45 -25.61 4.64 -11.45
C THR D 45 -25.96 4.76 -9.98
N VAL D 46 -27.23 5.07 -9.68
CA VAL D 46 -27.62 5.21 -8.27
C VAL D 46 -27.61 3.84 -7.59
N LEU D 47 -27.96 2.77 -8.30
CA LEU D 47 -27.85 1.44 -7.73
C LEU D 47 -26.40 1.04 -7.49
N SER D 48 -25.47 1.64 -8.21
CA SER D 48 -24.05 1.33 -8.06
C SER D 48 -23.31 2.31 -7.17
N THR D 49 -23.99 3.23 -6.51
CA THR D 49 -23.36 4.18 -5.62
C THR D 49 -23.61 3.78 -4.17
N THR D 50 -22.55 3.81 -3.37
CA THR D 50 -22.65 3.43 -1.97
C THR D 50 -23.44 4.47 -1.18
N ARG D 51 -24.21 3.98 -0.19
CA ARG D 51 -24.98 4.87 0.67
C ARG D 51 -24.11 5.95 1.29
N ARG D 52 -22.95 5.56 1.84
CA ARG D 52 -22.03 6.54 2.36
C ARG D 52 -21.54 7.48 1.26
N HIS D 53 -21.28 6.94 0.07
CA HIS D 53 -20.91 7.80 -1.06
C HIS D 53 -22.07 8.66 -1.53
N LEU D 54 -23.29 8.12 -1.49
CA LEU D 54 -24.44 8.87 -1.97
C LEU D 54 -24.81 10.03 -1.04
N CYS D 55 -24.62 9.87 0.27
CA CYS D 55 -24.93 10.94 1.19
C CYS D 55 -23.87 12.03 1.23
N LYS D 56 -22.67 11.76 0.67
CA LYS D 56 -21.63 12.77 0.62
C LYS D 56 -22.00 13.97 -0.24
N ILE D 57 -22.97 13.81 -1.14
CA ILE D 57 -23.35 14.89 -2.04
C ILE D 57 -24.01 16.00 -1.24
N LYS D 58 -23.60 17.24 -1.48
CA LYS D 58 -24.14 18.37 -0.73
C LYS D 58 -25.63 18.53 -0.98
N GLY D 59 -26.35 18.88 0.08
CA GLY D 59 -27.80 18.98 0.02
C GLY D 59 -28.53 17.67 0.15
N LEU D 60 -27.82 16.56 0.34
CA LEU D 60 -28.42 15.25 0.48
C LEU D 60 -28.24 14.75 1.90
N SER D 61 -29.34 14.39 2.55
CA SER D 61 -29.31 13.86 3.90
C SER D 61 -29.31 12.34 3.88
N GLU D 62 -28.75 11.76 4.96
CA GLU D 62 -28.60 10.31 5.03
C GLU D 62 -29.93 9.59 5.13
N VAL D 63 -31.03 10.28 5.45
CA VAL D 63 -32.32 9.61 5.56
C VAL D 63 -32.94 9.40 4.18
N LYS D 64 -32.81 10.38 3.30
CA LYS D 64 -33.46 10.30 2.00
C LYS D 64 -32.72 9.39 1.02
N VAL D 65 -31.42 9.21 1.20
CA VAL D 65 -30.66 8.34 0.31
C VAL D 65 -31.18 6.91 0.40
N GLU D 66 -31.63 6.51 1.58
CA GLU D 66 -32.17 5.16 1.76
C GLU D 66 -33.40 4.93 0.90
N LYS D 67 -34.40 5.81 1.03
CA LYS D 67 -35.60 5.69 0.21
C LYS D 67 -35.29 5.81 -1.27
N ILE D 68 -34.34 6.67 -1.64
CA ILE D 68 -33.87 6.70 -3.03
C ILE D 68 -33.35 5.32 -3.44
N LYS D 69 -32.61 4.66 -2.55
CA LYS D 69 -32.02 3.37 -2.89
C LYS D 69 -33.09 2.32 -3.17
N GLU D 70 -34.09 2.19 -2.29
CA GLU D 70 -35.11 1.20 -2.64
C GLU D 70 -35.99 1.65 -3.80
N ALA D 71 -36.19 2.95 -4.00
CA ALA D 71 -36.92 3.39 -5.18
C ALA D 71 -36.20 2.94 -6.44
N ALA D 72 -34.87 3.07 -6.47
CA ALA D 72 -34.10 2.56 -7.59
C ALA D 72 -34.17 1.04 -7.68
N GLY D 73 -34.18 0.36 -6.53
CA GLY D 73 -34.14 -1.09 -6.54
C GLY D 73 -35.44 -1.75 -6.99
N LYS D 74 -36.58 -1.09 -6.82
CA LYS D 74 -37.83 -1.71 -7.24
C LYS D 74 -37.94 -1.83 -8.76
N ILE D 75 -37.41 -0.86 -9.51
CA ILE D 75 -37.61 -0.86 -10.95
C ILE D 75 -36.84 -2.01 -11.61
N ILE D 76 -35.63 -2.27 -11.16
CA ILE D 76 -34.84 -3.40 -11.66
C ILE D 76 -34.17 -4.08 -10.47
N GLN D 77 -34.23 -5.41 -10.45
CA GLN D 77 -33.72 -6.17 -9.33
C GLN D 77 -32.21 -6.35 -9.45
N VAL D 78 -31.52 -6.26 -8.32
CA VAL D 78 -30.09 -6.52 -8.24
C VAL D 78 -29.87 -7.62 -7.20
N GLY D 79 -29.11 -8.64 -7.59
CA GLY D 79 -28.90 -9.79 -6.72
C GLY D 79 -28.52 -11.03 -7.50
N PHE D 80 -29.07 -12.18 -7.10
CA PHE D 80 -28.78 -13.43 -7.78
C PHE D 80 -29.72 -13.61 -8.97
N ILE D 81 -29.14 -13.64 -10.16
CA ILE D 81 -29.88 -13.85 -11.40
C ILE D 81 -29.21 -15.03 -12.10
N PRO D 82 -29.96 -16.01 -12.59
CA PRO D 82 -29.33 -17.18 -13.20
C PRO D 82 -28.41 -16.79 -14.35
N ALA D 83 -27.28 -17.47 -14.44
CA ALA D 83 -26.27 -17.09 -15.42
C ALA D 83 -26.78 -17.18 -16.85
N THR D 84 -27.86 -17.93 -17.08
CA THR D 84 -28.50 -17.90 -18.39
C THR D 84 -29.04 -16.50 -18.69
N VAL D 85 -29.66 -15.87 -17.70
CA VAL D 85 -30.16 -14.51 -17.91
C VAL D 85 -29.00 -13.53 -18.05
N GLN D 86 -27.91 -13.76 -17.31
CA GLN D 86 -26.72 -12.93 -17.48
C GLN D 86 -26.14 -13.09 -18.88
N LEU D 87 -26.20 -14.29 -19.44
CA LEU D 87 -25.76 -14.49 -20.81
C LEU D 87 -26.68 -13.78 -21.80
N ASP D 88 -27.98 -13.82 -21.55
CA ASP D 88 -28.91 -13.09 -22.40
C ASP D 88 -28.63 -11.59 -22.35
N ILE D 89 -28.33 -11.07 -21.16
CA ILE D 89 -27.94 -9.67 -21.03
C ILE D 89 -26.64 -9.41 -21.78
N ARG D 90 -25.67 -10.31 -21.64
CA ARG D 90 -24.40 -10.13 -22.34
C ARG D 90 -24.57 -10.16 -23.84
N GLN D 91 -25.64 -10.79 -24.35
CA GLN D 91 -25.86 -10.84 -25.77
C GLN D 91 -26.14 -9.49 -26.40
N ARG D 92 -26.45 -8.46 -25.60
CA ARG D 92 -26.73 -7.15 -26.18
C ARG D 92 -25.46 -6.40 -26.56
N VAL D 93 -24.30 -6.80 -26.02
CA VAL D 93 -23.08 -6.08 -26.32
C VAL D 93 -22.78 -6.16 -27.82
N TYR D 94 -22.20 -5.10 -28.34
CA TYR D 94 -21.89 -5.00 -29.76
C TYR D 94 -20.39 -4.91 -29.96
N SER D 95 -19.89 -5.64 -30.95
CA SER D 95 -18.47 -5.64 -31.28
C SER D 95 -18.19 -4.44 -32.17
N LEU D 96 -17.41 -3.50 -31.66
CA LEU D 96 -17.07 -2.30 -32.42
C LEU D 96 -15.90 -2.63 -33.34
N SER D 97 -16.18 -2.78 -34.63
CA SER D 97 -15.17 -3.25 -35.56
C SER D 97 -14.08 -2.20 -35.74
N THR D 98 -12.83 -2.65 -35.64
CA THR D 98 -11.70 -1.77 -35.92
C THR D 98 -11.59 -1.44 -37.41
N GLY D 99 -12.28 -2.18 -38.27
CA GLY D 99 -12.13 -2.07 -39.70
C GLY D 99 -11.25 -3.15 -40.31
N SER D 100 -10.42 -3.81 -39.51
CA SER D 100 -9.59 -4.91 -39.95
C SER D 100 -10.31 -6.21 -39.62
N LYS D 101 -10.69 -6.96 -40.66
CA LYS D 101 -11.43 -8.19 -40.44
C LYS D 101 -10.63 -9.20 -39.64
N GLN D 102 -9.34 -9.35 -39.95
CA GLN D 102 -8.50 -10.26 -39.17
C GLN D 102 -8.33 -9.77 -37.74
N LEU D 103 -8.10 -8.47 -37.54
CA LEU D 103 -8.00 -7.95 -36.19
C LEU D 103 -9.33 -7.98 -35.47
N ASP D 104 -10.44 -7.87 -36.22
CA ASP D 104 -11.74 -8.13 -35.63
C ASP D 104 -11.82 -9.56 -35.12
N SER D 105 -11.32 -10.51 -35.91
CA SER D 105 -11.34 -11.91 -35.52
C SER D 105 -10.50 -12.15 -34.27
N ILE D 106 -9.32 -11.55 -34.20
CA ILE D 106 -8.45 -11.79 -33.05
C ILE D 106 -8.97 -11.12 -31.78
N LEU D 107 -10.01 -10.30 -31.88
CA LEU D 107 -10.68 -9.73 -30.72
C LEU D 107 -12.14 -10.16 -30.61
N GLY D 108 -12.59 -11.08 -31.46
CA GLY D 108 -13.97 -11.52 -31.42
C GLY D 108 -14.96 -10.60 -32.08
N GLY D 109 -14.53 -9.83 -33.08
CA GLY D 109 -15.38 -8.87 -33.75
C GLY D 109 -15.00 -7.43 -33.52
N GLY D 110 -13.99 -7.16 -32.71
CA GLY D 110 -13.56 -5.79 -32.47
C GLY D 110 -13.50 -5.44 -31.00
N ILE D 111 -13.59 -4.15 -30.69
CA ILE D 111 -13.55 -3.70 -29.31
C ILE D 111 -14.86 -4.05 -28.64
N MET D 112 -14.77 -4.69 -27.47
CA MET D 112 -15.96 -5.08 -26.73
C MET D 112 -16.46 -3.91 -25.89
N THR D 113 -17.80 -3.81 -25.78
CA THR D 113 -18.39 -2.83 -24.90
C THR D 113 -18.26 -3.31 -23.45
N MET D 114 -18.79 -2.55 -22.51
CA MET D 114 -18.77 -2.86 -21.09
C MET D 114 -17.36 -3.02 -20.55
N SER D 115 -16.34 -2.53 -21.25
CA SER D 115 -14.97 -2.83 -20.91
C SER D 115 -14.04 -1.72 -21.39
N ILE D 116 -12.81 -1.76 -20.92
CA ILE D 116 -11.80 -0.74 -21.22
C ILE D 116 -10.76 -1.35 -22.15
N THR D 117 -10.44 -0.62 -23.22
CA THR D 117 -9.42 -1.02 -24.18
C THR D 117 -8.27 -0.04 -24.12
N GLU D 118 -7.05 -0.56 -24.06
CA GLU D 118 -5.83 0.22 -23.99
C GLU D 118 -4.92 -0.17 -25.13
N VAL D 119 -4.36 0.82 -25.82
CA VAL D 119 -3.47 0.59 -26.94
C VAL D 119 -2.20 1.41 -26.72
N PHE D 120 -1.04 0.77 -26.88
CA PHE D 120 0.23 1.44 -26.65
C PHE D 120 1.24 1.00 -27.69
N GLY D 121 2.24 1.84 -27.89
CA GLY D 121 3.29 1.57 -28.84
C GLY D 121 4.07 2.83 -29.14
N GLU D 122 5.06 2.67 -30.02
CA GLU D 122 5.83 3.81 -30.48
C GLU D 122 4.97 4.67 -31.42
N PHE D 123 5.46 5.87 -31.72
CA PHE D 123 4.68 6.82 -32.49
C PHE D 123 4.53 6.37 -33.93
N ARG D 124 3.48 6.91 -34.57
CA ARG D 124 3.12 6.57 -35.94
C ARG D 124 2.88 5.07 -36.09
N CYS D 125 2.15 4.49 -35.13
CA CYS D 125 1.77 3.08 -35.18
C CYS D 125 0.29 2.89 -35.51
N GLY D 126 -0.47 3.97 -35.70
CA GLY D 126 -1.85 3.86 -36.11
C GLY D 126 -2.88 3.95 -35.01
N LYS D 127 -2.47 4.26 -33.78
CA LYS D 127 -3.42 4.32 -32.67
C LYS D 127 -4.43 5.44 -32.87
N THR D 128 -3.97 6.62 -33.27
CA THR D 128 -4.89 7.70 -33.61
C THR D 128 -5.76 7.31 -34.80
N GLN D 129 -5.16 6.63 -35.78
CA GLN D 129 -5.94 6.10 -36.89
C GLN D 129 -6.97 5.09 -36.41
N MET D 130 -6.60 4.24 -35.45
CA MET D 130 -7.56 3.30 -34.88
C MET D 130 -8.72 4.04 -34.21
N SER D 131 -8.41 5.10 -33.47
CA SER D 131 -9.46 5.88 -32.83
C SER D 131 -10.40 6.46 -33.86
N HIS D 132 -9.85 7.01 -34.94
CA HIS D 132 -10.69 7.59 -35.99
C HIS D 132 -11.55 6.52 -36.66
N THR D 133 -10.97 5.35 -36.92
CA THR D 133 -11.73 4.29 -37.59
C THR D 133 -12.87 3.81 -36.72
N LEU D 134 -12.63 3.64 -35.42
CA LEU D 134 -13.73 3.29 -34.52
C LEU D 134 -14.77 4.40 -34.48
N CYS D 135 -14.31 5.65 -34.46
CA CYS D 135 -15.20 6.80 -34.42
C CYS D 135 -16.10 6.85 -35.65
N VAL D 136 -15.65 6.29 -36.76
CA VAL D 136 -16.48 6.27 -37.96
C VAL D 136 -17.33 5.00 -38.04
N THR D 137 -16.78 3.85 -37.65
CA THR D 137 -17.54 2.60 -37.77
C THR D 137 -18.60 2.46 -36.70
N THR D 138 -18.52 3.21 -35.59
CA THR D 138 -19.57 3.14 -34.59
C THR D 138 -20.92 3.51 -35.17
N GLN D 139 -20.95 4.40 -36.16
CA GLN D 139 -22.22 4.77 -36.79
C GLN D 139 -22.78 3.66 -37.65
N LEU D 140 -21.96 2.69 -38.04
CA LEU D 140 -22.45 1.60 -38.87
C LEU D 140 -23.50 0.80 -38.10
N PRO D 141 -24.50 0.26 -38.79
CA PRO D 141 -25.52 -0.53 -38.10
C PRO D 141 -24.99 -1.85 -37.58
N ARG D 142 -25.85 -2.63 -36.94
CA ARG D 142 -25.46 -3.95 -36.47
C ARG D 142 -25.06 -4.83 -37.66
N GLU D 143 -24.48 -5.98 -37.35
CA GLU D 143 -23.94 -6.96 -38.31
C GLU D 143 -22.99 -6.32 -39.33
N MET D 144 -22.61 -5.06 -39.12
CA MET D 144 -21.64 -4.39 -39.97
C MET D 144 -20.50 -3.81 -39.13
N GLY D 145 -20.29 -4.34 -37.94
CA GLY D 145 -19.19 -3.94 -37.09
C GLY D 145 -19.43 -2.70 -36.26
N GLY D 146 -20.63 -2.14 -36.28
CA GLY D 146 -20.93 -0.93 -35.55
C GLY D 146 -22.20 -1.07 -34.72
N GLY D 147 -22.26 -0.31 -33.64
CA GLY D 147 -23.41 -0.31 -32.77
C GLY D 147 -24.53 0.61 -33.18
N GLU D 148 -24.44 1.24 -34.35
CA GLU D 148 -25.43 2.20 -34.82
C GLU D 148 -25.66 3.30 -33.78
N GLY D 149 -24.56 3.74 -33.17
CA GLY D 149 -24.64 4.69 -32.08
C GLY D 149 -23.64 5.82 -32.24
N LYS D 150 -23.79 6.82 -31.38
CA LYS D 150 -22.98 8.01 -31.45
C LYS D 150 -21.60 7.76 -30.84
N VAL D 151 -20.71 8.72 -31.03
CA VAL D 151 -19.34 8.65 -30.55
C VAL D 151 -19.07 9.88 -29.70
N ALA D 152 -18.20 9.73 -28.69
CA ALA D 152 -17.68 10.83 -27.92
C ALA D 152 -16.17 10.75 -27.94
N TYR D 153 -15.52 11.84 -28.36
CA TYR D 153 -14.08 11.84 -28.55
C TYR D 153 -13.50 12.83 -27.55
N ILE D 154 -12.57 12.35 -26.72
CA ILE D 154 -11.91 13.16 -25.70
C ILE D 154 -10.45 13.27 -26.12
N ASP D 155 -10.07 14.42 -26.65
CA ASP D 155 -8.76 14.60 -27.27
C ASP D 155 -7.80 15.24 -26.27
N THR D 156 -6.66 14.58 -26.06
CA THR D 156 -5.61 15.12 -25.22
C THR D 156 -4.40 15.60 -26.00
N GLU D 157 -4.07 14.96 -27.11
CA GLU D 157 -2.92 15.33 -27.92
C GLU D 157 -3.27 16.31 -29.04
N GLY D 158 -4.55 16.62 -29.23
CA GLY D 158 -4.94 17.56 -30.27
C GLY D 158 -4.68 17.07 -31.68
N THR D 159 -4.91 15.79 -31.95
CA THR D 159 -4.68 15.21 -33.26
C THR D 159 -5.97 14.79 -33.96
N PHE D 160 -7.11 15.33 -33.52
CA PHE D 160 -8.39 15.02 -34.15
C PHE D 160 -8.49 15.73 -35.49
N ARG D 161 -9.02 15.00 -36.48
CA ARG D 161 -9.17 15.52 -37.84
C ARG D 161 -10.53 15.12 -38.39
N PRO D 162 -11.53 16.00 -38.32
CA PRO D 162 -12.84 15.66 -38.91
C PRO D 162 -12.77 15.33 -40.39
N GLU D 163 -11.75 15.84 -41.08
CA GLU D 163 -11.55 15.46 -42.47
C GLU D 163 -11.30 13.96 -42.59
N ARG D 164 -10.60 13.38 -41.62
CA ARG D 164 -10.37 11.94 -41.64
C ARG D 164 -11.68 11.18 -41.46
N ILE D 165 -12.57 11.66 -40.58
CA ILE D 165 -13.87 11.02 -40.42
C ILE D 165 -14.67 11.11 -41.71
N LYS D 166 -14.67 12.27 -42.37
CA LYS D 166 -15.37 12.37 -43.64
C LYS D 166 -14.77 11.42 -44.67
N GLN D 167 -13.45 11.30 -44.71
CA GLN D 167 -12.80 10.41 -45.66
C GLN D 167 -13.17 8.95 -45.40
N ILE D 168 -13.19 8.54 -44.13
CA ILE D 168 -13.54 7.16 -43.81
C ILE D 168 -15.01 6.90 -44.09
N ALA D 169 -15.88 7.87 -43.82
CA ALA D 169 -17.29 7.71 -44.15
C ALA D 169 -17.48 7.58 -45.66
N GLU D 170 -16.64 8.28 -46.44
CA GLU D 170 -16.63 8.05 -47.87
C GLU D 170 -16.16 6.63 -48.19
N GLY D 171 -15.18 6.13 -47.44
CA GLY D 171 -14.65 4.80 -47.71
C GLY D 171 -15.64 3.70 -47.46
N TYR D 172 -16.43 3.82 -46.40
CA TYR D 172 -17.44 2.81 -46.06
C TYR D 172 -18.79 3.07 -46.72
N GLU D 173 -18.86 4.06 -47.61
CA GLU D 173 -20.11 4.48 -48.24
C GLU D 173 -21.12 4.94 -47.19
N LEU D 174 -20.71 5.94 -46.41
CA LEU D 174 -21.58 6.60 -45.45
C LEU D 174 -21.58 8.10 -45.72
N ASP D 175 -22.66 8.75 -45.35
CA ASP D 175 -22.76 10.19 -45.51
C ASP D 175 -21.73 10.86 -44.61
N PRO D 176 -20.76 11.61 -45.14
CA PRO D 176 -19.79 12.26 -44.27
C PRO D 176 -20.41 13.20 -43.27
N GLU D 177 -21.47 13.92 -43.68
CA GLU D 177 -22.13 14.85 -42.76
C GLU D 177 -22.83 14.10 -41.64
N SER D 178 -23.44 12.95 -41.94
CA SER D 178 -24.16 12.20 -40.92
C SER D 178 -23.21 11.64 -39.86
N CYS D 179 -22.15 10.95 -40.30
CA CYS D 179 -21.20 10.41 -39.34
C CYS D 179 -20.46 11.51 -38.59
N LEU D 180 -20.12 12.60 -39.30
CA LEU D 180 -19.48 13.74 -38.68
C LEU D 180 -20.40 14.39 -37.66
N ALA D 181 -21.72 14.27 -37.85
CA ALA D 181 -22.69 14.85 -36.93
C ALA D 181 -22.85 14.04 -35.66
N ASN D 182 -22.72 12.73 -35.74
CA ASN D 182 -22.94 11.86 -34.59
C ASN D 182 -21.72 11.73 -33.71
N VAL D 183 -20.78 12.66 -33.78
CA VAL D 183 -19.57 12.64 -32.98
C VAL D 183 -19.54 13.89 -32.11
N SER D 184 -19.52 13.69 -30.80
CA SER D 184 -19.42 14.79 -29.85
C SER D 184 -17.97 14.89 -29.40
N TYR D 185 -17.36 16.04 -29.66
CA TYR D 185 -15.92 16.22 -29.49
C TYR D 185 -15.62 17.18 -28.36
N ALA D 186 -14.54 16.89 -27.63
CA ALA D 186 -14.07 17.80 -26.59
C ALA D 186 -12.59 17.57 -26.38
N ARG D 187 -11.84 18.65 -26.19
CA ARG D 187 -10.41 18.55 -25.93
C ARG D 187 -10.17 18.42 -24.44
N ALA D 188 -9.42 17.40 -24.05
CA ALA D 188 -9.00 17.22 -22.67
C ALA D 188 -7.71 18.01 -22.49
N LEU D 189 -7.86 19.29 -22.17
CA LEU D 189 -6.70 20.19 -22.15
C LEU D 189 -5.67 19.73 -21.11
N ASN D 190 -6.12 19.38 -19.91
CA ASN D 190 -5.25 18.97 -18.83
C ASN D 190 -5.74 17.67 -18.21
N SER D 191 -4.95 17.14 -17.28
CA SER D 191 -5.32 15.90 -16.62
C SER D 191 -6.62 16.05 -15.85
N GLU D 192 -6.68 17.09 -15.01
CA GLU D 192 -7.91 17.35 -14.23
C GLU D 192 -9.08 17.53 -15.19
N HIS D 193 -8.95 18.46 -16.14
CA HIS D 193 -10.04 18.72 -17.06
C HIS D 193 -10.48 17.43 -17.73
N GLN D 194 -9.53 16.53 -17.98
CA GLN D 194 -9.89 15.18 -18.42
C GLN D 194 -10.75 14.47 -17.38
N MET D 195 -10.40 14.61 -16.10
CA MET D 195 -11.18 13.95 -15.05
C MET D 195 -12.64 14.42 -15.07
N GLU D 196 -12.87 15.74 -15.00
CA GLU D 196 -14.28 16.14 -14.98
C GLU D 196 -14.95 16.04 -16.34
N LEU D 197 -14.21 16.02 -17.45
CA LEU D 197 -14.86 15.77 -18.72
C LEU D 197 -15.35 14.34 -18.79
N VAL D 198 -14.61 13.40 -18.18
CA VAL D 198 -15.10 12.04 -18.00
C VAL D 198 -16.28 12.03 -17.04
N GLU D 199 -16.18 12.80 -15.95
CA GLU D 199 -17.22 12.80 -14.92
C GLU D 199 -18.57 13.25 -15.48
N GLN D 200 -18.56 14.29 -16.32
CA GLN D 200 -19.79 14.86 -16.85
C GLN D 200 -20.31 14.13 -18.08
N LEU D 201 -19.89 12.89 -18.30
CA LEU D 201 -20.45 12.12 -19.40
C LEU D 201 -21.81 11.53 -19.09
N GLY D 202 -22.29 11.67 -17.85
CA GLY D 202 -23.60 11.13 -17.52
C GLY D 202 -24.71 11.75 -18.33
N GLU D 203 -24.69 13.07 -18.48
CA GLU D 203 -25.72 13.75 -19.26
C GLU D 203 -25.74 13.24 -20.69
N GLU D 204 -24.55 13.12 -21.30
CA GLU D 204 -24.48 12.70 -22.69
C GLU D 204 -24.92 11.25 -22.87
N LEU D 205 -24.44 10.36 -22.02
CA LEU D 205 -24.79 8.95 -22.17
C LEU D 205 -26.19 8.61 -21.68
N SER D 206 -26.84 9.51 -20.94
CA SER D 206 -28.20 9.26 -20.48
C SER D 206 -29.19 9.16 -21.64
N SER D 207 -28.85 9.72 -22.80
CA SER D 207 -29.66 9.49 -23.98
C SER D 207 -29.64 8.03 -24.40
N GLY D 208 -28.54 7.34 -24.15
CA GLY D 208 -28.43 5.93 -24.44
C GLY D 208 -27.98 5.60 -25.85
N ASP D 209 -27.88 6.58 -26.73
CA ASP D 209 -27.49 6.30 -28.10
C ASP D 209 -26.00 6.01 -28.22
N TYR D 210 -25.20 6.48 -27.26
CA TYR D 210 -23.76 6.33 -27.36
C TYR D 210 -23.35 4.87 -27.27
N ARG D 211 -22.29 4.53 -28.00
CA ARG D 211 -21.72 3.19 -27.94
C ARG D 211 -20.21 3.21 -27.81
N LEU D 212 -19.57 4.38 -27.90
CA LEU D 212 -18.11 4.44 -27.86
C LEU D 212 -17.66 5.75 -27.22
N ILE D 213 -16.63 5.67 -26.40
CA ILE D 213 -15.95 6.83 -25.82
C ILE D 213 -14.47 6.60 -26.02
N VAL D 214 -13.77 7.58 -26.59
CA VAL D 214 -12.36 7.43 -26.93
C VAL D 214 -11.55 8.53 -26.27
N VAL D 215 -10.48 8.13 -25.57
CA VAL D 215 -9.53 9.06 -24.96
C VAL D 215 -8.16 8.76 -25.51
N ASP D 216 -7.51 9.78 -26.07
CA ASP D 216 -6.26 9.61 -26.79
C ASP D 216 -5.47 10.90 -26.60
N SER D 217 -4.45 10.86 -25.74
CA SER D 217 -4.03 9.65 -25.05
C SER D 217 -4.27 9.75 -23.55
N ILE D 218 -4.30 8.61 -22.87
CA ILE D 218 -4.68 8.59 -21.46
C ILE D 218 -3.62 9.23 -20.58
N MET D 219 -2.34 8.93 -20.84
CA MET D 219 -1.26 9.35 -19.96
C MET D 219 -0.61 10.66 -20.37
N ALA D 220 -0.98 11.21 -21.53
CA ALA D 220 -0.27 12.39 -22.04
C ALA D 220 -0.40 13.57 -21.08
N ASN D 221 -1.60 13.80 -20.55
CA ASN D 221 -1.81 14.92 -19.66
C ASN D 221 -1.19 14.66 -18.28
N PHE D 222 -1.34 13.44 -17.77
CA PHE D 222 -0.84 13.15 -16.43
C PHE D 222 0.68 13.18 -16.37
N ARG D 223 1.34 12.69 -17.42
CA ARG D 223 2.80 12.65 -17.41
C ARG D 223 3.41 14.05 -17.33
N VAL D 224 2.76 15.03 -17.95
CA VAL D 224 3.30 16.39 -17.92
C VAL D 224 2.76 17.19 -16.73
N ASP D 225 1.58 16.85 -16.22
CA ASP D 225 1.04 17.59 -15.08
C ASP D 225 1.72 17.23 -13.77
N TYR D 226 2.24 16.01 -13.65
CA TYR D 226 2.94 15.57 -12.45
C TYR D 226 4.33 15.08 -12.86
N CYS D 227 5.31 15.97 -12.75
CA CYS D 227 6.69 15.65 -13.12
C CYS D 227 7.58 15.78 -11.90
N GLY D 228 8.49 14.82 -11.73
CA GLY D 228 9.35 14.76 -10.58
C GLY D 228 8.94 13.68 -9.60
N ARG D 229 9.91 12.88 -9.14
CA ARG D 229 9.62 11.70 -8.34
C ARG D 229 9.04 12.04 -6.97
N GLY D 230 8.83 13.33 -6.70
CA GLY D 230 8.28 13.74 -5.42
C GLY D 230 6.80 13.48 -5.28
N GLU D 231 6.08 13.27 -6.37
CA GLU D 231 4.64 13.08 -6.30
C GLU D 231 4.09 11.97 -7.18
N LEU D 232 4.92 11.27 -7.95
CA LEU D 232 4.43 10.17 -8.79
C LEU D 232 3.43 9.30 -8.07
N SER D 233 3.75 8.88 -6.85
CA SER D 233 2.86 8.05 -6.05
C SER D 233 1.45 8.60 -6.07
N GLU D 234 1.25 9.83 -5.57
CA GLU D 234 -0.09 10.39 -5.55
C GLU D 234 -0.63 10.54 -6.97
N ARG D 235 0.23 10.95 -7.90
CA ARG D 235 -0.20 11.01 -9.29
C ARG D 235 -0.84 9.71 -9.71
N GLN D 236 -0.18 8.59 -9.37
CA GLN D 236 -0.71 7.29 -9.73
C GLN D 236 -2.16 7.13 -9.29
N GLN D 237 -2.43 7.39 -7.99
CA GLN D 237 -3.78 7.13 -7.51
C GLN D 237 -4.77 8.04 -8.21
N LYS D 238 -4.35 9.27 -8.51
CA LYS D 238 -5.19 10.15 -9.32
C LYS D 238 -5.56 9.44 -10.61
N LEU D 239 -4.55 9.06 -11.40
CA LEU D 239 -4.81 8.29 -12.60
C LEU D 239 -5.69 7.09 -12.28
N ASN D 240 -5.35 6.37 -11.21
CA ASN D 240 -6.10 5.18 -10.86
C ASN D 240 -7.57 5.49 -10.68
N GLN D 241 -7.90 6.52 -9.90
CA GLN D 241 -9.32 6.82 -9.69
C GLN D 241 -9.96 7.20 -11.01
N HIS D 242 -9.23 7.96 -11.83
CA HIS D 242 -9.70 8.23 -13.20
C HIS D 242 -10.06 6.93 -13.89
N LEU D 243 -9.10 6.01 -13.94
CA LEU D 243 -9.35 4.72 -14.57
C LEU D 243 -10.56 4.06 -13.95
N PHE D 244 -10.67 4.09 -12.62
CA PHE D 244 -11.80 3.47 -11.97
C PHE D 244 -13.10 4.00 -12.54
N LYS D 245 -13.23 5.33 -12.60
CA LYS D 245 -14.43 5.92 -13.17
C LYS D 245 -14.65 5.41 -14.57
N LEU D 246 -13.61 5.46 -15.41
CA LEU D 246 -13.74 4.97 -16.78
C LEU D 246 -14.31 3.57 -16.78
N ASN D 247 -13.75 2.70 -15.93
CA ASN D 247 -14.21 1.32 -15.89
C ASN D 247 -15.70 1.26 -15.59
N ARG D 248 -16.13 1.92 -14.51
CA ARG D 248 -17.55 1.91 -14.23
C ARG D 248 -18.31 2.66 -15.31
N LEU D 249 -17.73 3.73 -15.85
CA LEU D 249 -18.41 4.45 -16.91
C LEU D 249 -18.61 3.57 -18.14
N ALA D 250 -17.88 2.47 -18.23
CA ALA D 250 -18.05 1.57 -19.36
C ALA D 250 -19.20 0.59 -19.15
N GLU D 251 -19.55 0.30 -17.90
CA GLU D 251 -20.41 -0.86 -17.64
C GLU D 251 -21.90 -0.53 -17.79
N GLU D 252 -22.44 0.32 -16.91
CA GLU D 252 -23.88 0.54 -16.92
C GLU D 252 -24.36 1.16 -18.23
N PHE D 253 -23.50 1.87 -18.94
CA PHE D 253 -23.92 2.56 -20.15
C PHE D 253 -23.73 1.73 -21.41
N ASN D 254 -23.19 0.52 -21.28
CA ASN D 254 -22.96 -0.36 -22.42
C ASN D 254 -22.16 0.35 -23.50
N VAL D 255 -21.07 1.00 -23.09
CA VAL D 255 -20.19 1.69 -24.01
C VAL D 255 -18.84 0.98 -24.00
N ALA D 256 -18.07 1.24 -25.04
CA ALA D 256 -16.71 0.77 -25.15
C ALA D 256 -15.77 1.97 -25.03
N VAL D 257 -14.87 1.93 -24.07
CA VAL D 257 -13.91 3.00 -23.85
C VAL D 257 -12.59 2.58 -24.46
N PHE D 258 -12.07 3.40 -25.36
CA PHE D 258 -10.83 3.15 -26.07
C PHE D 258 -9.77 4.12 -25.56
N LEU D 259 -8.83 3.59 -24.79
CA LEU D 259 -7.76 4.39 -24.21
C LEU D 259 -6.50 4.20 -25.04
N THR D 260 -5.83 5.30 -25.37
CA THR D 260 -4.59 5.24 -26.12
C THR D 260 -3.43 5.59 -25.19
N ASN D 261 -2.33 4.85 -25.30
CA ASN D 261 -1.19 5.02 -24.40
C ASN D 261 0.09 5.22 -25.20
N GLN D 262 1.05 5.89 -24.56
CA GLN D 262 2.36 6.14 -25.12
C GLN D 262 3.43 5.43 -24.29
N VAL D 263 4.34 4.74 -24.97
CA VAL D 263 5.44 4.05 -24.28
C VAL D 263 6.78 4.54 -24.79
N ALA D 290 -5.95 -2.29 -14.61
CA ALA D 290 -7.30 -1.73 -14.68
C ALA D 290 -7.88 -1.87 -16.08
N SER D 291 -7.03 -1.76 -17.09
CA SER D 291 -7.47 -1.88 -18.47
C SER D 291 -7.74 -3.35 -18.80
N ALA D 292 -8.99 -3.66 -19.14
CA ALA D 292 -9.37 -5.05 -19.39
C ALA D 292 -8.70 -5.62 -20.63
N THR D 293 -8.53 -4.81 -21.67
CA THR D 293 -7.83 -5.23 -22.87
C THR D 293 -6.61 -4.35 -23.09
N ARG D 294 -5.49 -4.98 -23.49
CA ARG D 294 -4.26 -4.25 -23.78
C ARG D 294 -3.69 -4.72 -25.10
N ILE D 295 -3.27 -3.77 -25.93
CA ILE D 295 -2.75 -4.03 -27.26
C ILE D 295 -1.45 -3.29 -27.45
N LEU D 296 -0.47 -3.96 -28.05
CA LEU D 296 0.80 -3.38 -28.44
C LEU D 296 0.86 -3.25 -29.96
N LEU D 297 1.29 -2.08 -30.43
CA LEU D 297 1.46 -1.83 -31.85
C LEU D 297 2.92 -1.52 -32.13
N ARG D 298 3.49 -2.19 -33.13
CA ARG D 298 4.89 -2.03 -33.47
C ARG D 298 5.04 -1.70 -34.95
N LYS D 299 6.09 -0.97 -35.26
CA LYS D 299 6.41 -0.61 -36.64
C LYS D 299 7.02 -1.80 -37.37
N GLY D 300 6.55 -2.05 -38.59
CA GLY D 300 7.06 -3.15 -39.38
C GLY D 300 7.80 -2.68 -40.62
N ARG D 301 8.11 -3.60 -41.52
CA ARG D 301 8.83 -3.25 -42.74
C ARG D 301 7.94 -2.41 -43.65
N GLY D 302 8.47 -1.29 -44.13
CA GLY D 302 7.69 -0.43 -45.01
C GLY D 302 6.53 0.20 -44.27
N ASP D 303 5.35 0.16 -44.88
CA ASP D 303 4.17 0.85 -44.37
C ASP D 303 3.27 -0.02 -43.51
N GLU D 304 3.61 -1.30 -43.30
CA GLU D 304 2.79 -2.17 -42.48
C GLU D 304 3.26 -2.16 -41.03
N ARG D 305 2.33 -2.44 -40.13
CA ARG D 305 2.60 -2.53 -38.71
C ARG D 305 2.08 -3.84 -38.15
N VAL D 306 2.56 -4.18 -36.95
CA VAL D 306 2.26 -5.45 -36.30
C VAL D 306 1.46 -5.17 -35.04
N ALA D 307 0.40 -5.94 -34.83
CA ALA D 307 -0.45 -5.83 -33.65
C ALA D 307 -0.33 -7.08 -32.81
N LYS D 308 -0.21 -6.89 -31.49
CA LYS D 308 -0.08 -7.97 -30.54
C LYS D 308 -1.01 -7.70 -29.37
N LEU D 309 -1.60 -8.76 -28.84
CA LEU D 309 -2.51 -8.66 -27.70
C LEU D 309 -1.77 -9.07 -26.43
N GLN D 310 -2.01 -8.35 -25.35
CA GLN D 310 -1.37 -8.64 -24.06
C GLN D 310 -2.35 -9.18 -23.03
N ASP D 311 -3.50 -8.52 -22.87
CA ASP D 311 -4.48 -8.92 -21.86
C ASP D 311 -5.87 -8.95 -22.46
N SER D 312 -6.65 -9.96 -22.07
CA SER D 312 -8.02 -10.11 -22.50
C SER D 312 -8.74 -11.11 -21.59
N PRO D 313 -9.93 -10.79 -21.11
CA PRO D 313 -10.70 -11.74 -20.30
C PRO D 313 -11.53 -12.71 -21.12
N ASP D 314 -11.43 -12.69 -22.44
CA ASP D 314 -12.24 -13.57 -23.28
C ASP D 314 -11.41 -14.53 -24.11
N MET D 315 -10.35 -14.07 -24.75
CA MET D 315 -9.55 -14.89 -25.65
C MET D 315 -8.07 -14.76 -25.31
N PRO D 316 -7.27 -15.78 -25.65
CA PRO D 316 -5.83 -15.69 -25.42
C PRO D 316 -5.16 -14.71 -26.39
N GLU D 317 -3.90 -14.43 -26.12
CA GLU D 317 -3.12 -13.51 -26.93
C GLU D 317 -2.88 -14.08 -28.32
N LYS D 318 -2.73 -13.19 -29.30
CA LYS D 318 -2.50 -13.58 -30.69
C LYS D 318 -1.62 -12.53 -31.34
N GLU D 319 -1.42 -12.66 -32.65
CA GLU D 319 -0.63 -11.71 -33.42
C GLU D 319 -1.38 -11.38 -34.70
N CYS D 320 -1.04 -10.24 -35.28
CA CYS D 320 -1.70 -9.81 -36.51
C CYS D 320 -0.87 -8.72 -37.19
N VAL D 321 -1.24 -8.44 -38.43
CA VAL D 321 -0.59 -7.40 -39.23
C VAL D 321 -1.68 -6.48 -39.78
N TYR D 322 -1.34 -5.20 -39.93
CA TYR D 322 -2.30 -4.25 -40.47
C TYR D 322 -1.59 -3.15 -41.21
N VAL D 323 -2.35 -2.45 -42.07
CA VAL D 323 -1.89 -1.29 -42.80
C VAL D 323 -2.89 -0.16 -42.58
N ILE D 324 -2.51 1.03 -43.03
CA ILE D 324 -3.37 2.21 -42.91
C ILE D 324 -3.71 2.64 -44.34
N GLY D 325 -4.84 2.14 -44.84
CA GLY D 325 -5.33 2.49 -46.15
C GLY D 325 -6.29 3.67 -46.11
N GLU D 326 -6.94 3.90 -47.25
CA GLU D 326 -7.82 5.04 -47.42
C GLU D 326 -9.02 5.00 -46.47
N LYS D 327 -9.45 3.82 -46.05
CA LYS D 327 -10.55 3.67 -45.10
C LYS D 327 -10.07 3.62 -43.66
N GLY D 328 -8.78 3.82 -43.42
CA GLY D 328 -8.23 3.74 -42.09
C GLY D 328 -7.44 2.46 -41.87
N ILE D 329 -7.42 1.96 -40.63
CA ILE D 329 -6.74 0.70 -40.36
C ILE D 329 -7.48 -0.43 -41.06
N THR D 330 -6.74 -1.23 -41.82
CA THR D 330 -7.29 -2.34 -42.59
C THR D 330 -6.25 -3.45 -42.68
N ASP D 331 -6.65 -4.56 -43.32
CA ASP D 331 -5.72 -5.61 -43.66
C ASP D 331 -4.84 -5.17 -44.83
N SER D 332 -3.67 -5.81 -44.94
CA SER D 332 -2.72 -5.44 -45.99
C SER D 332 -3.30 -5.63 -47.38
N SER D 333 -4.01 -6.74 -47.59
CA SER D 333 -4.61 -6.97 -48.90
C SER D 333 -5.77 -6.01 -49.16
N ASP D 334 -6.42 -5.54 -48.11
CA ASP D 334 -7.56 -4.62 -48.24
C ASP D 334 -7.14 -3.30 -48.89
N ILE E 16 -8.77 34.60 -30.74
CA ILE E 16 -7.95 34.74 -29.54
C ILE E 16 -8.43 35.94 -28.73
N LEU E 17 -8.80 35.68 -27.48
CA LEU E 17 -9.32 36.71 -26.58
C LEU E 17 -8.41 36.85 -25.38
N SER E 18 -8.02 38.08 -25.07
CA SER E 18 -7.21 38.33 -23.90
C SER E 18 -8.04 38.13 -22.63
N VAL E 19 -7.35 37.99 -21.51
CA VAL E 19 -8.00 37.72 -20.23
C VAL E 19 -8.75 38.94 -19.74
N ASP E 20 -8.66 40.05 -20.49
CA ASP E 20 -9.31 41.29 -20.07
C ASP E 20 -10.82 41.16 -20.04
N GLU E 21 -11.40 40.39 -20.97
CA GLU E 21 -12.83 40.11 -20.91
C GLU E 21 -13.19 39.38 -19.63
N LEU E 22 -12.27 38.58 -19.11
CA LEU E 22 -12.43 37.94 -17.81
C LEU E 22 -12.70 38.96 -16.70
N GLN E 23 -12.12 40.16 -16.82
CA GLN E 23 -12.36 41.23 -15.86
C GLN E 23 -13.85 41.52 -15.72
N ASN E 24 -14.63 41.29 -16.78
CA ASN E 24 -16.05 41.61 -16.73
C ASN E 24 -16.81 40.74 -15.74
N TYR E 25 -16.20 39.66 -15.24
CA TYR E 25 -16.92 38.68 -14.44
C TYR E 25 -16.64 38.81 -12.95
N GLY E 26 -16.54 40.03 -12.44
CA GLY E 26 -16.36 40.25 -11.02
C GLY E 26 -14.97 39.96 -10.50
N ILE E 27 -13.95 40.13 -11.34
CA ILE E 27 -12.60 39.69 -11.03
C ILE E 27 -11.69 40.90 -10.97
N ASN E 28 -11.01 41.07 -9.83
CA ASN E 28 -10.21 42.27 -9.65
C ASN E 28 -9.02 42.28 -10.60
N ALA E 29 -8.53 43.49 -10.89
CA ALA E 29 -7.40 43.65 -11.81
C ALA E 29 -6.13 43.01 -11.28
N SER E 30 -6.01 42.84 -9.96
CA SER E 30 -4.84 42.16 -9.42
C SER E 30 -4.74 40.73 -9.95
N ASP E 31 -5.89 40.07 -10.12
CA ASP E 31 -5.89 38.74 -10.73
C ASP E 31 -5.34 38.79 -12.14
N LEU E 32 -5.76 39.78 -12.93
CA LEU E 32 -5.26 39.90 -14.30
C LEU E 32 -3.76 40.14 -14.32
N GLN E 33 -3.28 41.02 -13.44
CA GLN E 33 -1.84 41.28 -13.39
C GLN E 33 -1.08 40.03 -12.98
N LYS E 34 -1.57 39.29 -11.98
CA LYS E 34 -0.89 38.07 -11.55
C LYS E 34 -0.88 37.03 -12.66
N LEU E 35 -2.00 36.85 -13.35
CA LEU E 35 -2.07 35.88 -14.43
C LEU E 35 -1.12 36.25 -15.57
N LYS E 36 -1.08 37.53 -15.92
CA LYS E 36 -0.19 37.97 -16.99
C LYS E 36 1.28 37.81 -16.57
N SER E 37 1.58 38.06 -15.30
CA SER E 37 2.94 37.86 -14.81
C SER E 37 3.33 36.39 -14.79
N GLY E 38 2.35 35.51 -14.56
CA GLY E 38 2.62 34.09 -14.50
C GLY E 38 2.68 33.39 -15.84
N GLY E 39 2.54 34.12 -16.94
CA GLY E 39 2.57 33.54 -18.26
C GLY E 39 1.21 33.20 -18.84
N ILE E 40 0.13 33.62 -18.20
CA ILE E 40 -1.22 33.37 -18.68
C ILE E 40 -1.73 34.66 -19.31
N TYR E 41 -2.04 34.62 -20.59
CA TYR E 41 -2.34 35.83 -21.34
C TYR E 41 -3.63 35.74 -22.16
N THR E 42 -4.32 34.61 -22.10
CA THR E 42 -5.57 34.44 -22.88
C THR E 42 -6.48 33.40 -22.21
N VAL E 43 -7.79 33.54 -22.38
CA VAL E 43 -8.72 32.61 -21.75
C VAL E 43 -8.39 31.18 -22.11
N ASN E 44 -7.86 30.95 -23.32
CA ASN E 44 -7.45 29.61 -23.72
C ASN E 44 -6.36 29.08 -22.80
N THR E 45 -5.41 29.94 -22.44
CA THR E 45 -4.33 29.52 -21.54
C THR E 45 -4.87 29.24 -20.15
N VAL E 46 -5.86 30.00 -19.69
CA VAL E 46 -6.48 29.72 -18.40
C VAL E 46 -7.13 28.35 -18.43
N LEU E 47 -7.88 28.06 -19.50
CA LEU E 47 -8.55 26.77 -19.60
C LEU E 47 -7.55 25.62 -19.72
N SER E 48 -6.40 25.88 -20.34
CA SER E 48 -5.38 24.85 -20.51
C SER E 48 -4.37 24.80 -19.38
N THR E 49 -4.57 25.58 -18.32
CA THR E 49 -3.68 25.58 -17.16
C THR E 49 -4.39 24.95 -15.97
N THR E 50 -3.68 24.07 -15.27
CA THR E 50 -4.25 23.28 -14.18
C THR E 50 -4.35 24.11 -12.89
N ARG E 51 -5.19 23.63 -11.97
CA ARG E 51 -5.31 24.29 -10.67
C ARG E 51 -3.99 24.27 -9.93
N ARG E 52 -3.31 23.12 -9.97
CA ARG E 52 -2.07 22.96 -9.20
C ARG E 52 -1.00 23.95 -9.66
N HIS E 53 -0.83 24.10 -10.97
CA HIS E 53 0.17 25.04 -11.47
C HIS E 53 -0.27 26.49 -11.32
N LEU E 54 -1.58 26.74 -11.36
CA LEU E 54 -2.07 28.10 -11.15
C LEU E 54 -1.92 28.55 -9.70
N CYS E 55 -2.01 27.61 -8.76
CA CYS E 55 -1.79 27.95 -7.35
C CYS E 55 -0.32 28.24 -7.07
N LYS E 56 0.59 27.68 -7.87
CA LYS E 56 2.01 28.00 -7.72
C LYS E 56 2.28 29.46 -8.02
N ILE E 57 1.36 30.14 -8.71
CA ILE E 57 1.51 31.57 -8.96
C ILE E 57 1.38 32.33 -7.64
N LYS E 58 2.32 33.24 -7.39
CA LYS E 58 2.31 34.00 -6.15
C LYS E 58 1.07 34.88 -6.07
N GLY E 59 0.46 34.90 -4.88
CA GLY E 59 -0.72 35.72 -4.66
C GLY E 59 -2.03 35.07 -5.04
N LEU E 60 -2.05 33.76 -5.30
CA LEU E 60 -3.26 33.06 -5.71
C LEU E 60 -3.50 31.87 -4.79
N SER E 61 -4.73 31.73 -4.33
CA SER E 61 -5.14 30.65 -3.43
C SER E 61 -5.99 29.63 -4.18
N GLU E 62 -6.26 28.51 -3.51
CA GLU E 62 -6.94 27.39 -4.17
C GLU E 62 -8.35 27.78 -4.60
N VAL E 63 -9.13 28.35 -3.69
CA VAL E 63 -10.50 28.75 -4.03
C VAL E 63 -10.47 29.91 -5.04
N LYS E 64 -9.46 30.78 -4.93
CA LYS E 64 -9.31 31.87 -5.88
C LYS E 64 -9.10 31.32 -7.29
N VAL E 65 -8.24 30.30 -7.41
CA VAL E 65 -7.98 29.68 -8.70
C VAL E 65 -9.21 28.94 -9.19
N GLU E 66 -9.95 28.31 -8.28
CA GLU E 66 -11.19 27.64 -8.67
C GLU E 66 -12.17 28.64 -9.28
N LYS E 67 -12.32 29.80 -8.64
CA LYS E 67 -13.30 30.77 -9.11
C LYS E 67 -12.86 31.41 -10.42
N ILE E 68 -11.55 31.68 -10.56
CA ILE E 68 -11.05 32.27 -11.81
C ILE E 68 -11.22 31.27 -12.95
N LYS E 69 -11.00 29.98 -12.68
CA LYS E 69 -11.17 28.95 -13.69
C LYS E 69 -12.63 28.82 -14.11
N GLU E 70 -13.55 28.83 -13.14
CA GLU E 70 -14.97 28.70 -13.52
C GLU E 70 -15.45 29.93 -14.27
N ALA E 71 -14.93 31.12 -13.92
CA ALA E 71 -15.27 32.31 -14.70
C ALA E 71 -14.76 32.20 -16.13
N ALA E 72 -13.53 31.74 -16.30
CA ALA E 72 -12.99 31.57 -17.65
C ALA E 72 -13.79 30.53 -18.44
N GLY E 73 -14.18 29.44 -17.80
CA GLY E 73 -15.03 28.47 -18.46
C GLY E 73 -16.38 29.05 -18.84
N LYS E 74 -16.89 29.95 -18.01
CA LYS E 74 -18.10 30.69 -18.36
C LYS E 74 -17.87 31.55 -19.60
N ILE E 75 -16.67 32.10 -19.76
CA ILE E 75 -16.35 32.85 -20.98
C ILE E 75 -16.46 31.95 -22.20
N ILE E 76 -15.63 30.91 -22.25
CA ILE E 76 -15.61 29.97 -23.38
C ILE E 76 -15.86 28.57 -22.85
N GLN E 77 -16.91 27.93 -23.36
CA GLN E 77 -17.27 26.60 -22.92
C GLN E 77 -16.30 25.56 -23.47
N VAL E 78 -16.00 24.55 -22.64
CA VAL E 78 -15.11 23.45 -23.01
C VAL E 78 -15.82 22.14 -22.67
N GLY E 79 -16.45 21.54 -23.68
CA GLY E 79 -17.22 20.33 -23.46
C GLY E 79 -17.60 19.73 -24.80
N PHE E 80 -18.27 18.59 -24.72
CA PHE E 80 -18.60 17.83 -25.92
C PHE E 80 -19.49 18.64 -26.86
N ILE E 81 -18.94 19.02 -28.00
CA ILE E 81 -19.67 19.75 -29.04
C ILE E 81 -19.84 18.81 -30.22
N PRO E 82 -20.89 18.95 -31.03
CA PRO E 82 -20.99 18.14 -32.24
C PRO E 82 -19.78 18.39 -33.14
N ALA E 83 -19.30 17.33 -33.78
CA ALA E 83 -18.06 17.44 -34.53
C ALA E 83 -18.20 18.30 -35.78
N THR E 84 -19.42 18.65 -36.19
CA THR E 84 -19.57 19.64 -37.26
C THR E 84 -19.03 21.00 -36.81
N VAL E 85 -19.31 21.39 -35.57
CA VAL E 85 -18.74 22.61 -35.02
C VAL E 85 -17.22 22.50 -34.97
N GLN E 86 -16.70 21.30 -34.68
CA GLN E 86 -15.25 21.13 -34.68
C GLN E 86 -14.68 21.25 -36.08
N LEU E 87 -15.40 20.79 -37.10
CA LEU E 87 -14.95 21.03 -38.47
C LEU E 87 -14.94 22.51 -38.79
N ASP E 88 -15.99 23.24 -38.38
CA ASP E 88 -16.03 24.68 -38.62
C ASP E 88 -14.86 25.39 -37.97
N ILE E 89 -14.60 25.11 -36.69
CA ILE E 89 -13.47 25.72 -36.02
C ILE E 89 -12.15 25.22 -36.59
N ARG E 90 -12.16 24.06 -37.26
CA ARG E 90 -10.99 23.56 -37.95
C ARG E 90 -10.80 24.24 -39.31
N GLN E 91 -11.85 24.86 -39.85
CA GLN E 91 -11.73 25.54 -41.13
C GLN E 91 -10.85 26.78 -41.02
N ARG E 92 -10.83 27.43 -39.86
CA ARG E 92 -9.98 28.59 -39.66
C ARG E 92 -8.50 28.24 -39.59
N VAL E 93 -8.16 26.96 -39.53
CA VAL E 93 -6.75 26.56 -39.52
C VAL E 93 -6.10 26.98 -40.84
N TYR E 94 -4.92 27.58 -40.72
CA TYR E 94 -4.22 28.20 -41.84
C TYR E 94 -3.22 27.23 -42.45
N SER E 95 -3.14 27.25 -43.77
CA SER E 95 -2.18 26.47 -44.54
C SER E 95 -1.23 27.45 -45.23
N LEU E 96 0.01 27.50 -44.75
CA LEU E 96 0.99 28.47 -45.23
C LEU E 96 1.89 27.81 -46.25
N SER E 97 1.89 28.35 -47.47
CA SER E 97 2.69 27.79 -48.54
C SER E 97 4.18 27.92 -48.22
N THR E 98 4.94 26.87 -48.55
CA THR E 98 6.38 26.87 -48.36
C THR E 98 7.13 27.52 -49.51
N GLY E 99 6.44 27.96 -50.54
CA GLY E 99 7.07 28.53 -51.71
C GLY E 99 7.11 27.62 -52.91
N SER E 100 7.07 26.30 -52.70
CA SER E 100 7.06 25.33 -53.78
C SER E 100 5.70 24.62 -53.79
N LYS E 101 5.06 24.63 -54.95
CA LYS E 101 3.71 24.07 -55.05
C LYS E 101 3.71 22.57 -54.80
N GLN E 102 4.77 21.87 -55.22
CA GLN E 102 4.82 20.42 -55.07
C GLN E 102 4.86 20.03 -53.60
N LEU E 103 5.76 20.63 -52.82
CA LEU E 103 5.86 20.29 -51.42
C LEU E 103 4.61 20.69 -50.66
N ASP E 104 4.02 21.83 -51.01
CA ASP E 104 2.75 22.23 -50.40
C ASP E 104 1.66 21.21 -50.71
N SER E 105 1.63 20.72 -51.95
CA SER E 105 0.63 19.72 -52.33
C SER E 105 0.82 18.43 -51.55
N ILE E 106 2.06 17.96 -51.42
CA ILE E 106 2.29 16.75 -50.63
C ILE E 106 2.13 17.02 -49.14
N LEU E 107 2.14 18.30 -48.74
CA LEU E 107 1.83 18.69 -47.37
C LEU E 107 0.36 19.03 -47.17
N GLY E 108 -0.43 19.01 -48.24
CA GLY E 108 -1.84 19.36 -48.14
C GLY E 108 -2.15 20.83 -48.25
N GLY E 109 -1.19 21.65 -48.68
CA GLY E 109 -1.43 23.07 -48.83
C GLY E 109 -0.42 23.92 -48.10
N GLY E 110 0.72 23.34 -47.76
CA GLY E 110 1.74 24.02 -47.00
C GLY E 110 1.86 23.50 -45.59
N ILE E 111 2.41 24.33 -44.72
CA ILE E 111 2.52 23.97 -43.31
C ILE E 111 1.18 24.20 -42.63
N MET E 112 0.95 23.46 -41.55
CA MET E 112 -0.33 23.48 -40.84
C MET E 112 -0.14 24.10 -39.47
N THR E 113 -0.98 25.08 -39.14
CA THR E 113 -0.96 25.65 -37.80
C THR E 113 -1.51 24.62 -36.80
N MET E 114 -1.56 25.02 -35.54
CA MET E 114 -1.96 24.14 -34.45
C MET E 114 -1.07 22.89 -34.39
N SER E 115 0.15 23.00 -34.91
CA SER E 115 1.00 21.82 -35.06
C SER E 115 2.46 22.27 -35.11
N ILE E 116 3.35 21.31 -34.91
CA ILE E 116 4.78 21.53 -34.90
C ILE E 116 5.36 20.90 -36.16
N THR E 117 5.96 21.72 -37.02
CA THR E 117 6.59 21.25 -38.24
C THR E 117 8.11 21.32 -38.07
N GLU E 118 8.78 20.20 -38.26
CA GLU E 118 10.22 20.09 -38.11
C GLU E 118 10.83 19.64 -39.43
N VAL E 119 11.80 20.38 -39.93
CA VAL E 119 12.56 19.98 -41.12
C VAL E 119 14.02 19.85 -40.74
N PHE E 120 14.65 18.80 -41.23
CA PHE E 120 16.03 18.52 -40.86
C PHE E 120 16.77 17.89 -42.03
N GLY E 121 18.09 17.99 -41.99
CA GLY E 121 18.90 17.44 -43.06
C GLY E 121 20.36 17.73 -42.85
N GLU E 122 21.13 17.57 -43.93
CA GLU E 122 22.56 17.83 -43.92
C GLU E 122 22.81 19.32 -43.73
N PHE E 123 24.08 19.70 -43.71
CA PHE E 123 24.43 21.10 -43.60
C PHE E 123 24.08 21.82 -44.90
N ARG E 124 23.39 22.94 -44.76
CA ARG E 124 22.94 23.77 -45.88
C ARG E 124 22.15 22.93 -46.88
N CYS E 125 21.01 22.44 -46.42
CA CYS E 125 20.00 21.85 -47.28
C CYS E 125 18.94 22.83 -47.69
N GLY E 126 19.09 24.10 -47.32
CA GLY E 126 18.07 25.09 -47.56
C GLY E 126 17.15 25.37 -46.41
N LYS E 127 17.49 24.90 -45.20
CA LYS E 127 16.60 25.08 -44.06
C LYS E 127 16.42 26.56 -43.72
N THR E 128 17.50 27.33 -43.73
CA THR E 128 17.39 28.76 -43.44
C THR E 128 16.70 29.51 -44.56
N GLN E 129 17.02 29.17 -45.81
CA GLN E 129 16.35 29.82 -46.94
C GLN E 129 14.87 29.48 -46.95
N MET E 130 14.52 28.23 -46.66
CA MET E 130 13.11 27.88 -46.60
C MET E 130 12.43 28.52 -45.40
N SER E 131 13.19 28.78 -44.33
CA SER E 131 12.66 29.54 -43.21
C SER E 131 12.34 30.98 -43.63
N HIS E 132 13.21 31.59 -44.44
CA HIS E 132 12.92 32.93 -44.94
C HIS E 132 11.71 32.94 -45.86
N THR E 133 11.59 31.91 -46.71
CA THR E 133 10.41 31.81 -47.57
C THR E 133 9.14 31.65 -46.74
N LEU E 134 9.19 30.84 -45.68
CA LEU E 134 8.06 30.73 -44.77
C LEU E 134 7.80 32.05 -44.05
N CYS E 135 8.85 32.82 -43.80
CA CYS E 135 8.71 34.11 -43.14
C CYS E 135 7.97 35.10 -44.03
N VAL E 136 8.19 35.04 -45.34
CA VAL E 136 7.55 35.99 -46.24
C VAL E 136 6.18 35.50 -46.72
N THR E 137 6.02 34.20 -46.95
CA THR E 137 4.77 33.69 -47.51
C THR E 137 3.63 33.80 -46.50
N THR E 138 3.94 33.69 -45.22
CA THR E 138 2.89 33.77 -44.20
C THR E 138 2.21 35.14 -44.22
N GLN E 139 2.95 36.20 -44.56
CA GLN E 139 2.35 37.52 -44.65
C GLN E 139 1.35 37.64 -45.79
N LEU E 140 1.39 36.72 -46.75
CA LEU E 140 0.44 36.75 -47.84
C LEU E 140 -0.96 36.47 -47.31
N PRO E 141 -1.99 37.01 -47.97
CA PRO E 141 -3.37 36.66 -47.59
C PRO E 141 -3.69 35.22 -47.95
N ARG E 142 -4.91 34.81 -47.61
CA ARG E 142 -5.41 33.51 -48.03
C ARG E 142 -5.64 33.53 -49.54
N GLU E 143 -6.17 32.43 -50.07
CA GLU E 143 -6.53 32.23 -51.47
C GLU E 143 -5.28 32.01 -52.33
N MET E 144 -4.11 32.17 -51.74
CA MET E 144 -2.86 31.85 -52.42
C MET E 144 -1.82 31.30 -51.45
N GLY E 145 -2.26 30.73 -50.34
CA GLY E 145 -1.38 29.99 -49.45
C GLY E 145 -0.72 30.78 -48.34
N GLY E 146 -1.21 31.98 -48.03
CA GLY E 146 -0.63 32.81 -47.00
C GLY E 146 -1.33 32.66 -45.66
N GLY E 147 -1.03 33.59 -44.76
CA GLY E 147 -1.69 33.65 -43.47
C GLY E 147 -2.10 35.04 -43.08
N GLU E 148 -1.63 36.05 -43.83
CA GLU E 148 -1.98 37.45 -43.63
C GLU E 148 -1.71 37.90 -42.19
N GLY E 149 -0.46 37.73 -41.77
CA GLY E 149 -0.11 38.09 -40.41
C GLY E 149 1.39 38.09 -40.21
N LYS E 150 1.79 38.31 -38.96
CA LYS E 150 3.19 38.46 -38.61
C LYS E 150 3.81 37.10 -38.29
N VAL E 151 5.14 37.09 -38.17
CA VAL E 151 5.91 35.88 -37.94
C VAL E 151 7.03 36.17 -36.94
N ALA E 152 7.22 35.26 -35.99
CA ALA E 152 8.22 35.39 -34.95
C ALA E 152 9.37 34.43 -35.24
N TYR E 153 10.54 34.99 -35.52
CA TYR E 153 11.71 34.25 -36.00
C TYR E 153 12.74 34.19 -34.88
N ILE E 154 12.99 32.99 -34.37
CA ILE E 154 13.98 32.77 -33.32
C ILE E 154 15.21 32.15 -33.98
N ASP E 155 16.31 32.89 -33.99
CA ASP E 155 17.54 32.48 -34.65
C ASP E 155 18.57 32.08 -33.62
N THR E 156 19.20 30.92 -33.82
CA THR E 156 20.21 30.44 -32.89
C THR E 156 21.60 30.35 -33.49
N GLU E 157 21.73 30.18 -34.80
CA GLU E 157 23.03 30.09 -35.45
C GLU E 157 23.50 31.42 -36.03
N GLY E 158 22.68 32.46 -36.01
CA GLY E 158 23.07 33.73 -36.59
C GLY E 158 22.90 33.81 -38.09
N THR E 159 22.07 32.96 -38.68
CA THR E 159 21.89 32.90 -40.13
C THR E 159 20.75 33.77 -40.63
N PHE E 160 20.06 34.49 -39.76
CA PHE E 160 18.97 35.35 -40.19
C PHE E 160 19.49 36.50 -41.04
N ARG E 161 18.85 36.72 -42.18
CA ARG E 161 19.24 37.80 -43.10
C ARG E 161 18.01 38.60 -43.50
N PRO E 162 17.83 39.82 -43.00
CA PRO E 162 16.69 40.63 -43.44
C PRO E 162 16.70 40.94 -44.93
N GLU E 163 17.90 41.07 -45.53
CA GLU E 163 17.97 41.39 -46.95
C GLU E 163 17.40 40.27 -47.80
N ARG E 164 17.57 39.01 -47.38
CA ARG E 164 16.97 37.91 -48.12
C ARG E 164 15.45 37.98 -48.09
N ILE E 165 14.87 38.29 -46.93
CA ILE E 165 13.43 38.48 -46.85
C ILE E 165 12.99 39.62 -47.75
N LYS E 166 13.74 40.72 -47.73
CA LYS E 166 13.39 41.85 -48.58
C LYS E 166 13.41 41.46 -50.05
N GLN E 167 14.42 40.71 -50.47
CA GLN E 167 14.53 40.30 -51.86
C GLN E 167 13.39 39.37 -52.26
N ILE E 168 13.06 38.40 -51.40
CA ILE E 168 11.96 37.48 -51.74
C ILE E 168 10.62 38.22 -51.75
N ALA E 169 10.43 39.17 -50.83
CA ALA E 169 9.21 39.97 -50.82
C ALA E 169 9.07 40.78 -52.10
N GLU E 170 10.18 41.38 -52.55
CA GLU E 170 10.17 42.03 -53.86
C GLU E 170 9.86 41.03 -54.97
N GLY E 171 10.31 39.79 -54.80
CA GLY E 171 9.96 38.75 -55.76
C GLY E 171 8.47 38.47 -55.84
N TYR E 172 7.79 38.44 -54.69
CA TYR E 172 6.35 38.26 -54.65
C TYR E 172 5.57 39.55 -54.90
N GLU E 173 6.26 40.63 -55.30
CA GLU E 173 5.62 41.89 -55.67
C GLU E 173 4.80 42.46 -54.52
N LEU E 174 5.49 42.75 -53.42
CA LEU E 174 4.85 43.40 -52.28
C LEU E 174 5.86 44.32 -51.63
N ASP E 175 5.36 45.21 -50.78
CA ASP E 175 6.19 46.25 -50.19
C ASP E 175 7.29 45.65 -49.33
N PRO E 176 8.56 45.98 -49.57
CA PRO E 176 9.65 45.38 -48.79
C PRO E 176 9.67 45.83 -47.34
N GLU E 177 9.64 47.16 -47.11
CA GLU E 177 9.82 47.67 -45.75
C GLU E 177 8.65 47.28 -44.85
N SER E 178 7.43 47.23 -45.39
CA SER E 178 6.30 46.74 -44.62
C SER E 178 6.50 45.27 -44.26
N CYS E 179 7.03 44.48 -45.20
CA CYS E 179 7.31 43.09 -44.92
C CYS E 179 8.35 42.93 -43.81
N LEU E 180 9.42 43.74 -43.85
CA LEU E 180 10.42 43.67 -42.80
C LEU E 180 9.85 44.09 -41.45
N ALA E 181 9.05 45.15 -41.43
CA ALA E 181 8.43 45.58 -40.18
C ALA E 181 7.39 44.59 -39.69
N ASN E 182 7.04 43.60 -40.51
CA ASN E 182 6.01 42.64 -40.22
C ASN E 182 6.56 41.37 -39.57
N VAL E 183 7.85 41.35 -39.23
CA VAL E 183 8.52 40.18 -38.70
C VAL E 183 9.16 40.54 -37.36
N SER E 184 8.91 39.74 -36.34
CA SER E 184 9.47 39.95 -35.01
C SER E 184 10.59 38.93 -34.79
N TYR E 185 11.83 39.41 -34.69
CA TYR E 185 13.00 38.57 -34.72
C TYR E 185 13.75 38.63 -33.39
N ALA E 186 14.31 37.49 -32.98
CA ALA E 186 15.11 37.42 -31.77
C ALA E 186 16.22 36.39 -31.92
N ARG E 187 17.42 36.76 -31.50
CA ARG E 187 18.59 35.90 -31.57
C ARG E 187 18.83 35.25 -30.21
N ALA E 188 18.77 33.92 -30.17
CA ALA E 188 18.98 33.19 -28.93
C ALA E 188 20.46 32.92 -28.74
N LEU E 189 21.05 33.54 -27.72
CA LEU E 189 22.48 33.44 -27.50
C LEU E 189 22.88 32.10 -26.91
N ASN E 190 22.07 31.57 -25.98
CA ASN E 190 22.34 30.28 -25.37
C ASN E 190 21.02 29.62 -25.02
N SER E 191 21.09 28.44 -24.40
CA SER E 191 19.89 27.64 -24.18
C SER E 191 18.91 28.35 -23.25
N GLU E 192 19.40 28.97 -22.18
CA GLU E 192 18.50 29.64 -21.25
C GLU E 192 17.79 30.82 -21.91
N HIS E 193 18.52 31.57 -22.75
CA HIS E 193 17.88 32.64 -23.51
C HIS E 193 16.85 32.07 -24.47
N GLN E 194 17.17 30.92 -25.07
CA GLN E 194 16.21 30.27 -25.97
C GLN E 194 14.92 29.92 -25.25
N MET E 195 15.02 29.40 -24.02
CA MET E 195 13.82 29.09 -23.26
C MET E 195 13.06 30.36 -22.88
N GLU E 196 13.76 31.36 -22.35
CA GLU E 196 13.04 32.55 -21.89
C GLU E 196 12.38 33.28 -23.04
N LEU E 197 12.92 33.17 -24.25
CA LEU E 197 12.27 33.79 -25.40
C LEU E 197 10.91 33.16 -25.66
N VAL E 198 10.84 31.83 -25.65
CA VAL E 198 9.56 31.18 -25.93
C VAL E 198 8.60 31.37 -24.76
N GLU E 199 9.14 31.53 -23.54
CA GLU E 199 8.27 31.89 -22.43
C GLU E 199 7.65 33.28 -22.62
N GLN E 200 8.44 34.25 -23.08
CA GLN E 200 7.89 35.59 -23.29
C GLN E 200 7.07 35.71 -24.57
N LEU E 201 7.10 34.70 -25.45
CA LEU E 201 6.27 34.75 -26.64
C LEU E 201 4.79 34.91 -26.32
N GLY E 202 4.34 34.45 -25.15
CA GLY E 202 2.92 34.55 -24.83
C GLY E 202 2.42 35.98 -24.80
N GLU E 203 3.18 36.87 -24.17
CA GLU E 203 2.77 38.26 -24.06
C GLU E 203 2.64 38.92 -25.43
N GLU E 204 3.59 38.67 -26.31
CA GLU E 204 3.56 39.28 -27.64
C GLU E 204 2.51 38.62 -28.54
N LEU E 205 2.25 37.33 -28.34
CA LEU E 205 1.28 36.62 -29.15
C LEU E 205 -0.15 36.82 -28.69
N SER E 206 -0.34 37.37 -27.48
CA SER E 206 -1.69 37.65 -27.00
C SER E 206 -2.45 38.55 -27.96
N SER E 207 -1.75 39.39 -28.71
CA SER E 207 -2.40 40.21 -29.72
C SER E 207 -3.05 39.38 -30.82
N GLY E 208 -2.55 38.16 -31.05
CA GLY E 208 -3.16 37.26 -31.99
C GLY E 208 -2.85 37.53 -33.45
N ASP E 209 -1.98 38.48 -33.75
CA ASP E 209 -1.67 38.80 -35.14
C ASP E 209 -0.75 37.77 -35.77
N TYR E 210 0.12 37.15 -34.99
CA TYR E 210 1.14 36.28 -35.55
C TYR E 210 0.52 35.00 -36.10
N ARG E 211 1.25 34.37 -37.03
CA ARG E 211 0.84 33.10 -37.60
C ARG E 211 1.93 32.04 -37.58
N LEU E 212 3.20 32.41 -37.49
CA LEU E 212 4.30 31.46 -37.63
C LEU E 212 5.36 31.74 -36.57
N ILE E 213 6.01 30.68 -36.11
CA ILE E 213 7.03 30.74 -35.08
C ILE E 213 8.22 29.94 -35.60
N VAL E 214 9.19 30.61 -36.19
CA VAL E 214 10.34 29.92 -36.79
C VAL E 214 11.44 29.79 -35.76
N VAL E 215 11.95 28.58 -35.58
CA VAL E 215 13.09 28.33 -34.71
C VAL E 215 14.17 27.66 -35.52
N ASP E 216 15.29 28.36 -35.72
CA ASP E 216 16.37 27.92 -36.58
C ASP E 216 17.71 28.22 -35.90
N SER E 217 18.32 27.19 -35.31
CA SER E 217 17.74 25.86 -35.22
C SER E 217 17.44 25.54 -33.77
N ILE E 218 16.69 24.46 -33.54
CA ILE E 218 16.15 24.19 -32.21
C ILE E 218 17.26 23.92 -31.20
N MET E 219 18.24 23.09 -31.58
CA MET E 219 19.19 22.58 -30.61
C MET E 219 20.64 22.92 -30.98
N ALA E 220 20.85 24.07 -31.61
CA ALA E 220 22.21 24.55 -31.85
C ALA E 220 22.84 25.09 -30.57
N ASN E 221 22.04 25.42 -29.56
CA ASN E 221 22.56 25.88 -28.29
C ASN E 221 22.57 24.78 -27.23
N PHE E 222 21.64 23.84 -27.31
CA PHE E 222 21.62 22.73 -26.36
C PHE E 222 22.87 21.87 -26.52
N ARG E 223 23.31 21.65 -27.75
CA ARG E 223 24.52 20.87 -27.97
C ARG E 223 25.75 21.53 -27.36
N VAL E 224 25.86 22.85 -27.52
CA VAL E 224 27.02 23.56 -27.00
C VAL E 224 26.98 23.64 -25.48
N ASP E 225 25.82 23.97 -24.91
CA ASP E 225 25.75 24.23 -23.47
C ASP E 225 25.84 22.98 -22.62
N TYR E 226 25.83 21.79 -23.22
CA TYR E 226 25.90 20.55 -22.46
C TYR E 226 26.86 19.56 -23.09
N LEU E 232 23.66 15.61 -20.18
CA LEU E 232 22.82 15.09 -21.25
C LEU E 232 21.39 14.86 -20.78
N SER E 233 21.23 14.16 -19.67
CA SER E 233 19.89 13.92 -19.13
C SER E 233 19.20 15.23 -18.77
N GLU E 234 19.92 16.14 -18.12
CA GLU E 234 19.37 17.46 -17.84
C GLU E 234 19.11 18.22 -19.13
N ARG E 235 20.03 18.11 -20.11
CA ARG E 235 19.81 18.73 -21.40
C ARG E 235 18.57 18.17 -22.07
N GLN E 236 18.40 16.85 -22.04
CA GLN E 236 17.25 16.24 -22.68
C GLN E 236 15.95 16.68 -22.02
N GLN E 237 15.93 16.72 -20.68
CA GLN E 237 14.73 17.16 -19.99
C GLN E 237 14.41 18.63 -20.30
N LYS E 238 15.45 19.47 -20.33
CA LYS E 238 15.25 20.88 -20.62
C LYS E 238 14.73 21.08 -22.03
N LEU E 239 15.29 20.35 -23.01
CA LEU E 239 14.79 20.43 -24.37
C LEU E 239 13.37 19.90 -24.49
N ASN E 240 13.03 18.85 -23.73
CA ASN E 240 11.67 18.36 -23.73
C ASN E 240 10.70 19.42 -23.21
N GLN E 241 11.08 20.11 -22.14
CA GLN E 241 10.25 21.21 -21.64
C GLN E 241 10.12 22.30 -22.69
N HIS E 242 11.22 22.63 -23.36
CA HIS E 242 11.20 23.64 -24.42
C HIS E 242 10.20 23.27 -25.51
N LEU E 243 10.29 22.04 -26.01
CA LEU E 243 9.42 21.59 -27.09
C LEU E 243 7.97 21.53 -26.62
N PHE E 244 7.73 21.10 -25.38
CA PHE E 244 6.37 21.08 -24.88
C PHE E 244 5.77 22.47 -24.82
N LYS E 245 6.54 23.44 -24.35
CA LYS E 245 6.04 24.81 -24.32
C LYS E 245 5.75 25.33 -25.71
N LEU E 246 6.64 25.03 -26.66
CA LEU E 246 6.40 25.46 -28.04
C LEU E 246 5.13 24.85 -28.60
N ASN E 247 4.92 23.55 -28.36
CA ASN E 247 3.74 22.86 -28.86
C ASN E 247 2.46 23.45 -28.25
N ARG E 248 2.48 23.68 -26.94
CA ARG E 248 1.29 24.25 -26.30
C ARG E 248 1.00 25.64 -26.83
N LEU E 249 2.04 26.45 -27.03
CA LEU E 249 1.83 27.78 -27.57
C LEU E 249 1.25 27.72 -28.98
N ALA E 250 1.75 26.81 -29.81
CA ALA E 250 1.22 26.65 -31.15
C ALA E 250 -0.25 26.26 -31.12
N GLU E 251 -0.62 25.33 -30.22
CA GLU E 251 -2.00 24.93 -30.11
C GLU E 251 -2.89 26.08 -29.67
N GLU E 252 -2.43 26.86 -28.68
CA GLU E 252 -3.29 27.89 -28.11
C GLU E 252 -3.43 29.12 -29.00
N PHE E 253 -2.40 29.51 -29.73
CA PHE E 253 -2.38 30.80 -30.41
C PHE E 253 -2.63 30.72 -31.90
N ASN E 254 -3.07 29.57 -32.42
CA ASN E 254 -3.40 29.41 -33.83
C ASN E 254 -2.23 29.79 -34.73
N VAL E 255 -1.03 29.34 -34.36
CA VAL E 255 0.18 29.59 -35.12
C VAL E 255 0.88 28.26 -35.37
N ALA E 256 1.63 28.20 -36.46
CA ALA E 256 2.44 27.05 -36.80
C ALA E 256 3.86 27.30 -36.32
N VAL E 257 4.39 26.38 -35.53
CA VAL E 257 5.77 26.49 -35.04
C VAL E 257 6.64 25.62 -35.92
N PHE E 258 7.45 26.28 -36.74
CA PHE E 258 8.28 25.63 -37.74
C PHE E 258 9.71 25.53 -37.22
N LEU E 259 10.21 24.30 -37.11
CA LEU E 259 11.52 24.03 -36.56
C LEU E 259 12.49 23.67 -37.68
N THR E 260 13.77 23.95 -37.45
CA THR E 260 14.82 23.39 -38.29
C THR E 260 15.81 22.66 -37.41
N ASN E 261 16.44 21.62 -37.96
CA ASN E 261 17.33 20.79 -37.18
C ASN E 261 18.52 20.35 -38.03
N GLN E 262 19.60 20.00 -37.35
CA GLN E 262 20.81 19.49 -37.98
C GLN E 262 20.87 17.98 -37.82
N VAL E 263 21.98 17.38 -38.25
CA VAL E 263 22.16 15.95 -38.14
C VAL E 263 23.53 15.62 -37.55
N VAL E 286 13.86 11.62 -30.19
CA VAL E 286 13.39 12.37 -29.02
C VAL E 286 12.60 13.59 -29.46
N LEU E 287 13.18 14.36 -30.39
CA LEU E 287 12.51 15.56 -30.87
C LEU E 287 11.34 15.23 -31.79
N ALA E 288 11.34 14.03 -32.36
CA ALA E 288 10.22 13.60 -33.21
C ALA E 288 8.93 13.51 -32.40
N HIS E 289 9.04 13.31 -31.09
CA HIS E 289 7.85 13.18 -30.26
C HIS E 289 7.02 14.47 -30.26
N ALA E 290 7.68 15.61 -30.14
CA ALA E 290 6.94 16.87 -30.07
C ALA E 290 6.41 17.31 -31.43
N SER E 291 7.19 17.11 -32.48
CA SER E 291 6.83 17.62 -33.79
C SER E 291 5.71 16.79 -34.41
N ALA E 292 4.65 17.48 -34.86
CA ALA E 292 3.55 16.79 -35.51
C ALA E 292 3.96 16.30 -36.90
N THR E 293 4.60 17.17 -37.69
CA THR E 293 4.99 16.85 -39.05
C THR E 293 6.51 16.94 -39.16
N ARG E 294 7.10 16.00 -39.90
CA ARG E 294 8.54 15.95 -40.10
C ARG E 294 8.87 15.89 -41.58
N ILE E 295 9.89 16.63 -41.98
CA ILE E 295 10.37 16.63 -43.36
C ILE E 295 11.89 16.53 -43.33
N LEU E 296 12.43 15.72 -44.24
CA LEU E 296 13.87 15.57 -44.40
C LEU E 296 14.29 16.22 -45.70
N LEU E 297 15.44 16.89 -45.68
CA LEU E 297 15.99 17.56 -46.84
C LEU E 297 17.30 16.91 -47.24
N ARG E 298 17.46 16.61 -48.52
CA ARG E 298 18.64 15.97 -49.05
C ARG E 298 19.19 16.76 -50.21
N LYS E 299 20.51 16.88 -50.27
CA LYS E 299 21.16 17.56 -51.38
C LYS E 299 21.09 16.68 -52.63
N GLY E 300 20.66 17.28 -53.74
CA GLY E 300 20.58 16.60 -55.00
C GLY E 300 21.75 16.94 -55.91
N ARG E 301 21.48 16.95 -57.21
CA ARG E 301 22.49 17.29 -58.19
C ARG E 301 22.52 18.81 -58.39
N GLY E 302 23.68 19.41 -58.15
CA GLY E 302 23.78 20.86 -58.25
C GLY E 302 22.89 21.54 -57.24
N ASP E 303 22.10 22.52 -57.71
CA ASP E 303 21.21 23.27 -56.84
C ASP E 303 19.91 22.55 -56.54
N GLU E 304 19.65 21.42 -57.21
CA GLU E 304 18.44 20.65 -56.97
C GLU E 304 18.46 20.04 -55.58
N ARG E 305 17.31 20.03 -54.91
CA ARG E 305 17.19 19.46 -53.57
C ARG E 305 15.95 18.59 -53.51
N VAL E 306 15.96 17.63 -52.58
CA VAL E 306 14.87 16.68 -52.40
C VAL E 306 14.27 16.90 -51.02
N ALA E 307 12.95 17.01 -50.95
CA ALA E 307 12.22 17.11 -49.70
C ALA E 307 11.35 15.88 -49.55
N LYS E 308 11.60 15.10 -48.50
CA LYS E 308 10.91 13.85 -48.24
C LYS E 308 10.02 14.01 -47.01
N LEU E 309 8.75 13.64 -47.15
CA LEU E 309 7.82 13.64 -46.03
C LEU E 309 8.07 12.38 -45.23
N GLN E 310 8.99 12.47 -44.27
CA GLN E 310 9.35 11.29 -43.49
C GLN E 310 8.24 10.90 -42.52
N ASP E 311 7.49 11.88 -42.03
CA ASP E 311 6.41 11.60 -41.08
C ASP E 311 5.38 12.70 -41.16
N SER E 312 4.12 12.34 -40.91
CA SER E 312 3.01 13.28 -40.88
C SER E 312 1.89 12.67 -40.07
N PRO E 313 1.01 13.48 -39.50
CA PRO E 313 -0.20 12.92 -38.88
C PRO E 313 -1.30 12.67 -39.91
N ASP E 314 -1.25 13.38 -41.02
CA ASP E 314 -2.32 13.32 -41.99
C ASP E 314 -1.89 12.82 -43.37
N MET E 315 -0.82 13.35 -43.92
CA MET E 315 -0.43 13.00 -45.28
C MET E 315 0.36 11.70 -45.31
N PRO E 316 0.33 10.99 -46.43
CA PRO E 316 1.18 9.82 -46.59
C PRO E 316 2.62 10.20 -46.95
N GLU E 317 3.49 9.19 -46.93
CA GLU E 317 4.90 9.40 -47.24
C GLU E 317 5.07 9.74 -48.71
N LYS E 318 5.36 11.00 -49.02
CA LYS E 318 5.56 11.44 -50.39
C LYS E 318 6.83 12.29 -50.46
N GLU E 319 7.51 12.19 -51.59
CA GLU E 319 8.72 12.96 -51.84
C GLU E 319 8.45 14.02 -52.90
N CYS E 320 9.35 15.00 -52.97
CA CYS E 320 9.22 16.08 -53.95
C CYS E 320 10.59 16.69 -54.20
N VAL E 321 10.68 17.46 -55.27
CA VAL E 321 11.91 18.12 -55.69
C VAL E 321 11.70 19.62 -55.64
N TYR E 322 12.70 20.34 -55.15
CA TYR E 322 12.64 21.80 -55.09
C TYR E 322 14.02 22.37 -55.35
N VAL E 323 14.11 23.71 -55.29
CA VAL E 323 15.34 24.42 -55.54
C VAL E 323 15.29 25.76 -54.83
N ILE E 324 16.46 26.23 -54.39
CA ILE E 324 16.61 27.56 -53.82
C ILE E 324 17.09 28.48 -54.93
N GLY E 325 16.31 29.51 -55.22
CA GLY E 325 16.65 30.44 -56.28
C GLY E 325 16.36 31.88 -55.92
N GLU E 326 16.35 32.74 -56.94
CA GLU E 326 16.09 34.16 -56.71
C GLU E 326 14.75 34.40 -56.03
N LYS E 327 13.79 33.51 -56.26
CA LYS E 327 12.46 33.65 -55.69
C LYS E 327 12.31 32.91 -54.36
N GLY E 328 13.38 32.31 -53.84
CA GLY E 328 13.28 31.53 -52.62
C GLY E 328 13.14 30.05 -52.91
N ILE E 329 12.25 29.37 -52.19
CA ILE E 329 11.99 27.96 -52.44
C ILE E 329 11.01 27.86 -53.61
N THR E 330 11.40 27.14 -54.65
CA THR E 330 10.58 26.99 -55.84
C THR E 330 10.67 25.57 -56.35
N ASP E 331 9.81 25.25 -57.32
CA ASP E 331 9.84 23.94 -57.95
C ASP E 331 11.07 23.79 -58.83
N SER E 332 11.37 22.54 -59.20
CA SER E 332 12.53 22.27 -60.03
C SER E 332 12.40 22.96 -61.39
N SER E 333 11.22 22.88 -62.00
CA SER E 333 10.98 23.59 -63.25
C SER E 333 10.92 25.09 -63.03
N ASP E 334 10.40 25.53 -61.89
CA ASP E 334 10.28 26.94 -61.58
C ASP E 334 11.64 27.52 -61.20
N ILE F 16 31.00 48.13 -29.13
CA ILE F 16 31.32 47.11 -28.14
C ILE F 16 31.41 47.75 -26.76
N LEU F 17 30.64 47.19 -25.81
CA LEU F 17 30.57 47.72 -24.46
C LEU F 17 31.23 46.73 -23.50
N SER F 18 32.25 47.18 -22.80
CA SER F 18 32.99 46.30 -21.90
C SER F 18 32.19 46.05 -20.62
N VAL F 19 32.64 45.06 -19.84
CA VAL F 19 31.97 44.74 -18.59
C VAL F 19 32.13 45.86 -17.57
N ASP F 20 33.08 46.77 -17.76
CA ASP F 20 33.22 47.90 -16.85
C ASP F 20 32.00 48.80 -16.88
N GLU F 21 31.18 48.70 -17.92
CA GLU F 21 29.92 49.43 -17.97
C GLU F 21 28.90 48.90 -16.98
N LEU F 22 29.16 47.76 -16.35
CA LEU F 22 28.31 47.26 -15.28
C LEU F 22 28.68 47.84 -13.92
N GLN F 23 29.80 48.57 -13.82
CA GLN F 23 30.23 49.10 -12.54
C GLN F 23 29.21 50.09 -11.97
N ASN F 24 28.69 50.98 -12.81
CA ASN F 24 27.75 51.99 -12.33
C ASN F 24 26.34 51.43 -12.13
N TYR F 25 26.07 50.22 -12.62
CA TYR F 25 24.74 49.64 -12.49
C TYR F 25 24.52 48.89 -11.18
N GLY F 26 25.54 48.82 -10.32
CA GLY F 26 25.38 48.18 -9.03
C GLY F 26 26.27 46.98 -8.82
N ILE F 27 27.41 46.97 -9.49
CA ILE F 27 28.38 45.88 -9.39
C ILE F 27 29.73 46.47 -9.00
N ASN F 28 30.32 45.93 -7.93
CA ASN F 28 31.61 46.40 -7.47
C ASN F 28 32.73 45.93 -8.41
N ALA F 29 33.89 46.57 -8.26
CA ALA F 29 35.02 46.25 -9.13
C ALA F 29 35.54 44.84 -8.90
N SER F 30 35.30 44.27 -7.72
CA SER F 30 35.77 42.91 -7.44
C SER F 30 35.07 41.90 -8.35
N ASP F 31 33.75 42.03 -8.51
CA ASP F 31 33.03 41.13 -9.40
C ASP F 31 33.46 41.32 -10.84
N LEU F 32 33.70 42.56 -11.25
CA LEU F 32 34.17 42.81 -12.61
C LEU F 32 35.54 42.17 -12.84
N GLN F 33 36.43 42.29 -11.87
CA GLN F 33 37.75 41.67 -12.01
C GLN F 33 37.64 40.15 -12.05
N LYS F 34 36.76 39.58 -11.23
CA LYS F 34 36.55 38.13 -11.26
C LYS F 34 36.00 37.68 -12.62
N LEU F 35 35.08 38.46 -13.18
CA LEU F 35 34.56 38.15 -14.51
C LEU F 35 35.66 38.23 -15.56
N LYS F 36 36.48 39.27 -15.51
CA LYS F 36 37.57 39.42 -16.46
C LYS F 36 38.58 38.28 -16.32
N SER F 37 38.74 37.75 -15.11
CA SER F 37 39.65 36.61 -14.91
C SER F 37 39.16 35.38 -15.65
N GLY F 38 37.85 35.24 -15.84
CA GLY F 38 37.27 34.11 -16.52
C GLY F 38 37.20 34.23 -18.03
N GLY F 39 37.76 35.28 -18.60
CA GLY F 39 37.70 35.49 -20.03
C GLY F 39 36.52 36.28 -20.52
N ILE F 40 35.78 36.94 -19.62
CA ILE F 40 34.60 37.71 -19.96
C ILE F 40 34.96 39.18 -19.86
N TYR F 41 35.01 39.87 -21.01
CA TYR F 41 35.35 41.27 -21.05
C TYR F 41 34.28 42.14 -21.69
N THR F 42 33.19 41.55 -22.16
CA THR F 42 32.13 42.28 -22.85
C THR F 42 30.79 41.86 -22.29
N VAL F 43 29.84 42.80 -22.27
CA VAL F 43 28.49 42.48 -21.82
C VAL F 43 27.85 41.46 -22.76
N ASN F 44 28.24 41.47 -24.03
CA ASN F 44 27.78 40.44 -24.95
C ASN F 44 28.23 39.07 -24.50
N THR F 45 29.47 38.98 -24.00
CA THR F 45 29.96 37.69 -23.47
C THR F 45 29.19 37.34 -22.19
N VAL F 46 28.78 38.35 -21.42
CA VAL F 46 27.99 38.10 -20.22
C VAL F 46 26.67 37.46 -20.58
N LEU F 47 25.99 38.03 -21.59
CA LEU F 47 24.70 37.47 -22.01
C LEU F 47 24.87 36.10 -22.65
N SER F 48 25.91 35.93 -23.46
CA SER F 48 26.11 34.66 -24.16
C SER F 48 26.36 33.52 -23.16
N THR F 49 27.24 33.76 -22.19
CA THR F 49 27.58 32.72 -21.23
C THR F 49 26.38 32.35 -20.38
N THR F 50 26.14 31.04 -20.26
CA THR F 50 25.04 30.57 -19.44
C THR F 50 25.36 30.79 -17.97
N ARG F 51 24.31 30.71 -17.14
CA ARG F 51 24.50 30.92 -15.70
C ARG F 51 25.36 29.82 -15.10
N ARG F 52 25.21 28.58 -15.59
CA ARG F 52 26.03 27.49 -15.07
C ARG F 52 27.51 27.74 -15.32
N HIS F 53 27.87 28.19 -16.53
CA HIS F 53 29.27 28.47 -16.82
C HIS F 53 29.77 29.67 -16.05
N LEU F 54 28.89 30.64 -15.76
CA LEU F 54 29.28 31.76 -14.92
C LEU F 54 29.48 31.35 -13.47
N CYS F 55 28.82 30.28 -13.03
CA CYS F 55 29.03 29.79 -11.68
C CYS F 55 30.43 29.22 -11.48
N LYS F 56 31.03 28.68 -12.55
CA LYS F 56 32.37 28.14 -12.47
C LYS F 56 33.44 29.21 -12.22
N ILE F 57 33.10 30.47 -12.37
CA ILE F 57 34.06 31.54 -12.11
C ILE F 57 34.40 31.58 -10.63
N LYS F 58 35.70 31.65 -10.33
CA LYS F 58 36.14 31.67 -8.94
C LYS F 58 35.65 32.93 -8.23
N GLY F 59 35.11 32.75 -7.04
CA GLY F 59 34.64 33.87 -6.25
C GLY F 59 33.27 34.39 -6.62
N LEU F 60 32.53 33.70 -7.47
CA LEU F 60 31.20 34.13 -7.91
C LEU F 60 30.15 33.17 -7.40
N SER F 61 29.08 33.72 -6.82
CA SER F 61 27.98 32.94 -6.30
C SER F 61 26.79 33.01 -7.25
N GLU F 62 25.79 32.15 -6.99
CA GLU F 62 24.61 32.10 -7.85
C GLU F 62 23.86 33.43 -7.82
N VAL F 63 23.74 34.03 -6.64
CA VAL F 63 23.09 35.34 -6.54
C VAL F 63 23.89 36.39 -7.32
N LYS F 64 25.22 36.34 -7.21
CA LYS F 64 26.05 37.27 -7.95
C LYS F 64 25.89 37.07 -9.45
N VAL F 65 25.86 35.81 -9.91
CA VAL F 65 25.68 35.53 -11.33
C VAL F 65 24.34 36.07 -11.81
N GLU F 66 23.28 35.84 -11.02
CA GLU F 66 21.95 36.27 -11.41
C GLU F 66 21.87 37.79 -11.49
N LYS F 67 22.44 38.49 -10.50
CA LYS F 67 22.38 39.95 -10.52
C LYS F 67 23.24 40.52 -11.66
N ILE F 68 24.37 39.87 -11.96
CA ILE F 68 25.19 40.29 -13.09
C ILE F 68 24.40 40.15 -14.39
N LYS F 69 23.73 39.01 -14.56
CA LYS F 69 22.94 38.80 -15.77
C LYS F 69 21.80 39.81 -15.88
N GLU F 70 21.12 40.08 -14.76
CA GLU F 70 20.03 41.04 -14.77
C GLU F 70 20.52 42.43 -15.13
N ALA F 71 21.66 42.84 -14.56
CA ALA F 71 22.22 44.15 -14.89
C ALA F 71 22.63 44.23 -16.35
N ALA F 72 23.24 43.16 -16.87
CA ALA F 72 23.66 43.16 -18.26
C ALA F 72 22.47 43.19 -19.21
N GLY F 73 21.35 42.60 -18.81
CA GLY F 73 20.16 42.64 -19.64
C GLY F 73 19.63 44.04 -19.86
N LYS F 74 19.77 44.91 -18.85
CA LYS F 74 19.22 46.25 -18.95
C LYS F 74 20.04 47.15 -19.86
N ILE F 75 21.37 47.07 -19.78
CA ILE F 75 22.21 47.99 -20.56
C ILE F 75 22.06 47.74 -22.05
N ILE F 76 22.07 46.48 -22.46
CA ILE F 76 21.81 46.10 -23.84
C ILE F 76 20.64 45.13 -23.84
N GLN F 77 19.57 45.48 -24.55
CA GLN F 77 18.33 44.71 -24.49
C GLN F 77 18.40 43.50 -25.40
N VAL F 78 17.87 42.39 -24.91
CA VAL F 78 17.69 41.18 -25.71
C VAL F 78 16.20 40.85 -25.67
N GLY F 79 15.60 40.73 -26.85
CA GLY F 79 14.18 40.47 -26.96
C GLY F 79 13.76 40.59 -28.40
N PHE F 80 12.51 40.22 -28.66
CA PHE F 80 12.01 40.25 -30.02
C PHE F 80 11.88 41.68 -30.52
N ILE F 81 12.32 41.91 -31.75
CA ILE F 81 12.30 43.24 -32.36
C ILE F 81 11.81 43.11 -33.80
N PRO F 82 11.28 44.20 -34.36
CA PRO F 82 10.96 44.19 -35.79
C PRO F 82 12.21 43.99 -36.62
N ALA F 83 12.05 43.29 -37.75
CA ALA F 83 13.20 42.97 -38.58
C ALA F 83 13.81 44.19 -39.27
N THR F 84 13.12 45.33 -39.29
CA THR F 84 13.78 46.56 -39.75
C THR F 84 14.91 46.96 -38.81
N VAL F 85 14.68 46.82 -37.50
CA VAL F 85 15.75 47.08 -36.53
C VAL F 85 16.89 46.09 -36.75
N GLN F 86 16.56 44.84 -37.09
CA GLN F 86 17.60 43.86 -37.36
C GLN F 86 18.38 44.19 -38.62
N LEU F 87 17.72 44.74 -39.64
CA LEU F 87 18.44 45.23 -40.81
C LEU F 87 19.37 46.37 -40.43
N ASP F 88 18.90 47.28 -39.57
CA ASP F 88 19.75 48.35 -39.08
C ASP F 88 20.97 47.80 -38.36
N ILE F 89 20.78 46.75 -37.57
CA ILE F 89 21.90 46.13 -36.86
C ILE F 89 22.86 45.47 -37.84
N ARG F 90 22.33 44.74 -38.82
CA ARG F 90 23.18 44.10 -39.83
C ARG F 90 23.91 45.11 -40.68
N GLN F 91 23.44 46.36 -40.72
CA GLN F 91 24.16 47.41 -41.43
C GLN F 91 25.51 47.73 -40.80
N ARG F 92 25.76 47.26 -39.58
CA ARG F 92 27.04 47.49 -38.91
C ARG F 92 28.10 46.47 -39.30
N VAL F 93 27.77 45.52 -40.16
CA VAL F 93 28.73 44.50 -40.57
C VAL F 93 29.64 45.07 -41.65
N TYR F 94 30.95 44.96 -41.44
CA TYR F 94 31.92 45.44 -42.41
C TYR F 94 32.11 44.43 -43.53
N SER F 95 32.50 44.94 -44.70
CA SER F 95 32.84 44.11 -45.85
C SER F 95 34.30 44.34 -46.16
N LEU F 96 35.16 43.42 -45.72
CA LEU F 96 36.60 43.59 -45.87
C LEU F 96 37.01 43.24 -47.30
N SER F 97 37.69 44.17 -47.95
CA SER F 97 38.09 43.96 -49.33
C SER F 97 39.10 42.83 -49.43
N THR F 98 38.88 41.94 -50.40
CA THR F 98 39.84 40.88 -50.69
C THR F 98 41.08 41.40 -51.40
N GLY F 99 40.96 42.51 -52.14
CA GLY F 99 42.03 43.06 -52.93
C GLY F 99 41.80 42.95 -54.43
N SER F 100 40.93 42.03 -54.85
CA SER F 100 40.53 41.89 -56.24
C SER F 100 39.06 42.26 -56.36
N LYS F 101 38.75 43.19 -57.26
CA LYS F 101 37.40 43.74 -57.34
C LYS F 101 36.37 42.68 -57.71
N GLN F 102 36.71 41.80 -58.64
CA GLN F 102 35.75 40.79 -59.09
C GLN F 102 35.39 39.83 -57.96
N LEU F 103 36.37 39.42 -57.16
CA LEU F 103 36.06 38.54 -56.04
C LEU F 103 35.27 39.27 -54.96
N ASP F 104 35.52 40.58 -54.78
CA ASP F 104 34.68 41.36 -53.87
C ASP F 104 33.24 41.38 -54.35
N SER F 105 33.03 41.54 -55.66
CA SER F 105 31.68 41.50 -56.21
C SER F 105 31.06 40.13 -56.01
N ILE F 106 31.84 39.07 -56.19
CA ILE F 106 31.33 37.71 -56.01
C ILE F 106 30.90 37.49 -54.57
N LEU F 107 31.71 37.92 -53.62
CA LEU F 107 31.42 37.74 -52.20
C LEU F 107 30.37 38.70 -51.68
N GLY F 108 29.95 39.68 -52.48
CA GLY F 108 29.00 40.67 -52.02
C GLY F 108 29.61 41.83 -51.27
N GLY F 109 30.90 42.10 -51.48
CA GLY F 109 31.56 43.20 -50.81
C GLY F 109 32.90 42.81 -50.23
N GLY F 110 33.20 41.52 -50.23
CA GLY F 110 34.44 41.02 -49.69
C GLY F 110 34.24 40.12 -48.48
N ILE F 111 35.13 40.24 -47.50
CA ILE F 111 35.03 39.43 -46.28
C ILE F 111 34.13 40.17 -45.30
N MET F 112 33.10 39.50 -44.81
CA MET F 112 32.14 40.10 -43.90
C MET F 112 32.44 39.67 -42.47
N THR F 113 32.38 40.63 -41.55
CA THR F 113 32.58 40.33 -40.14
C THR F 113 31.37 39.56 -39.61
N MET F 114 31.40 39.28 -38.30
CA MET F 114 30.35 38.53 -37.60
C MET F 114 30.26 37.08 -38.08
N SER F 115 31.21 36.63 -38.90
CA SER F 115 31.14 35.30 -39.48
C SER F 115 32.55 34.81 -39.78
N ILE F 116 32.66 33.51 -40.05
CA ILE F 116 33.93 32.87 -40.32
C ILE F 116 34.10 32.70 -41.83
N THR F 117 35.20 33.21 -42.36
CA THR F 117 35.58 33.03 -43.75
C THR F 117 36.82 32.16 -43.82
N GLU F 118 36.73 31.06 -44.57
CA GLU F 118 37.83 30.12 -44.71
C GLU F 118 38.31 30.13 -46.16
N VAL F 119 39.62 30.19 -46.34
CA VAL F 119 40.25 30.08 -47.65
C VAL F 119 41.17 28.88 -47.62
N PHE F 120 41.11 28.05 -48.66
CA PHE F 120 41.94 26.85 -48.64
C PHE F 120 42.22 26.39 -50.05
N GLY F 121 43.29 25.61 -50.18
CA GLY F 121 43.77 25.18 -51.48
C GLY F 121 45.16 24.60 -51.36
N GLU F 122 45.80 24.46 -52.51
CA GLU F 122 47.15 23.89 -52.54
C GLU F 122 48.18 24.95 -52.14
N PHE F 123 49.41 24.49 -51.95
CA PHE F 123 50.51 25.38 -51.61
C PHE F 123 50.81 26.30 -52.79
N ARG F 124 51.25 27.52 -52.48
CA ARG F 124 51.64 28.59 -53.39
C ARG F 124 50.42 29.28 -53.99
N CYS F 125 49.20 28.81 -53.72
CA CYS F 125 48.00 29.46 -54.23
C CYS F 125 47.92 30.92 -53.77
N GLY F 126 48.47 31.23 -52.60
CA GLY F 126 48.52 32.62 -52.15
C GLY F 126 47.71 32.89 -50.90
N LYS F 127 47.51 31.86 -50.08
CA LYS F 127 46.75 32.04 -48.85
C LYS F 127 47.44 33.01 -47.90
N THR F 128 48.76 32.87 -47.74
CA THR F 128 49.49 33.81 -46.90
C THR F 128 49.52 35.19 -47.52
N GLN F 129 49.68 35.27 -48.85
CA GLN F 129 49.62 36.56 -49.52
C GLN F 129 48.24 37.18 -49.37
N MET F 130 47.19 36.36 -49.42
CA MET F 130 45.84 36.86 -49.18
C MET F 130 45.70 37.39 -47.76
N SER F 131 46.28 36.69 -46.78
CA SER F 131 46.21 37.16 -45.40
C SER F 131 46.95 38.47 -45.23
N HIS F 132 48.11 38.62 -45.88
CA HIS F 132 48.82 39.88 -45.84
C HIS F 132 48.01 41.00 -46.47
N THR F 133 47.37 40.71 -47.61
CA THR F 133 46.53 41.71 -48.26
C THR F 133 45.37 42.14 -47.35
N LEU F 134 44.74 41.18 -46.66
CA LEU F 134 43.68 41.55 -45.74
C LEU F 134 44.20 42.36 -44.56
N CYS F 135 45.36 41.97 -44.02
CA CYS F 135 45.93 42.70 -42.89
C CYS F 135 46.31 44.12 -43.27
N VAL F 136 46.61 44.37 -44.54
CA VAL F 136 46.94 45.73 -44.94
C VAL F 136 45.73 46.50 -45.43
N THR F 137 44.68 45.83 -45.91
CA THR F 137 43.52 46.52 -46.44
C THR F 137 42.42 46.73 -45.41
N THR F 138 42.45 45.99 -44.29
CA THR F 138 41.50 46.26 -43.22
C THR F 138 41.71 47.64 -42.63
N GLN F 139 42.96 48.14 -42.66
CA GLN F 139 43.27 49.45 -42.13
C GLN F 139 42.69 50.57 -42.99
N LEU F 140 42.28 50.27 -44.22
CA LEU F 140 41.64 51.28 -45.05
C LEU F 140 40.29 51.64 -44.47
N PRO F 141 39.83 52.89 -44.67
CA PRO F 141 38.52 53.29 -44.15
C PRO F 141 37.39 52.57 -44.86
N ARG F 142 36.15 52.93 -44.54
CA ARG F 142 35.01 52.34 -45.23
C ARG F 142 34.92 52.92 -46.65
N GLU F 143 33.87 52.52 -47.35
CA GLU F 143 33.51 52.95 -48.71
C GLU F 143 34.63 52.75 -49.73
N MET F 144 35.67 51.98 -49.38
CA MET F 144 36.53 51.40 -50.40
C MET F 144 36.95 49.97 -50.05
N GLY F 145 36.18 49.28 -49.21
CA GLY F 145 36.44 47.90 -48.88
C GLY F 145 37.19 47.66 -47.59
N GLY F 146 37.62 48.72 -46.90
CA GLY F 146 38.35 48.57 -45.66
C GLY F 146 37.46 48.62 -44.43
N GLY F 147 37.95 48.04 -43.35
CA GLY F 147 37.23 48.03 -42.10
C GLY F 147 37.68 49.10 -41.13
N GLU F 148 38.79 49.76 -41.46
CA GLU F 148 39.34 50.85 -40.63
C GLU F 148 39.55 50.41 -39.19
N GLY F 149 40.15 49.23 -39.02
CA GLY F 149 40.37 48.69 -37.69
C GLY F 149 41.59 47.80 -37.65
N LYS F 150 41.94 47.42 -36.42
CA LYS F 150 43.11 46.58 -36.20
C LYS F 150 42.86 45.16 -36.68
N VAL F 151 43.94 44.42 -36.87
CA VAL F 151 43.89 43.02 -37.29
C VAL F 151 44.82 42.20 -36.41
N ALA F 152 44.33 41.05 -35.96
CA ALA F 152 45.09 40.13 -35.11
C ALA F 152 45.52 38.95 -35.95
N TYR F 153 46.82 38.87 -36.23
CA TYR F 153 47.38 37.80 -37.04
C TYR F 153 47.96 36.74 -36.12
N ILE F 154 47.60 35.48 -36.35
CA ILE F 154 48.16 34.34 -35.65
C ILE F 154 48.91 33.51 -36.69
N ASP F 155 50.19 33.28 -36.47
CA ASP F 155 51.05 32.58 -37.41
C ASP F 155 51.38 31.21 -36.85
N THR F 156 50.87 30.16 -37.50
CA THR F 156 51.19 28.80 -37.14
C THR F 156 52.18 28.16 -38.11
N GLU F 157 52.81 28.96 -38.96
CA GLU F 157 53.75 28.47 -39.95
C GLU F 157 55.04 29.27 -40.03
N GLY F 158 55.16 30.37 -39.28
CA GLY F 158 56.35 31.19 -39.36
C GLY F 158 56.49 32.00 -40.62
N THR F 159 55.43 32.13 -41.41
CA THR F 159 55.48 32.81 -42.70
C THR F 159 55.07 34.27 -42.63
N PHE F 160 54.78 34.79 -41.44
CA PHE F 160 54.40 36.20 -41.30
C PHE F 160 55.58 37.10 -41.65
N ARG F 161 55.47 37.80 -42.79
CA ARG F 161 56.56 38.64 -43.27
C ARG F 161 56.16 40.11 -43.19
N PRO F 162 56.62 40.86 -42.19
CA PRO F 162 56.28 42.28 -42.11
C PRO F 162 56.72 43.09 -43.32
N GLU F 163 57.80 42.68 -43.99
CA GLU F 163 58.25 43.40 -45.17
C GLU F 163 57.23 43.33 -46.29
N ARG F 164 56.56 42.19 -46.43
CA ARG F 164 55.49 42.09 -47.43
C ARG F 164 54.35 43.04 -47.11
N ILE F 165 53.99 43.15 -45.83
CA ILE F 165 52.95 44.09 -45.42
C ILE F 165 53.36 45.52 -45.74
N LYS F 166 54.63 45.87 -45.46
CA LYS F 166 55.11 47.21 -45.79
C LYS F 166 55.05 47.45 -47.29
N GLN F 167 55.43 46.46 -48.09
CA GLN F 167 55.41 46.61 -49.54
C GLN F 167 53.99 46.84 -50.05
N ILE F 168 53.03 46.05 -49.56
CA ILE F 168 51.65 46.20 -50.02
C ILE F 168 51.07 47.52 -49.54
N ALA F 169 51.41 47.94 -48.33
CA ALA F 169 50.96 49.25 -47.83
C ALA F 169 51.49 50.38 -48.70
N GLU F 170 52.76 50.29 -49.11
CA GLU F 170 53.28 51.24 -50.08
C GLU F 170 52.52 51.16 -51.40
N GLY F 171 52.06 49.95 -51.76
CA GLY F 171 51.25 49.81 -52.96
C GLY F 171 49.90 50.48 -52.85
N TYR F 172 49.37 50.60 -51.62
CA TYR F 172 48.08 51.25 -51.38
C TYR F 172 48.25 52.70 -50.93
N GLU F 173 49.35 53.34 -51.31
CA GLU F 173 49.68 54.73 -50.95
C GLU F 173 49.26 55.06 -49.52
N LEU F 174 49.78 54.26 -48.59
CA LEU F 174 49.48 54.42 -47.17
C LEU F 174 50.76 54.27 -46.38
N ASP F 175 50.80 54.88 -45.21
CA ASP F 175 51.99 54.82 -44.37
C ASP F 175 52.26 53.38 -43.93
N PRO F 176 53.44 52.83 -44.23
CA PRO F 176 53.69 51.41 -43.90
C PRO F 176 53.99 51.19 -42.42
N GLU F 177 54.65 52.17 -41.78
CA GLU F 177 55.00 52.01 -40.37
C GLU F 177 53.75 51.92 -39.50
N SER F 178 52.76 52.77 -39.77
CA SER F 178 51.50 52.66 -39.05
C SER F 178 50.80 51.34 -39.35
N CYS F 179 50.94 50.84 -40.58
CA CYS F 179 50.36 49.54 -40.91
C CYS F 179 51.00 48.43 -40.09
N LEU F 180 52.32 48.46 -39.93
CA LEU F 180 53.00 47.45 -39.12
C LEU F 180 52.61 47.58 -37.66
N ALA F 181 52.56 48.80 -37.14
CA ALA F 181 52.19 48.99 -35.74
C ALA F 181 50.72 48.68 -35.48
N ASN F 182 49.91 48.64 -36.53
CA ASN F 182 48.46 48.50 -36.39
C ASN F 182 48.00 47.05 -36.37
N VAL F 183 48.91 46.09 -36.59
CA VAL F 183 48.58 44.67 -36.63
C VAL F 183 49.22 43.99 -35.41
N SER F 184 48.43 43.18 -34.72
CA SER F 184 48.91 42.44 -33.55
C SER F 184 49.33 41.04 -34.00
N TYR F 185 50.63 40.80 -34.03
CA TYR F 185 51.19 39.55 -34.52
C TYR F 185 51.49 38.62 -33.35
N ALA F 186 51.05 37.37 -33.46
CA ALA F 186 51.37 36.34 -32.50
C ALA F 186 51.87 35.11 -33.24
N ARG F 187 52.80 34.39 -32.62
CA ARG F 187 53.38 33.19 -33.18
C ARG F 187 52.98 32.00 -32.32
N ALA F 188 52.21 31.09 -32.90
CA ALA F 188 51.74 29.90 -32.18
C ALA F 188 52.75 28.78 -32.37
N LEU F 189 53.41 28.39 -31.28
CA LEU F 189 54.42 27.33 -31.37
C LEU F 189 53.77 25.96 -31.51
N ASN F 190 52.70 25.70 -30.77
CA ASN F 190 52.01 24.42 -30.81
C ASN F 190 50.51 24.69 -30.72
N SER F 191 49.72 23.61 -30.66
CA SER F 191 48.27 23.75 -30.66
C SER F 191 47.78 24.44 -29.39
N GLU F 192 48.27 24.01 -28.23
CA GLU F 192 47.78 24.57 -26.98
C GLU F 192 48.20 26.03 -26.82
N HIS F 193 49.37 26.40 -27.33
CA HIS F 193 49.75 27.81 -27.34
C HIS F 193 48.80 28.60 -28.22
N GLN F 194 48.42 28.05 -29.38
CA GLN F 194 47.48 28.73 -30.26
C GLN F 194 46.14 28.95 -29.56
N MET F 195 45.64 27.93 -28.85
CA MET F 195 44.42 28.12 -28.08
C MET F 195 44.62 29.22 -27.04
N GLU F 196 45.60 29.05 -26.13
CA GLU F 196 45.86 30.07 -25.12
C GLU F 196 45.84 31.46 -25.73
N LEU F 197 46.40 31.60 -26.94
CA LEU F 197 46.31 32.87 -27.66
C LEU F 197 44.87 33.25 -27.96
N VAL F 198 44.06 32.32 -28.47
CA VAL F 198 42.73 32.73 -28.94
C VAL F 198 41.80 33.05 -27.76
N GLU F 199 41.90 32.31 -26.65
CA GLU F 199 41.10 32.75 -25.50
C GLU F 199 41.79 33.76 -24.59
N GLN F 200 43.01 34.21 -24.91
CA GLN F 200 43.45 35.46 -24.33
C GLN F 200 43.19 36.65 -25.26
N LEU F 201 42.76 36.37 -26.49
CA LEU F 201 42.38 37.45 -27.41
C LEU F 201 41.25 38.32 -26.88
N GLY F 202 40.48 37.81 -25.92
CA GLY F 202 39.36 38.58 -25.40
C GLY F 202 39.77 39.89 -24.76
N GLU F 203 40.96 39.91 -24.13
CA GLU F 203 41.41 41.13 -23.48
C GLU F 203 41.69 42.23 -24.49
N GLU F 204 42.47 41.93 -25.53
CA GLU F 204 42.81 42.96 -26.50
C GLU F 204 41.71 43.20 -27.52
N LEU F 205 40.74 42.30 -27.65
CA LEU F 205 39.60 42.56 -28.52
C LEU F 205 38.57 43.48 -27.87
N SER F 206 38.61 43.61 -26.53
CA SER F 206 37.65 44.46 -25.84
C SER F 206 37.81 45.93 -26.20
N SER F 207 38.98 46.33 -26.68
CA SER F 207 39.19 47.72 -27.05
C SER F 207 38.32 48.15 -28.23
N GLY F 208 37.83 47.20 -29.03
CA GLY F 208 37.01 47.52 -30.17
C GLY F 208 37.77 48.04 -31.37
N ASP F 209 39.09 48.08 -31.30
CA ASP F 209 39.91 48.56 -32.40
C ASP F 209 40.16 47.51 -33.48
N TYR F 210 39.92 46.23 -33.17
CA TYR F 210 40.21 45.16 -34.11
C TYR F 210 38.95 44.82 -34.92
N ARG F 211 39.15 44.55 -36.20
CA ARG F 211 38.08 44.13 -37.08
C ARG F 211 38.33 42.80 -37.78
N LEU F 212 39.51 42.21 -37.63
CA LEU F 212 39.86 40.99 -38.35
C LEU F 212 40.81 40.17 -37.50
N ILE F 213 40.57 38.86 -37.47
CA ILE F 213 41.43 37.89 -36.81
C ILE F 213 41.88 36.90 -37.88
N VAL F 214 43.16 36.95 -38.25
CA VAL F 214 43.70 36.07 -39.28
C VAL F 214 44.45 34.94 -38.59
N VAL F 215 44.06 33.71 -38.90
CA VAL F 215 44.73 32.52 -38.39
C VAL F 215 45.32 31.79 -39.59
N ASP F 216 46.62 31.96 -39.80
CA ASP F 216 47.35 31.35 -40.91
C ASP F 216 48.48 30.51 -40.34
N SER F 217 48.29 29.19 -40.28
CA SER F 217 47.04 28.56 -40.70
C SER F 217 46.35 27.93 -39.50
N ILE F 218 45.20 27.30 -39.74
CA ILE F 218 44.45 26.71 -38.65
C ILE F 218 44.84 25.26 -38.40
N MET F 219 45.38 24.57 -39.41
CA MET F 219 45.65 23.14 -39.31
C MET F 219 47.13 22.80 -39.19
N ALA F 220 48.03 23.77 -39.38
CA ALA F 220 49.45 23.46 -39.40
C ALA F 220 49.92 22.88 -38.08
N ASN F 221 49.51 23.49 -36.96
CA ASN F 221 49.94 23.02 -35.65
C ASN F 221 49.19 21.76 -35.23
N PHE F 222 47.93 21.63 -35.62
CA PHE F 222 47.15 20.45 -35.21
C PHE F 222 47.59 19.20 -35.96
N ARG F 223 47.95 19.34 -37.24
CA ARG F 223 48.40 18.20 -38.02
C ARG F 223 49.74 17.67 -37.55
N VAL F 224 50.49 18.44 -36.77
CA VAL F 224 51.78 18.01 -36.25
C VAL F 224 51.67 17.57 -34.80
N ASP F 225 50.99 18.35 -33.96
CA ASP F 225 50.87 18.04 -32.55
C ASP F 225 50.08 16.76 -32.29
N TYR F 226 49.18 16.39 -33.19
CA TYR F 226 48.36 15.20 -33.02
C TYR F 226 48.60 14.27 -34.20
N CYS F 227 49.01 13.03 -33.90
CA CYS F 227 49.26 12.03 -34.92
C CYS F 227 48.68 10.69 -34.48
N GLY F 228 48.19 9.93 -35.44
CA GLY F 228 47.60 8.64 -35.14
C GLY F 228 46.09 8.73 -34.99
N ARG F 229 45.42 7.62 -35.32
CA ARG F 229 43.96 7.58 -35.29
C ARG F 229 43.40 7.79 -33.89
N GLY F 230 44.20 7.56 -32.84
CA GLY F 230 43.72 7.79 -31.49
C GLY F 230 43.46 9.25 -31.19
N GLU F 231 44.28 10.14 -31.75
CA GLU F 231 44.19 11.57 -31.47
C GLU F 231 43.32 12.33 -32.45
N LEU F 232 42.84 11.67 -33.52
CA LEU F 232 41.90 12.33 -34.43
C LEU F 232 40.60 12.68 -33.71
N SER F 233 40.13 11.81 -32.83
CA SER F 233 38.94 12.12 -32.04
C SER F 233 39.18 13.32 -31.14
N GLU F 234 40.35 13.40 -30.52
CA GLU F 234 40.66 14.53 -29.66
C GLU F 234 40.73 15.83 -30.45
N ARG F 235 41.36 15.80 -31.62
CA ARG F 235 41.47 17.00 -32.44
C ARG F 235 40.17 17.26 -33.21
N GLN F 237 37.65 16.91 -30.45
CA GLN F 237 36.67 17.89 -30.00
C GLN F 237 37.37 19.18 -29.57
N LYS F 238 38.68 19.10 -29.37
CA LYS F 238 39.44 20.29 -29.01
C LYS F 238 39.43 21.30 -30.16
N LEU F 239 39.55 20.82 -31.39
CA LEU F 239 39.43 21.71 -32.55
C LEU F 239 38.02 22.28 -32.65
N ASN F 240 37.00 21.48 -32.32
CA ASN F 240 35.64 21.99 -32.30
C ASN F 240 35.51 23.13 -31.31
N GLN F 241 36.07 22.96 -30.11
CA GLN F 241 36.03 24.03 -29.11
C GLN F 241 36.78 25.26 -29.60
N HIS F 242 37.93 25.05 -30.24
CA HIS F 242 38.72 26.17 -30.77
C HIS F 242 37.91 26.97 -31.78
N LEU F 243 37.29 26.29 -32.75
CA LEU F 243 36.56 26.98 -33.79
C LEU F 243 35.28 27.62 -33.25
N PHE F 244 34.63 26.98 -32.28
CA PHE F 244 33.47 27.59 -31.64
C PHE F 244 33.87 28.86 -30.92
N LYS F 245 35.01 28.84 -30.23
CA LYS F 245 35.48 30.06 -29.56
C LYS F 245 35.78 31.16 -30.57
N LEU F 246 36.41 30.80 -31.70
CA LEU F 246 36.69 31.80 -32.72
C LEU F 246 35.40 32.41 -33.25
N ASN F 247 34.39 31.57 -33.53
CA ASN F 247 33.11 32.08 -34.01
C ASN F 247 32.44 32.96 -32.95
N ARG F 248 32.56 32.59 -31.68
CA ARG F 248 31.94 33.37 -30.63
C ARG F 248 32.56 34.76 -30.53
N LEU F 249 33.89 34.84 -30.57
CA LEU F 249 34.52 36.16 -30.57
C LEU F 249 34.19 36.95 -31.83
N ALA F 250 34.07 36.26 -32.97
CA ALA F 250 33.66 36.95 -34.19
C ALA F 250 32.28 37.56 -34.04
N GLU F 251 31.37 36.83 -33.40
CA GLU F 251 30.01 37.33 -33.23
C GLU F 251 29.96 38.46 -32.21
N GLU F 252 30.70 38.34 -31.11
CA GLU F 252 30.57 39.28 -30.00
C GLU F 252 31.61 40.39 -30.02
N PHE F 253 32.39 40.50 -31.09
CA PHE F 253 33.28 41.64 -31.24
C PHE F 253 33.17 42.29 -32.61
N ASN F 254 32.27 41.82 -33.47
CA ASN F 254 32.08 42.35 -34.82
C ASN F 254 33.39 42.35 -35.59
N VAL F 255 34.07 41.21 -35.56
CA VAL F 255 35.32 41.01 -36.28
C VAL F 255 35.16 39.84 -37.23
N ALA F 256 35.72 39.97 -38.43
CA ALA F 256 35.80 38.84 -39.34
C ALA F 256 36.86 37.87 -38.84
N VAL F 257 36.64 36.58 -39.08
CA VAL F 257 37.62 35.55 -38.77
C VAL F 257 38.06 34.96 -40.09
N PHE F 258 39.31 35.18 -40.44
CA PHE F 258 39.88 34.70 -41.70
C PHE F 258 40.82 33.54 -41.38
N LEU F 259 40.34 32.33 -41.61
CA LEU F 259 41.13 31.13 -41.38
C LEU F 259 41.80 30.69 -42.67
N THR F 260 42.98 30.09 -42.52
CA THR F 260 43.71 29.51 -43.63
C THR F 260 43.88 28.02 -43.41
N ASN F 261 43.64 27.23 -44.46
CA ASN F 261 43.72 25.79 -44.36
C ASN F 261 44.39 25.24 -45.62
N GLN F 262 44.99 24.06 -45.47
CA GLN F 262 45.60 23.35 -46.59
C GLN F 262 44.76 22.13 -46.96
N VAL F 263 45.06 21.57 -48.13
CA VAL F 263 44.34 20.41 -48.65
C VAL F 263 45.34 19.31 -48.94
N GLN F 264 44.86 18.07 -48.90
CA GLN F 264 45.70 16.91 -49.13
C GLN F 264 45.22 16.10 -50.33
N HIS F 285 34.55 17.60 -42.07
CA HIS F 285 33.18 17.91 -41.66
C HIS F 285 33.17 18.96 -40.55
N VAL F 286 34.31 19.10 -39.85
CA VAL F 286 34.41 20.07 -38.77
C VAL F 286 34.38 21.49 -39.34
N LEU F 287 35.38 21.82 -40.16
CA LEU F 287 35.45 23.15 -40.75
C LEU F 287 34.31 23.42 -41.72
N ALA F 288 33.70 22.35 -42.26
CA ALA F 288 32.58 22.54 -43.18
C ALA F 288 31.39 23.20 -42.49
N HIS F 289 31.09 22.76 -41.26
CA HIS F 289 29.99 23.35 -40.51
C HIS F 289 30.42 24.53 -39.67
N ALA F 290 31.69 24.58 -39.26
CA ALA F 290 32.14 25.70 -38.45
C ALA F 290 32.29 26.97 -39.28
N SER F 291 32.80 26.85 -40.50
CA SER F 291 33.05 28.01 -41.35
C SER F 291 31.74 28.48 -41.98
N ALA F 292 31.48 29.78 -41.87
CA ALA F 292 30.29 30.36 -42.49
C ALA F 292 30.42 30.41 -44.01
N THR F 293 31.60 30.75 -44.52
CA THR F 293 31.80 30.75 -45.97
C THR F 293 33.18 30.17 -46.28
N ARG F 294 33.30 29.60 -47.48
CA ARG F 294 34.49 28.86 -47.89
C ARG F 294 34.91 29.31 -49.27
N ILE F 295 36.22 29.23 -49.54
CA ILE F 295 36.79 29.56 -50.84
C ILE F 295 37.87 28.55 -51.20
N LEU F 296 37.81 28.05 -52.44
CA LEU F 296 38.89 27.25 -53.02
C LEU F 296 39.83 28.16 -53.81
N LEU F 297 41.12 27.93 -53.64
CA LEU F 297 42.15 28.59 -54.42
C LEU F 297 42.85 27.55 -55.29
N ARG F 298 42.92 27.81 -56.60
CA ARG F 298 43.50 26.88 -57.54
C ARG F 298 44.43 27.62 -58.50
N LYS F 299 45.41 26.88 -59.02
CA LYS F 299 46.37 27.44 -59.94
C LYS F 299 45.83 27.43 -61.36
N GLY F 300 46.01 28.55 -62.07
CA GLY F 300 45.62 28.67 -63.45
C GLY F 300 46.81 28.58 -64.38
N ARG F 301 46.60 29.04 -65.61
CA ARG F 301 47.66 29.05 -66.60
C ARG F 301 48.71 30.09 -66.23
N GLY F 302 49.97 29.67 -66.20
CA GLY F 302 51.03 30.59 -65.81
C GLY F 302 50.86 31.06 -64.38
N ASP F 303 50.98 32.37 -64.18
CA ASP F 303 50.83 32.98 -62.87
C ASP F 303 49.38 33.28 -62.51
N GLU F 304 48.45 32.99 -63.40
CA GLU F 304 47.04 33.22 -63.11
C GLU F 304 46.55 32.28 -62.02
N ARG F 305 45.63 32.79 -61.20
CA ARG F 305 45.02 32.00 -60.14
C ARG F 305 43.51 32.16 -60.20
N VAL F 306 42.79 31.13 -59.77
CA VAL F 306 41.33 31.12 -59.80
C VAL F 306 40.81 30.87 -58.39
N ALA F 307 39.80 31.64 -58.00
CA ALA F 307 39.16 31.50 -56.70
C ALA F 307 37.70 31.10 -56.91
N LYS F 308 37.29 29.99 -56.31
CA LYS F 308 35.93 29.48 -56.46
C LYS F 308 35.21 29.56 -55.13
N LEU F 309 34.05 30.22 -55.11
CA LEU F 309 33.25 30.31 -53.90
C LEU F 309 32.50 29.00 -53.73
N GLN F 310 33.04 28.10 -52.91
CA GLN F 310 32.41 26.80 -52.71
C GLN F 310 31.12 26.93 -51.92
N ASP F 311 31.10 27.81 -50.91
CA ASP F 311 29.95 27.93 -50.04
C ASP F 311 29.89 29.35 -49.49
N SER F 312 28.67 29.82 -49.24
CA SER F 312 28.43 31.12 -48.63
C SER F 312 27.00 31.13 -48.12
N PRO F 313 26.73 31.79 -46.99
CA PRO F 313 25.35 31.79 -46.48
C PRO F 313 24.35 32.46 -47.41
N ASP F 314 24.78 33.38 -48.26
CA ASP F 314 23.86 34.15 -49.09
C ASP F 314 24.22 34.23 -50.56
N MET F 315 25.46 33.95 -50.94
CA MET F 315 25.81 34.08 -52.35
C MET F 315 25.85 32.72 -53.04
N PRO F 316 25.50 32.67 -54.31
CA PRO F 316 25.64 31.42 -55.07
C PRO F 316 27.09 31.20 -55.50
N GLU F 317 27.36 29.98 -55.93
CA GLU F 317 28.71 29.60 -56.34
C GLU F 317 29.09 30.31 -57.64
N LYS F 318 30.28 30.89 -57.67
CA LYS F 318 30.82 31.54 -58.85
C LYS F 318 32.33 31.29 -58.91
N GLU F 319 33.00 31.92 -59.87
CA GLU F 319 34.44 31.79 -59.99
C GLU F 319 35.04 33.15 -60.36
N CYS F 320 36.27 33.38 -59.91
CA CYS F 320 36.96 34.64 -60.12
C CYS F 320 38.38 34.37 -60.55
N VAL F 321 38.95 35.32 -61.30
CA VAL F 321 40.31 35.24 -61.79
C VAL F 321 41.11 36.35 -61.13
N TYR F 322 42.26 36.01 -60.55
CA TYR F 322 43.07 36.98 -59.84
C TYR F 322 44.54 36.60 -59.96
N VAL F 323 45.40 37.57 -59.63
CA VAL F 323 46.85 37.39 -59.65
C VAL F 323 47.42 37.90 -58.34
N ILE F 324 48.66 37.51 -58.07
CA ILE F 324 49.37 37.93 -56.87
C ILE F 324 50.52 38.85 -57.27
N GLY F 325 50.28 40.15 -57.28
CA GLY F 325 51.27 41.13 -57.67
C GLY F 325 51.90 41.82 -56.49
N GLU F 326 52.60 42.92 -56.79
CA GLU F 326 53.30 43.68 -55.76
C GLU F 326 52.35 44.15 -54.66
N LYS F 327 51.12 44.49 -55.02
CA LYS F 327 50.12 44.93 -54.06
C LYS F 327 49.25 43.78 -53.55
N GLY F 328 49.78 42.56 -53.51
CA GLY F 328 49.03 41.42 -53.02
C GLY F 328 48.05 40.89 -54.05
N ILE F 329 46.86 40.51 -53.58
CA ILE F 329 45.84 40.00 -54.50
C ILE F 329 45.32 41.15 -55.35
N THR F 330 45.30 40.97 -56.66
CA THR F 330 44.90 42.03 -57.57
C THR F 330 44.20 41.41 -58.77
N ASP F 331 43.38 42.21 -59.45
CA ASP F 331 42.71 41.76 -60.65
C ASP F 331 43.72 41.37 -61.72
N SER F 332 43.41 40.28 -62.44
CA SER F 332 44.33 39.78 -63.46
C SER F 332 44.52 40.79 -64.58
N SER F 333 43.44 41.46 -65.00
CA SER F 333 43.55 42.42 -66.08
C SER F 333 44.44 43.59 -65.71
N ASP F 334 44.33 44.08 -64.48
CA ASP F 334 45.16 45.18 -64.01
C ASP F 334 46.60 44.73 -63.82
#